data_8A4R
#
_entry.id   8A4R
#
_cell.length_a   104.454
_cell.length_b   107.478
_cell.length_c   109.052
_cell.angle_alpha   90.000
_cell.angle_beta   90.000
_cell.angle_gamma   90.000
#
_symmetry.space_group_name_H-M   'P 21 21 21'
#
loop_
_entity.id
_entity.type
_entity.pdbx_description
1 polymer 'Proline racemase A (AsProR)'
2 non-polymer PYRROLE-2-CARBOXYLATE
#
_entity_poly.entity_id   1
_entity_poly.type   'polypeptide(L)'
_entity_poly.pdbx_seq_one_letter_code
;MKFSKGIHAIDSHTMGEPTRIVVGGIPQINGETMADKKKYLEDNLDYVRTALMHEPRGHNDMFGSIITSSNNKEADFGII
FMDGGGYLNMCGHGSIGAATVAVETGMVEMVEPVTNINMEAPAGLIKAKVMVENEKVKEVSITNVPSFLYMEDAKLEVPS
LNKTITFDISFGGSFFAIIHAKELGVKVETSQVDVLKKLGIEIRDLINEKIKVQHPELEHIKTVDLVEIYDEPSNPEATY
KNVVIFGQGQVDRSPCGTGTSAKLATLYKKGHLKIDEKFVYESITGTMFKGRVLEETKVGEFDAIIPEITGGAYITGFNH
FVIDPEDPLKYGFTVLEHHHHHH
;
_entity_poly.pdbx_strand_id   AAA,BBB,CCC,DDD
#
# COMPACT_ATOMS: atom_id res chain seq x y z
N MET A 1 -40.13 19.97 -7.55
CA MET A 1 -39.61 18.78 -6.80
C MET A 1 -40.41 18.62 -5.49
N LYS A 2 -41.10 17.50 -5.34
CA LYS A 2 -41.74 17.14 -4.05
C LYS A 2 -40.70 16.37 -3.25
N PHE A 3 -40.71 16.49 -1.92
CA PHE A 3 -39.70 15.84 -1.05
C PHE A 3 -40.22 15.42 0.31
N SER A 4 -41.29 16.03 0.84
CA SER A 4 -41.86 15.71 2.17
C SER A 4 -40.81 15.91 3.28
N LYS A 5 -39.77 15.06 3.36
CA LYS A 5 -38.79 15.06 4.50
C LYS A 5 -37.37 15.43 4.04
N GLY A 6 -36.66 16.21 4.88
CA GLY A 6 -35.33 16.82 4.61
C GLY A 6 -34.39 16.77 5.81
N ILE A 7 -33.41 15.85 5.75
CA ILE A 7 -32.37 15.54 6.79
C ILE A 7 -31.06 16.31 6.49
N HIS A 8 -30.56 17.07 7.48
CA HIS A 8 -29.24 17.73 7.42
C HIS A 8 -28.23 16.83 8.15
N ALA A 9 -27.06 16.53 7.53
CA ALA A 9 -26.00 15.64 8.06
C ALA A 9 -24.63 15.79 7.36
N ILE A 10 -23.60 15.95 8.18
CA ILE A 10 -22.17 16.17 7.79
C ILE A 10 -21.41 14.85 7.65
N ASP A 11 -21.02 14.50 6.42
CA ASP A 11 -20.08 13.39 6.18
C ASP A 11 -18.73 13.74 6.77
N SER A 12 -18.18 12.79 7.55
CA SER A 12 -16.78 12.74 8.08
C SER A 12 -16.09 11.43 7.65
N HIS A 13 -14.83 11.26 8.05
CA HIS A 13 -14.10 9.98 7.93
C HIS A 13 -12.95 9.96 8.94
N THR A 14 -13.08 9.04 9.89
CA THR A 14 -12.04 8.61 10.84
C THR A 14 -11.33 7.40 10.24
N MET A 15 -10.07 7.59 9.81
CA MET A 15 -9.10 6.50 9.47
C MET A 15 -9.61 5.63 8.31
N GLY A 16 -10.56 6.17 7.54
CA GLY A 16 -11.13 5.47 6.37
C GLY A 16 -12.59 5.16 6.60
N GLU A 17 -12.93 4.75 7.83
CA GLU A 17 -14.31 4.32 8.18
C GLU A 17 -15.19 5.57 8.20
N PRO A 18 -16.22 5.64 7.34
CA PRO A 18 -17.13 6.78 7.28
C PRO A 18 -17.92 6.98 8.56
N THR A 19 -18.13 8.23 8.95
CA THR A 19 -19.11 8.61 10.00
C THR A 19 -19.98 9.75 9.45
N ARG A 20 -21.25 9.47 9.22
CA ARG A 20 -22.25 10.44 8.75
C ARG A 20 -23.07 10.98 9.93
N ILE A 21 -22.76 12.23 10.32
CA ILE A 21 -23.21 12.88 11.58
C ILE A 21 -24.47 13.70 11.27
N VAL A 22 -25.61 13.30 11.83
CA VAL A 22 -26.91 13.95 11.60
C VAL A 22 -27.02 15.19 12.48
N VAL A 23 -27.68 16.23 11.98
CA VAL A 23 -27.67 17.56 12.62
C VAL A 23 -29.11 18.08 12.76
N GLY A 24 -29.86 18.23 11.67
CA GLY A 24 -30.99 19.20 11.57
C GLY A 24 -32.29 18.67 10.99
N GLY A 25 -32.37 17.37 10.64
CA GLY A 25 -33.59 16.71 10.13
C GLY A 25 -34.76 16.73 11.11
N ILE A 26 -34.49 16.60 12.42
CA ILE A 26 -35.50 16.62 13.54
C ILE A 26 -35.07 17.61 14.64
N PRO A 27 -36.02 18.39 15.23
CA PRO A 27 -35.73 19.32 16.33
C PRO A 27 -36.04 18.82 17.76
N GLN A 28 -36.30 17.51 17.91
CA GLN A 28 -36.72 16.82 19.18
C GLN A 28 -36.44 15.29 19.12
N ILE A 29 -35.89 14.73 20.21
CA ILE A 29 -35.81 13.27 20.56
C ILE A 29 -35.77 13.17 22.09
N ASN A 30 -36.89 12.77 22.69
CA ASN A 30 -37.13 12.71 24.15
C ASN A 30 -36.17 11.69 24.78
N GLY A 31 -36.35 10.40 24.45
CA GLY A 31 -35.58 9.26 25.02
C GLY A 31 -35.50 9.34 26.53
N GLU A 32 -34.52 10.10 27.05
CA GLU A 32 -34.20 10.39 28.47
C GLU A 32 -32.71 10.12 28.68
N THR A 33 -32.34 8.88 29.04
CA THR A 33 -30.94 8.38 29.06
C THR A 33 -30.51 8.06 27.63
N MET A 34 -29.19 8.04 27.37
CA MET A 34 -28.64 7.85 26.01
C MET A 34 -28.66 6.35 25.64
N ALA A 35 -29.26 5.49 26.45
CA ALA A 35 -29.73 4.15 26.04
C ALA A 35 -31.22 4.25 25.67
N ASP A 36 -31.98 5.06 26.42
CA ASP A 36 -33.44 5.27 26.23
C ASP A 36 -33.68 6.10 24.96
N LYS A 37 -32.68 6.89 24.53
CA LYS A 37 -32.75 7.70 23.27
C LYS A 37 -32.47 6.78 22.09
N LYS A 38 -31.59 5.79 22.28
CA LYS A 38 -31.24 4.78 21.26
C LYS A 38 -32.42 3.82 21.04
N LYS A 39 -33.09 3.39 22.11
CA LYS A 39 -34.30 2.52 22.01
C LYS A 39 -35.35 3.29 21.23
N TYR A 40 -35.78 4.45 21.73
CA TYR A 40 -36.72 5.37 21.04
C TYR A 40 -36.45 5.29 19.52
N LEU A 41 -35.23 5.63 19.11
CA LEU A 41 -34.78 5.63 17.68
C LEU A 41 -35.07 4.26 17.04
N GLU A 42 -34.41 3.23 17.58
CA GLU A 42 -34.53 1.82 17.17
C GLU A 42 -35.99 1.52 16.82
N ASP A 43 -36.90 1.78 17.75
CA ASP A 43 -38.31 1.29 17.76
C ASP A 43 -39.20 2.25 16.96
N ASN A 44 -38.68 3.41 16.55
CA ASN A 44 -39.53 4.52 16.05
C ASN A 44 -39.00 5.05 14.70
N LEU A 45 -37.80 5.61 14.67
CA LEU A 45 -37.32 6.30 13.44
C LEU A 45 -36.34 5.40 12.69
N ASP A 46 -36.29 4.10 13.00
CA ASP A 46 -35.38 3.14 12.32
C ASP A 46 -35.32 3.49 10.83
N TYR A 47 -36.44 4.01 10.29
CA TYR A 47 -36.57 4.43 8.88
C TYR A 47 -35.45 5.40 8.52
N VAL A 48 -35.02 6.23 9.48
CA VAL A 48 -33.90 7.21 9.32
C VAL A 48 -32.61 6.42 9.07
N ARG A 49 -32.29 5.55 10.03
CA ARG A 49 -31.07 4.70 9.99
C ARG A 49 -30.95 4.07 8.59
N THR A 50 -31.94 3.24 8.25
CA THR A 50 -31.96 2.38 7.03
C THR A 50 -31.75 3.28 5.81
N ALA A 51 -32.48 4.40 5.78
CA ALA A 51 -32.55 5.35 4.65
C ALA A 51 -31.14 5.87 4.33
N LEU A 52 -30.40 6.17 5.41
CA LEU A 52 -29.09 6.86 5.37
C LEU A 52 -27.96 5.83 5.30
N MET A 53 -28.02 4.77 6.10
CA MET A 53 -26.95 3.76 6.19
C MET A 53 -26.99 2.87 4.94
N HIS A 54 -28.19 2.38 4.60
CA HIS A 54 -28.41 1.51 3.43
C HIS A 54 -28.36 2.33 2.15
N GLU A 55 -28.11 1.66 1.03
CA GLU A 55 -28.25 2.28 -0.30
C GLU A 55 -29.55 3.06 -0.31
N PRO A 56 -29.80 3.91 -1.31
CA PRO A 56 -28.80 4.27 -2.30
C PRO A 56 -27.91 5.39 -1.76
N ARG A 57 -28.33 5.95 -0.61
CA ARG A 57 -27.74 7.14 0.04
C ARG A 57 -26.39 6.74 0.66
N GLY A 58 -26.35 5.60 1.37
CA GLY A 58 -25.16 4.99 2.00
C GLY A 58 -24.68 3.74 1.29
N HIS A 59 -24.27 2.72 2.06
CA HIS A 59 -23.72 1.44 1.54
C HIS A 59 -23.54 0.41 2.69
N ASN A 60 -23.38 -0.86 2.31
CA ASN A 60 -22.83 -1.96 3.13
C ASN A 60 -21.46 -1.49 3.62
N ASP A 61 -21.17 -1.70 4.90
CA ASP A 61 -20.20 -0.89 5.69
C ASP A 61 -20.97 0.40 5.96
N MET A 62 -20.29 1.54 5.94
CA MET A 62 -20.97 2.84 6.19
C MET A 62 -21.54 2.83 7.61
N PHE A 63 -21.53 3.99 8.25
CA PHE A 63 -21.68 4.20 9.71
C PHE A 63 -21.97 5.67 9.93
N GLY A 64 -22.57 6.02 11.05
CA GLY A 64 -22.97 7.41 11.32
C GLY A 64 -23.41 7.60 12.74
N SER A 65 -23.98 8.77 13.02
CA SER A 65 -24.33 9.11 14.40
C SER A 65 -25.19 10.35 14.50
N ILE A 66 -26.03 10.35 15.50
CA ILE A 66 -27.02 11.42 15.80
C ILE A 66 -26.45 12.24 16.94
N ILE A 67 -26.26 13.52 16.73
CA ILE A 67 -25.94 14.51 17.80
C ILE A 67 -27.24 14.93 18.48
N THR A 68 -27.34 14.75 19.80
CA THR A 68 -28.61 14.85 20.58
C THR A 68 -28.51 15.90 21.68
N SER A 69 -29.65 16.49 22.07
CA SER A 69 -29.76 17.21 23.36
C SER A 69 -29.30 16.22 24.44
N SER A 70 -28.58 16.72 25.43
CA SER A 70 -27.82 15.90 26.42
C SER A 70 -28.78 15.33 27.46
N ASN A 71 -29.53 16.21 28.11
CA ASN A 71 -30.12 16.02 29.46
C ASN A 71 -28.94 16.04 30.46
N ASN A 72 -28.06 15.02 30.39
CA ASN A 72 -26.98 14.68 31.37
C ASN A 72 -26.20 15.91 31.87
N LYS A 73 -25.54 15.76 33.03
CA LYS A 73 -24.59 16.74 33.63
C LYS A 73 -23.22 16.55 32.96
N GLU A 74 -22.29 17.49 33.20
CA GLU A 74 -20.94 17.52 32.59
C GLU A 74 -21.04 17.53 31.07
N ALA A 75 -21.53 16.43 30.46
CA ALA A 75 -21.57 16.19 29.00
C ALA A 75 -22.10 17.42 28.22
N ASP A 76 -21.44 17.76 27.10
CA ASP A 76 -22.00 18.64 26.03
C ASP A 76 -22.68 17.70 25.03
N PHE A 77 -23.93 17.99 24.67
CA PHE A 77 -24.76 17.18 23.73
C PHE A 77 -24.66 15.68 24.07
N GLY A 78 -25.23 14.82 23.21
CA GLY A 78 -25.24 13.35 23.40
C GLY A 78 -25.28 12.60 22.08
N ILE A 79 -24.49 11.51 21.98
CA ILE A 79 -24.24 10.74 20.73
C ILE A 79 -25.14 9.49 20.69
N ILE A 80 -25.55 9.07 19.48
CA ILE A 80 -26.23 7.77 19.21
C ILE A 80 -25.64 7.15 17.95
N PHE A 81 -24.88 6.09 18.13
CA PHE A 81 -24.22 5.37 17.01
C PHE A 81 -25.26 4.49 16.33
N MET A 82 -25.26 4.51 15.00
CA MET A 82 -26.15 3.69 14.11
C MET A 82 -25.30 3.08 13.00
N ASP A 83 -25.78 2.04 12.34
CA ASP A 83 -24.97 1.31 11.34
C ASP A 83 -25.89 0.53 10.41
N GLY A 84 -25.32 0.06 9.28
CA GLY A 84 -26.00 -0.82 8.31
C GLY A 84 -26.86 -1.84 9.05
N GLY A 85 -26.34 -2.41 10.15
CA GLY A 85 -27.07 -3.33 11.05
C GLY A 85 -28.05 -2.60 11.97
N GLY A 86 -27.57 -2.05 13.10
CA GLY A 86 -28.44 -1.47 14.15
C GLY A 86 -27.86 -0.22 14.80
N TYR A 87 -27.73 -0.24 16.14
CA TYR A 87 -27.36 0.93 16.99
C TYR A 87 -26.29 0.54 18.01
N LEU A 88 -25.02 0.64 17.58
CA LEU A 88 -23.79 0.26 18.36
C LEU A 88 -23.76 1.05 19.67
N ASN A 89 -23.63 0.32 20.79
CA ASN A 89 -23.66 0.85 22.19
C ASN A 89 -22.54 1.88 22.37
N MET A 90 -21.42 1.65 21.68
CA MET A 90 -20.26 2.56 21.72
C MET A 90 -19.34 2.26 20.54
N CYS A 91 -18.68 3.32 20.05
CA CYS A 91 -17.87 3.32 18.81
C CYS A 91 -16.88 4.49 18.90
N GLY A 92 -15.58 4.19 18.82
CA GLY A 92 -14.49 5.16 18.88
C GLY A 92 -14.45 6.07 17.67
N HIS A 93 -14.17 5.49 16.49
CA HIS A 93 -14.12 6.21 15.18
C HIS A 93 -15.29 7.21 15.09
N GLY A 94 -16.49 6.79 15.52
CA GLY A 94 -17.68 7.66 15.60
C GLY A 94 -17.49 8.81 16.57
N SER A 95 -17.16 8.50 17.84
CA SER A 95 -16.91 9.51 18.89
C SER A 95 -15.85 10.50 18.41
N ILE A 96 -14.83 10.00 17.69
CA ILE A 96 -13.74 10.83 17.10
C ILE A 96 -14.39 11.82 16.11
N GLY A 97 -14.99 11.28 15.04
CA GLY A 97 -15.72 12.04 14.01
C GLY A 97 -16.59 13.13 14.63
N ALA A 98 -17.43 12.75 15.59
CA ALA A 98 -18.43 13.60 16.27
C ALA A 98 -17.76 14.76 16.98
N ALA A 99 -16.60 14.53 17.61
CA ALA A 99 -15.82 15.57 18.31
C ALA A 99 -15.16 16.46 17.26
N THR A 100 -14.27 15.89 16.45
CA THR A 100 -13.58 16.60 15.34
C THR A 100 -14.55 17.65 14.74
N VAL A 101 -15.70 17.17 14.31
CA VAL A 101 -16.70 17.96 13.56
C VAL A 101 -17.46 18.92 14.50
N ALA A 102 -17.54 18.65 15.80
CA ALA A 102 -18.28 19.56 16.69
C ALA A 102 -17.49 20.86 16.77
N VAL A 103 -16.19 20.69 16.86
CA VAL A 103 -15.24 21.80 17.04
C VAL A 103 -15.13 22.46 15.67
N GLU A 104 -14.74 21.67 14.66
CA GLU A 104 -14.41 22.14 13.29
C GLU A 104 -15.52 23.05 12.71
N THR A 105 -16.78 22.83 13.06
CA THR A 105 -17.95 23.62 12.62
C THR A 105 -18.21 24.73 13.61
N GLY A 106 -17.55 24.67 14.76
CA GLY A 106 -17.70 25.69 15.80
C GLY A 106 -19.05 25.57 16.46
N MET A 107 -19.53 24.35 16.64
CA MET A 107 -20.67 24.09 17.56
C MET A 107 -20.06 24.22 18.96
N VAL A 108 -18.90 23.60 19.15
CA VAL A 108 -18.08 23.82 20.36
C VAL A 108 -17.14 24.97 20.08
N GLU A 109 -17.15 25.98 20.96
CA GLU A 109 -16.29 27.18 20.86
C GLU A 109 -14.89 26.77 21.32
N MET A 110 -13.96 26.62 20.37
CA MET A 110 -12.70 25.81 20.48
C MET A 110 -11.72 26.50 21.43
N VAL A 111 -11.07 25.70 22.30
CA VAL A 111 -9.99 26.10 23.25
C VAL A 111 -8.67 25.61 22.65
N GLU A 112 -7.59 26.41 22.80
CA GLU A 112 -6.42 26.39 21.89
C GLU A 112 -5.38 25.31 22.20
N PRO A 113 -4.91 25.10 23.44
CA PRO A 113 -4.06 23.94 23.70
C PRO A 113 -4.72 22.66 23.19
N VAL A 114 -5.92 22.41 23.71
CA VAL A 114 -6.77 21.21 23.47
C VAL A 114 -8.21 21.61 23.81
N THR A 115 -9.21 20.95 23.20
CA THR A 115 -10.63 21.06 23.63
C THR A 115 -11.14 19.73 24.19
N ASN A 116 -11.68 19.83 25.41
CA ASN A 116 -12.33 18.74 26.17
C ASN A 116 -13.82 18.69 25.85
N ILE A 117 -14.24 17.58 25.24
CA ILE A 117 -15.66 17.26 24.96
C ILE A 117 -16.07 16.02 25.76
N ASN A 118 -17.12 16.15 26.56
CA ASN A 118 -17.82 15.05 27.30
C ASN A 118 -19.13 14.70 26.56
N MET A 119 -19.14 13.59 25.82
CA MET A 119 -20.33 13.11 25.07
C MET A 119 -20.98 11.94 25.82
N GLU A 120 -22.30 11.77 25.64
CA GLU A 120 -23.18 10.81 26.39
C GLU A 120 -22.81 9.35 26.07
N ALA A 121 -23.25 8.81 24.92
CA ALA A 121 -23.07 7.41 24.40
C ALA A 121 -24.01 6.44 25.11
N PRO A 122 -24.53 5.42 24.37
CA PRO A 122 -25.41 4.43 24.99
C PRO A 122 -24.79 3.72 26.22
N ALA A 123 -23.52 3.32 26.16
CA ALA A 123 -22.76 2.58 27.21
C ALA A 123 -21.81 3.52 27.96
N GLY A 124 -22.24 4.14 29.06
CA GLY A 124 -21.43 5.07 29.89
C GLY A 124 -21.23 6.44 29.25
N LEU A 125 -20.28 7.25 29.76
CA LEU A 125 -19.82 8.53 29.15
C LEU A 125 -18.59 8.24 28.30
N ILE A 126 -18.14 9.21 27.47
CA ILE A 126 -16.76 9.28 26.86
C ILE A 126 -16.29 10.74 26.84
N LYS A 127 -15.01 10.97 27.17
CA LYS A 127 -14.34 12.29 27.04
C LYS A 127 -13.30 12.24 25.92
N ALA A 128 -13.35 13.23 25.03
CA ALA A 128 -12.39 13.47 23.94
C ALA A 128 -11.52 14.69 24.28
N LYS A 129 -10.23 14.45 24.46
CA LYS A 129 -9.18 15.48 24.30
C LYS A 129 -9.10 15.78 22.80
N VAL A 130 -9.35 17.02 22.40
CA VAL A 130 -9.27 17.40 20.97
C VAL A 130 -8.08 18.29 20.76
N MET A 131 -7.03 17.77 20.12
CA MET A 131 -5.77 18.54 19.88
C MET A 131 -5.99 19.46 18.69
N VAL A 132 -5.95 20.77 18.95
CA VAL A 132 -6.10 21.82 17.90
C VAL A 132 -4.78 22.59 17.79
N GLU A 133 -4.24 22.67 16.58
CA GLU A 133 -2.98 23.37 16.26
C GLU A 133 -3.36 24.74 15.71
N ASN A 134 -3.38 25.75 16.60
CA ASN A 134 -3.96 27.13 16.49
C ASN A 134 -5.24 27.11 15.68
N GLU A 135 -5.13 26.71 14.42
CA GLU A 135 -6.24 26.73 13.45
C GLU A 135 -7.00 25.40 13.58
N LYS A 136 -6.34 24.26 13.32
CA LYS A 136 -6.95 22.97 12.90
C LYS A 136 -7.06 22.03 14.08
N VAL A 137 -7.89 20.99 13.93
CA VAL A 137 -7.83 19.74 14.74
C VAL A 137 -6.71 18.85 14.20
N LYS A 138 -5.71 18.58 15.05
CA LYS A 138 -4.52 17.74 14.75
C LYS A 138 -4.81 16.25 15.07
N GLU A 139 -5.60 15.96 16.11
CA GLU A 139 -6.06 14.58 16.41
C GLU A 139 -6.83 14.53 17.75
N VAL A 140 -7.28 13.33 18.14
CA VAL A 140 -8.27 13.12 19.24
C VAL A 140 -7.97 11.88 20.11
N SER A 141 -7.71 12.10 21.40
CA SER A 141 -7.60 11.04 22.45
C SER A 141 -8.96 10.89 23.09
N ILE A 142 -9.69 9.84 22.74
CA ILE A 142 -10.95 9.46 23.45
C ILE A 142 -10.61 8.45 24.53
N THR A 143 -11.11 8.70 25.74
CA THR A 143 -10.96 7.82 26.92
C THR A 143 -12.28 7.07 27.13
N ASN A 144 -12.22 5.75 27.01
CA ASN A 144 -13.38 4.86 26.80
C ASN A 144 -13.91 4.29 28.14
N VAL A 145 -15.15 3.79 28.07
CA VAL A 145 -15.84 2.91 29.07
C VAL A 145 -14.83 1.91 29.62
N PRO A 146 -14.99 1.47 30.89
CA PRO A 146 -14.21 0.36 31.43
C PRO A 146 -14.24 -0.88 30.53
N SER A 147 -13.09 -1.22 29.94
CA SER A 147 -12.85 -2.45 29.14
C SER A 147 -12.38 -3.58 30.08
N PHE A 148 -12.40 -4.82 29.61
CA PHE A 148 -12.03 -6.02 30.39
C PHE A 148 -12.10 -7.30 29.58
N LEU A 149 -11.21 -8.22 29.90
CA LEU A 149 -11.28 -9.65 29.50
C LEU A 149 -12.63 -10.17 29.99
N TYR A 150 -13.34 -10.90 29.14
CA TYR A 150 -14.57 -11.66 29.49
C TYR A 150 -14.46 -13.08 28.94
N MET A 151 -14.95 -14.07 29.69
CA MET A 151 -14.59 -15.51 29.48
C MET A 151 -13.06 -15.60 29.27
N GLU A 152 -12.54 -16.48 28.42
CA GLU A 152 -11.09 -16.74 28.25
C GLU A 152 -10.90 -18.05 27.47
N ASP A 153 -10.23 -17.94 26.31
CA ASP A 153 -10.33 -18.85 25.13
C ASP A 153 -11.74 -19.44 24.97
N ALA A 154 -12.05 -20.52 25.70
CA ALA A 154 -13.38 -21.16 25.71
C ALA A 154 -13.65 -21.81 24.35
N LYS A 155 -14.75 -22.60 24.32
CA LYS A 155 -15.18 -23.48 23.19
C LYS A 155 -15.55 -22.61 21.99
N LEU A 156 -15.22 -23.09 20.80
CA LEU A 156 -15.28 -22.34 19.51
C LEU A 156 -16.31 -23.02 18.60
N GLU A 157 -15.96 -24.18 18.00
CA GLU A 157 -16.78 -24.96 17.02
C GLU A 157 -17.29 -24.04 15.89
N VAL A 158 -16.66 -24.14 14.70
CA VAL A 158 -17.06 -23.46 13.43
C VAL A 158 -17.41 -24.54 12.41
N PRO A 159 -18.66 -24.55 11.88
CA PRO A 159 -19.08 -25.60 10.96
C PRO A 159 -18.22 -25.53 9.68
N SER A 160 -18.22 -24.39 8.98
CA SER A 160 -17.37 -24.10 7.80
C SER A 160 -16.18 -23.26 8.23
N LEU A 161 -15.00 -23.90 8.36
CA LEU A 161 -14.81 -25.32 8.14
C LEU A 161 -13.87 -25.86 9.23
N ASN A 162 -13.90 -27.18 9.48
CA ASN A 162 -12.94 -27.98 10.29
C ASN A 162 -13.43 -28.12 11.74
N LYS A 163 -13.71 -27.00 12.43
CA LYS A 163 -14.18 -26.92 13.85
C LYS A 163 -12.98 -26.71 14.79
N THR A 164 -12.45 -25.49 14.87
CA THR A 164 -11.21 -25.17 15.61
C THR A 164 -11.52 -25.05 17.11
N ILE A 165 -10.79 -24.19 17.84
CA ILE A 165 -10.56 -24.28 19.33
C ILE A 165 -10.40 -22.87 19.95
N THR A 166 -9.18 -22.42 20.27
CA THR A 166 -8.91 -21.23 21.13
C THR A 166 -9.45 -19.96 20.48
N PHE A 167 -9.76 -18.97 21.32
CA PHE A 167 -10.14 -17.57 20.95
C PHE A 167 -10.60 -16.87 22.23
N ASP A 168 -10.44 -15.56 22.34
CA ASP A 168 -10.88 -14.82 23.55
C ASP A 168 -12.02 -13.87 23.23
N ILE A 169 -12.71 -13.46 24.28
CA ILE A 169 -13.84 -12.48 24.22
C ILE A 169 -13.54 -11.43 25.29
N SER A 170 -14.01 -10.20 25.09
CA SER A 170 -13.75 -9.03 25.96
C SER A 170 -14.66 -7.86 25.59
N PHE A 171 -14.84 -6.96 26.54
CA PHE A 171 -15.74 -5.79 26.43
C PHE A 171 -14.89 -4.55 26.19
N GLY A 172 -15.36 -3.65 25.34
CA GLY A 172 -14.72 -2.34 25.14
C GLY A 172 -15.73 -1.32 24.68
N GLY A 173 -16.85 -1.22 25.42
CA GLY A 173 -18.07 -0.52 25.00
C GLY A 173 -19.10 -1.51 24.48
N SER A 174 -18.70 -2.36 23.53
CA SER A 174 -19.44 -3.56 23.03
C SER A 174 -18.61 -4.81 23.35
N PHE A 175 -19.20 -6.00 23.24
CA PHE A 175 -18.47 -7.28 23.45
C PHE A 175 -17.80 -7.69 22.14
N PHE A 176 -16.48 -7.74 22.13
CA PHE A 176 -15.68 -8.24 21.00
C PHE A 176 -15.35 -9.71 21.21
N ALA A 177 -15.40 -10.48 20.14
CA ALA A 177 -14.70 -11.77 20.00
C ALA A 177 -13.33 -11.45 19.38
N ILE A 178 -12.23 -11.68 20.12
CA ILE A 178 -10.82 -11.53 19.63
C ILE A 178 -10.23 -12.91 19.36
N ILE A 179 -10.18 -13.32 18.07
CA ILE A 179 -9.65 -14.64 17.63
C ILE A 179 -8.53 -14.40 16.62
N HIS A 180 -7.39 -15.09 16.79
CA HIS A 180 -6.17 -14.95 15.94
C HIS A 180 -6.50 -15.41 14.52
N ALA A 181 -5.90 -14.78 13.51
CA ALA A 181 -6.14 -15.08 12.09
C ALA A 181 -5.46 -16.40 11.70
N LYS A 182 -4.48 -16.85 12.49
CA LYS A 182 -3.86 -18.20 12.35
C LYS A 182 -4.90 -19.23 12.79
N GLU A 183 -5.71 -18.89 13.81
CA GLU A 183 -6.69 -19.79 14.49
C GLU A 183 -7.67 -20.36 13.46
N LEU A 184 -8.22 -19.51 12.58
CA LEU A 184 -9.11 -19.95 11.48
C LEU A 184 -8.37 -19.86 10.13
N GLY A 185 -7.10 -19.46 10.10
CA GLY A 185 -6.27 -19.47 8.88
C GLY A 185 -6.83 -18.55 7.81
N VAL A 186 -6.94 -17.25 8.13
CA VAL A 186 -7.32 -16.14 7.23
C VAL A 186 -6.18 -15.11 7.18
N LYS A 187 -6.01 -14.43 6.04
CA LYS A 187 -5.05 -13.31 5.88
C LYS A 187 -5.85 -12.00 5.98
N VAL A 188 -5.72 -11.30 7.11
CA VAL A 188 -6.41 -10.01 7.40
C VAL A 188 -6.02 -8.95 6.35
N GLU A 189 -6.50 -9.11 5.11
CA GLU A 189 -6.16 -8.25 3.95
C GLU A 189 -7.38 -8.10 3.04
N THR A 190 -7.35 -7.04 2.20
CA THR A 190 -8.23 -6.77 1.03
C THR A 190 -8.67 -8.08 0.37
N SER A 191 -7.71 -8.91 -0.08
CA SER A 191 -7.93 -10.22 -0.73
C SER A 191 -9.28 -10.81 -0.30
N GLN A 192 -9.46 -11.01 1.00
CA GLN A 192 -10.45 -11.97 1.57
C GLN A 192 -11.54 -11.22 2.34
N VAL A 193 -11.50 -9.89 2.35
CA VAL A 193 -12.43 -9.02 3.13
C VAL A 193 -13.81 -9.68 3.28
N ASP A 194 -14.27 -10.37 2.23
CA ASP A 194 -15.65 -10.91 2.12
C ASP A 194 -15.71 -12.24 2.90
N VAL A 195 -14.77 -13.16 2.63
CA VAL A 195 -14.69 -14.48 3.34
C VAL A 195 -14.56 -14.20 4.84
N LEU A 196 -13.77 -13.16 5.20
CA LEU A 196 -13.66 -12.60 6.58
C LEU A 196 -15.02 -12.12 7.07
N LYS A 197 -15.76 -11.43 6.19
CA LYS A 197 -17.09 -10.85 6.49
C LYS A 197 -18.07 -11.98 6.82
N LYS A 198 -18.21 -12.96 5.93
CA LYS A 198 -19.14 -14.11 6.14
C LYS A 198 -18.63 -14.98 7.29
N LEU A 199 -17.31 -15.18 7.37
CA LEU A 199 -16.69 -15.88 8.52
C LEU A 199 -17.15 -15.17 9.79
N GLY A 200 -16.88 -13.86 9.86
CA GLY A 200 -17.11 -13.04 11.06
C GLY A 200 -18.54 -13.20 11.52
N ILE A 201 -19.48 -12.87 10.65
CA ILE A 201 -20.92 -12.78 11.03
C ILE A 201 -21.43 -14.17 11.41
N GLU A 202 -20.89 -15.25 10.80
CA GLU A 202 -21.32 -16.65 11.11
C GLU A 202 -20.89 -16.96 12.56
N ILE A 203 -19.63 -16.65 12.91
CA ILE A 203 -19.11 -16.83 14.29
C ILE A 203 -19.95 -16.00 15.25
N ARG A 204 -20.07 -14.69 14.97
CA ARG A 204 -20.83 -13.72 15.80
C ARG A 204 -22.22 -14.27 16.12
N ASP A 205 -22.86 -14.90 15.14
CA ASP A 205 -24.22 -15.45 15.33
C ASP A 205 -24.10 -16.66 16.27
N LEU A 206 -23.39 -17.72 15.85
CA LEU A 206 -23.45 -19.06 16.51
C LEU A 206 -22.81 -18.95 17.90
N ILE A 207 -21.96 -17.93 18.09
CA ILE A 207 -21.41 -17.48 19.40
C ILE A 207 -22.54 -16.86 20.23
N ASN A 208 -23.40 -16.05 19.62
CA ASN A 208 -24.53 -15.39 20.31
C ASN A 208 -25.68 -16.38 20.58
N GLU A 209 -25.65 -17.57 19.99
CA GLU A 209 -26.71 -18.59 20.20
C GLU A 209 -26.42 -19.39 21.47
N LYS A 210 -25.16 -19.72 21.71
CA LYS A 210 -24.74 -20.67 22.78
C LYS A 210 -23.55 -20.06 23.52
N ILE A 211 -23.79 -19.08 24.41
CA ILE A 211 -22.76 -18.52 25.35
C ILE A 211 -23.45 -17.75 26.49
N LYS A 212 -22.65 -17.29 27.44
CA LYS A 212 -23.06 -16.32 28.49
C LYS A 212 -22.51 -14.95 28.11
N VAL A 213 -23.37 -14.06 27.63
CA VAL A 213 -23.02 -12.63 27.35
C VAL A 213 -23.73 -11.78 28.40
N GLN A 214 -22.99 -11.01 29.20
CA GLN A 214 -23.55 -10.18 30.31
C GLN A 214 -22.53 -9.16 30.84
N HIS A 215 -22.90 -7.88 30.86
CA HIS A 215 -22.21 -6.79 31.60
C HIS A 215 -22.76 -6.76 33.02
N PRO A 216 -21.91 -6.79 34.05
CA PRO A 216 -22.39 -6.89 35.43
C PRO A 216 -23.12 -5.62 35.90
N GLU A 217 -22.98 -4.52 35.15
CA GLU A 217 -23.73 -3.25 35.36
C GLU A 217 -24.56 -2.98 34.09
N LEU A 218 -25.17 -1.78 33.98
CA LEU A 218 -25.99 -1.25 32.86
C LEU A 218 -27.09 -2.23 32.38
N GLU A 219 -26.89 -3.55 32.45
CA GLU A 219 -27.93 -4.63 32.46
C GLU A 219 -28.90 -4.53 31.27
N HIS A 220 -28.39 -4.14 30.10
CA HIS A 220 -29.14 -4.10 28.82
C HIS A 220 -28.33 -4.82 27.72
N ILE A 221 -27.00 -4.79 27.77
CA ILE A 221 -26.12 -5.16 26.63
C ILE A 221 -26.28 -6.67 26.36
N LYS A 222 -25.61 -7.53 27.14
CA LYS A 222 -25.79 -9.01 27.08
C LYS A 222 -25.70 -9.56 25.64
N THR A 223 -24.70 -9.18 24.84
CA THR A 223 -24.58 -9.61 23.41
C THR A 223 -23.14 -9.47 22.89
N VAL A 224 -22.74 -10.36 21.97
CA VAL A 224 -21.44 -10.26 21.24
C VAL A 224 -21.74 -9.73 19.81
N ASP A 225 -21.72 -8.42 19.66
CA ASP A 225 -22.19 -7.70 18.45
C ASP A 225 -21.06 -7.59 17.41
N LEU A 226 -19.86 -8.08 17.73
CA LEU A 226 -18.60 -7.68 17.06
C LEU A 226 -17.63 -8.87 17.02
N VAL A 227 -16.85 -8.99 15.96
CA VAL A 227 -15.82 -10.05 15.81
C VAL A 227 -14.50 -9.40 15.37
N GLU A 228 -13.51 -9.38 16.26
CA GLU A 228 -12.12 -8.88 15.99
C GLU A 228 -11.23 -10.09 15.59
N ILE A 229 -10.75 -10.09 14.35
CA ILE A 229 -9.69 -11.02 13.91
C ILE A 229 -8.41 -10.18 13.83
N TYR A 230 -7.29 -10.72 14.36
CA TYR A 230 -5.98 -10.04 14.41
C TYR A 230 -4.86 -11.03 14.05
N ASP A 231 -3.69 -10.48 13.73
CA ASP A 231 -2.49 -11.23 13.30
C ASP A 231 -1.32 -10.23 13.29
N GLU A 232 -0.11 -10.71 13.00
CA GLU A 232 1.13 -9.89 12.87
C GLU A 232 0.94 -8.85 11.78
N PRO A 233 1.34 -7.59 12.03
CA PRO A 233 1.18 -6.54 11.04
C PRO A 233 2.21 -6.68 9.90
N SER A 234 1.76 -6.38 8.67
CA SER A 234 2.59 -6.00 7.49
C SER A 234 2.63 -4.46 7.34
N ASN A 235 2.60 -3.73 8.48
CA ASN A 235 3.08 -2.32 8.65
C ASN A 235 4.15 -2.31 9.75
N PRO A 236 5.31 -1.63 9.57
CA PRO A 236 6.40 -1.66 10.56
C PRO A 236 6.00 -1.17 11.96
N GLU A 237 5.23 -0.06 12.02
CA GLU A 237 4.54 0.46 13.23
C GLU A 237 3.23 -0.32 13.40
N ALA A 238 2.69 -0.33 14.62
CA ALA A 238 1.49 -1.11 15.05
C ALA A 238 1.92 -2.51 15.53
N THR A 239 1.30 -2.96 16.62
CA THR A 239 1.63 -4.25 17.28
C THR A 239 0.88 -5.40 16.60
N TYR A 240 -0.22 -5.12 15.89
CA TYR A 240 -1.09 -6.12 15.23
C TYR A 240 -1.98 -5.44 14.19
N LYS A 241 -2.27 -6.13 13.08
CA LYS A 241 -3.41 -5.90 12.15
C LYS A 241 -4.68 -6.48 12.78
N ASN A 242 -5.77 -5.71 12.95
CA ASN A 242 -7.10 -6.29 13.27
C ASN A 242 -8.12 -5.89 12.20
N VAL A 243 -9.10 -6.75 11.99
CA VAL A 243 -10.30 -6.46 11.14
C VAL A 243 -11.57 -6.86 11.89
N VAL A 244 -12.50 -5.90 11.93
CA VAL A 244 -13.71 -5.90 12.79
C VAL A 244 -14.96 -6.04 11.88
N ILE A 245 -15.69 -7.13 12.09
CA ILE A 245 -16.96 -7.47 11.38
C ILE A 245 -18.14 -7.29 12.32
N PHE A 246 -19.21 -6.68 11.83
CA PHE A 246 -20.34 -6.29 12.68
C PHE A 246 -21.59 -6.02 11.85
N GLY A 247 -22.66 -5.59 12.53
CA GLY A 247 -23.92 -5.11 11.93
C GLY A 247 -24.18 -5.73 10.57
N GLN A 248 -24.90 -6.85 10.55
CA GLN A 248 -25.49 -7.39 9.31
C GLN A 248 -24.40 -7.59 8.24
N GLY A 249 -23.17 -8.00 8.63
CA GLY A 249 -22.08 -8.30 7.69
C GLY A 249 -21.50 -7.05 7.05
N GLN A 250 -20.89 -6.18 7.84
CA GLN A 250 -20.06 -5.05 7.37
C GLN A 250 -18.73 -5.04 8.12
N VAL A 251 -17.74 -4.41 7.50
CA VAL A 251 -16.31 -4.46 7.96
C VAL A 251 -15.81 -3.00 8.19
N ASP A 252 -15.12 -2.76 9.31
CA ASP A 252 -14.59 -1.44 9.73
C ASP A 252 -13.25 -1.20 9.04
N ARG A 253 -13.12 -0.06 8.35
CA ARG A 253 -11.90 0.37 7.61
C ARG A 253 -10.81 0.84 8.58
N SER A 254 -11.21 1.29 9.78
CA SER A 254 -10.30 1.63 10.90
C SER A 254 -9.96 0.37 11.69
N PRO A 255 -9.00 0.45 12.64
CA PRO A 255 -8.69 -0.66 13.55
C PRO A 255 -9.83 -0.88 14.56
N CYS A 256 -10.76 0.07 14.61
CA CYS A 256 -11.88 0.04 15.54
C CYS A 256 -11.32 0.51 16.88
N GLY A 257 -11.87 1.61 17.37
CA GLY A 257 -11.55 2.12 18.71
C GLY A 257 -11.97 1.13 19.78
N THR A 258 -13.28 0.82 19.86
CA THR A 258 -13.87 -0.10 20.87
C THR A 258 -13.20 -1.47 20.74
N GLY A 259 -12.75 -1.84 19.54
CA GLY A 259 -12.04 -3.11 19.27
C GLY A 259 -10.64 -3.09 19.85
N THR A 260 -10.00 -1.93 19.83
CA THR A 260 -8.64 -1.67 20.39
C THR A 260 -8.73 -1.51 21.91
N SER A 261 -9.70 -0.73 22.40
CA SER A 261 -9.97 -0.55 23.85
C SER A 261 -10.41 -1.87 24.49
N ALA A 262 -10.96 -2.80 23.71
CA ALA A 262 -11.28 -4.17 24.18
C ALA A 262 -9.98 -4.97 24.27
N LYS A 263 -9.28 -5.06 23.13
CA LYS A 263 -8.03 -5.83 22.90
C LYS A 263 -6.89 -5.35 23.83
N LEU A 264 -6.99 -4.16 24.40
CA LEU A 264 -6.01 -3.65 25.38
C LEU A 264 -6.25 -4.32 26.73
N ALA A 265 -7.52 -4.47 27.11
CA ALA A 265 -7.97 -5.11 28.37
C ALA A 265 -7.65 -6.62 28.39
N THR A 266 -7.51 -7.22 27.20
CA THR A 266 -7.14 -8.65 26.96
C THR A 266 -5.77 -8.75 26.28
N LEU A 267 -4.93 -7.76 26.51
CA LEU A 267 -3.51 -7.97 26.87
C LEU A 267 -3.48 -7.60 28.35
N TYR A 268 -2.42 -6.99 28.87
CA TYR A 268 -2.45 -6.41 30.23
C TYR A 268 -2.89 -7.48 31.25
N LYS A 269 -4.18 -7.85 31.26
CA LYS A 269 -4.64 -9.15 31.81
C LYS A 269 -4.18 -10.24 30.82
N LYS A 270 -2.89 -10.59 30.89
CA LYS A 270 -2.08 -11.36 29.90
C LYS A 270 -0.60 -11.07 30.17
N GLY A 271 -0.29 -9.86 30.61
CA GLY A 271 1.04 -9.40 31.06
C GLY A 271 1.70 -8.50 30.02
N HIS A 272 1.38 -8.73 28.74
CA HIS A 272 2.15 -8.21 27.57
C HIS A 272 1.87 -6.72 27.36
N LEU A 273 1.34 -6.01 28.36
CA LEU A 273 1.11 -4.54 28.33
C LEU A 273 1.07 -3.97 29.74
N LYS A 274 1.92 -2.98 30.02
CA LYS A 274 1.97 -2.22 31.31
C LYS A 274 1.14 -0.96 31.12
N ILE A 275 0.53 -0.45 32.19
CA ILE A 275 -0.19 0.88 32.19
C ILE A 275 0.70 1.88 31.43
N ASP A 276 0.08 2.69 30.58
CA ASP A 276 0.75 3.40 29.46
C ASP A 276 1.43 2.34 28.59
N GLU A 277 2.62 2.60 28.06
CA GLU A 277 3.28 1.72 27.05
C GLU A 277 2.47 1.73 25.75
N LYS A 278 2.88 2.56 24.76
CA LYS A 278 2.13 2.81 23.50
C LYS A 278 1.75 1.48 22.82
N PHE A 279 0.44 1.24 22.71
CA PHE A 279 -0.17 0.32 21.72
C PHE A 279 -0.53 1.10 20.43
N VAL A 280 -0.21 0.49 19.30
CA VAL A 280 -0.68 0.96 17.97
C VAL A 280 -1.35 -0.23 17.29
N TYR A 281 -2.61 -0.02 16.89
CA TYR A 281 -3.46 -1.01 16.19
C TYR A 281 -3.60 -0.61 14.70
N GLU A 282 -3.15 -1.50 13.83
CA GLU A 282 -3.33 -1.45 12.37
C GLU A 282 -4.70 -2.03 12.01
N SER A 283 -5.50 -1.28 11.24
CA SER A 283 -6.79 -1.73 10.64
C SER A 283 -6.54 -2.78 9.55
N ILE A 284 -7.58 -3.03 8.73
CA ILE A 284 -7.51 -3.97 7.57
C ILE A 284 -7.06 -3.20 6.33
N THR A 285 -7.35 -1.90 6.29
CA THR A 285 -6.73 -0.93 5.35
C THR A 285 -5.25 -0.86 5.70
N GLY A 286 -4.62 0.32 5.59
CA GLY A 286 -3.24 0.56 6.03
C GLY A 286 -3.17 1.47 7.24
N THR A 287 -4.35 1.78 7.83
CA THR A 287 -4.54 2.89 8.81
C THR A 287 -4.15 2.38 10.20
N MET A 288 -3.83 3.27 11.16
CA MET A 288 -3.44 2.87 12.55
C MET A 288 -4.10 3.78 13.58
N PHE A 289 -4.41 3.26 14.78
CA PHE A 289 -4.92 4.01 15.96
C PHE A 289 -3.87 3.93 17.09
N LYS A 290 -3.66 5.02 17.83
CA LYS A 290 -2.69 5.06 18.95
C LYS A 290 -3.48 4.80 20.23
N GLY A 291 -3.57 3.54 20.61
CA GLY A 291 -4.20 3.11 21.87
C GLY A 291 -3.17 2.99 22.98
N ARG A 292 -3.64 2.83 24.23
CA ARG A 292 -2.78 2.60 25.43
C ARG A 292 -3.66 2.51 26.68
N VAL A 293 -3.25 1.70 27.66
CA VAL A 293 -4.02 1.48 28.93
C VAL A 293 -3.78 2.69 29.82
N LEU A 294 -4.78 3.14 30.58
CA LEU A 294 -4.71 4.40 31.35
C LEU A 294 -4.66 4.07 32.84
N GLU A 295 -5.47 3.12 33.31
CA GLU A 295 -5.72 2.94 34.76
C GLU A 295 -6.32 1.54 34.95
N GLU A 296 -6.36 1.06 36.19
CA GLU A 296 -7.04 -0.20 36.57
C GLU A 296 -8.45 0.13 37.09
N THR A 297 -9.40 -0.82 36.97
CA THR A 297 -10.78 -0.73 37.49
C THR A 297 -11.44 -2.11 37.43
N LYS A 298 -11.97 -2.63 38.54
CA LYS A 298 -12.81 -3.86 38.53
C LYS A 298 -14.25 -3.39 38.25
N VAL A 299 -14.82 -3.88 37.14
CA VAL A 299 -16.22 -3.60 36.73
C VAL A 299 -17.15 -4.57 37.46
N GLY A 300 -18.16 -4.02 38.15
CA GLY A 300 -19.22 -4.78 38.83
C GLY A 300 -18.66 -5.95 39.63
N GLU A 301 -18.30 -7.05 38.96
CA GLU A 301 -17.99 -8.36 39.60
C GLU A 301 -16.54 -8.81 39.37
N PHE A 302 -15.84 -8.26 38.36
CA PHE A 302 -14.51 -8.76 37.92
C PHE A 302 -13.61 -7.59 37.49
N ASP A 303 -12.29 -7.82 37.60
CA ASP A 303 -11.21 -6.83 37.33
C ASP A 303 -11.31 -6.35 35.88
N ALA A 304 -10.77 -5.17 35.59
CA ALA A 304 -10.89 -4.47 34.29
C ALA A 304 -9.83 -3.37 34.18
N ILE A 305 -10.09 -2.37 33.31
CA ILE A 305 -9.15 -1.29 32.89
C ILE A 305 -10.01 -0.18 32.30
N ILE A 306 -9.50 1.05 32.22
CA ILE A 306 -10.12 2.14 31.41
C ILE A 306 -9.10 2.65 30.40
N PRO A 307 -9.27 2.35 29.09
CA PRO A 307 -8.27 2.68 28.07
C PRO A 307 -8.49 4.03 27.35
N GLU A 308 -7.43 4.51 26.68
CA GLU A 308 -7.43 5.75 25.88
C GLU A 308 -7.09 5.39 24.45
N ILE A 309 -7.98 5.74 23.53
CA ILE A 309 -7.85 5.56 22.06
C ILE A 309 -7.62 6.94 21.44
N THR A 310 -6.64 7.01 20.56
CA THR A 310 -6.20 8.26 19.92
C THR A 310 -6.18 8.07 18.41
N GLY A 311 -7.03 8.84 17.72
CA GLY A 311 -7.15 8.90 16.25
C GLY A 311 -7.46 10.31 15.76
N GLY A 312 -8.26 10.41 14.70
CA GLY A 312 -8.48 11.69 14.00
C GLY A 312 -9.36 11.54 12.78
N ALA A 313 -10.25 12.53 12.58
CA ALA A 313 -11.27 12.59 11.51
C ALA A 313 -11.06 13.82 10.59
N TYR A 314 -11.76 13.76 9.46
CA TYR A 314 -11.77 14.79 8.40
C TYR A 314 -13.19 14.97 7.87
N ILE A 315 -13.62 16.21 7.65
CA ILE A 315 -14.92 16.48 7.00
C ILE A 315 -14.77 16.22 5.49
N THR A 316 -15.82 15.62 4.92
CA THR A 316 -15.85 15.06 3.55
C THR A 316 -17.21 15.31 2.89
N GLY A 317 -17.97 16.27 3.41
CA GLY A 317 -19.22 16.72 2.79
C GLY A 317 -20.26 17.20 3.79
N PHE A 318 -21.14 18.07 3.30
CA PHE A 318 -22.37 18.56 3.95
C PHE A 318 -23.55 18.14 3.06
N ASN A 319 -24.62 17.63 3.64
CA ASN A 319 -25.74 17.04 2.87
C ASN A 319 -27.05 17.67 3.35
N HIS A 320 -27.95 17.95 2.40
CA HIS A 320 -29.42 18.03 2.62
C HIS A 320 -29.99 16.78 1.98
N PHE A 321 -29.93 15.66 2.72
CA PHE A 321 -30.56 14.36 2.37
C PHE A 321 -32.08 14.50 2.34
N VAL A 322 -32.66 14.28 1.16
CA VAL A 322 -34.11 14.43 0.88
C VAL A 322 -34.60 13.10 0.37
N ILE A 323 -35.89 12.79 0.64
CA ILE A 323 -36.63 11.58 0.19
C ILE A 323 -37.81 12.03 -0.72
N ASP A 324 -37.76 11.74 -2.02
CA ASP A 324 -38.93 11.96 -2.91
C ASP A 324 -39.95 10.91 -2.50
N PRO A 325 -41.15 11.30 -2.02
CA PRO A 325 -42.09 10.31 -1.46
C PRO A 325 -42.58 9.36 -2.56
N GLU A 326 -42.23 9.64 -3.83
CA GLU A 326 -42.45 8.74 -5.00
C GLU A 326 -41.33 7.71 -5.08
N ASP A 327 -40.13 8.04 -4.57
CA ASP A 327 -38.94 7.14 -4.53
C ASP A 327 -39.34 5.86 -3.79
N PRO A 328 -39.61 4.76 -4.53
CA PRO A 328 -40.10 3.53 -3.91
C PRO A 328 -39.04 2.93 -2.99
N LEU A 329 -37.76 3.32 -3.14
CA LEU A 329 -36.63 2.95 -2.24
C LEU A 329 -36.41 4.05 -1.20
N LYS A 330 -37.43 4.89 -0.95
CA LYS A 330 -37.32 6.15 -0.16
C LYS A 330 -36.79 5.88 1.24
N TYR A 331 -36.86 4.63 1.69
CA TYR A 331 -36.34 4.15 3.00
C TYR A 331 -35.23 3.10 2.78
N GLY A 332 -34.82 2.86 1.53
CA GLY A 332 -33.53 2.24 1.18
C GLY A 332 -33.50 0.73 1.44
N PHE A 333 -32.57 0.06 0.78
CA PHE A 333 -32.47 -1.42 0.65
C PHE A 333 -31.04 -1.91 0.89
N THR A 334 -30.85 -3.22 0.93
CA THR A 334 -29.56 -3.82 1.34
C THR A 334 -28.89 -4.48 0.13
N VAL A 335 -29.29 -5.73 -0.19
CA VAL A 335 -28.62 -6.78 -1.05
C VAL A 335 -28.18 -7.94 -0.11
N MET B 1 -12.49 25.69 10.18
CA MET B 1 -12.45 24.57 9.19
C MET B 1 -11.83 25.04 7.88
N LYS B 2 -10.67 24.51 7.52
CA LYS B 2 -10.02 24.78 6.22
C LYS B 2 -10.61 23.78 5.25
N PHE B 3 -10.66 24.11 3.97
CA PHE B 3 -11.22 23.21 2.94
C PHE B 3 -10.45 23.32 1.63
N SER B 4 -10.11 24.50 1.13
CA SER B 4 -9.52 24.64 -0.22
C SER B 4 -10.61 24.47 -1.27
N LYS B 5 -11.10 23.24 -1.52
CA LYS B 5 -11.99 22.91 -2.68
C LYS B 5 -13.40 22.48 -2.24
N GLY B 6 -14.43 22.95 -2.95
CA GLY B 6 -15.87 22.74 -2.65
C GLY B 6 -16.70 22.38 -3.88
N ILE B 7 -17.04 21.08 -4.00
CA ILE B 7 -17.87 20.42 -5.08
C ILE B 7 -19.36 20.41 -4.68
N HIS B 8 -20.25 20.91 -5.55
CA HIS B 8 -21.73 20.82 -5.42
C HIS B 8 -22.21 19.73 -6.37
N ALA B 9 -23.15 18.87 -5.96
CA ALA B 9 -23.65 17.72 -6.75
C ALA B 9 -24.99 17.20 -6.25
N ILE B 10 -25.79 16.60 -7.13
CA ILE B 10 -27.15 16.05 -6.80
C ILE B 10 -27.19 14.53 -6.88
N ASP B 11 -27.42 13.90 -5.71
CA ASP B 11 -27.56 12.44 -5.50
C ASP B 11 -28.96 12.01 -5.91
N SER B 12 -29.02 11.21 -6.97
CA SER B 12 -30.20 10.52 -7.55
C SER B 12 -30.01 9.01 -7.39
N HIS B 13 -31.03 8.25 -7.86
CA HIS B 13 -31.00 6.78 -8.01
C HIS B 13 -31.96 6.43 -9.14
N THR B 14 -31.46 5.72 -10.14
CA THR B 14 -32.26 5.14 -11.25
C THR B 14 -32.30 3.65 -10.98
N MET B 15 -33.46 3.13 -10.55
CA MET B 15 -33.64 1.66 -10.39
C MET B 15 -32.59 1.12 -9.40
N GLY B 16 -32.29 1.89 -8.35
CA GLY B 16 -31.40 1.47 -7.26
C GLY B 16 -29.93 1.78 -7.56
N GLU B 17 -29.49 1.81 -8.82
CA GLU B 17 -28.10 2.21 -9.18
C GLU B 17 -27.98 3.72 -8.96
N PRO B 18 -27.06 4.16 -8.08
CA PRO B 18 -26.88 5.58 -7.76
C PRO B 18 -26.19 6.32 -8.89
N THR B 19 -26.72 7.50 -9.19
CA THR B 19 -26.06 8.51 -10.03
C THR B 19 -25.85 9.71 -9.11
N ARG B 20 -24.64 10.23 -9.07
CA ARG B 20 -24.30 11.50 -8.39
C ARG B 20 -23.96 12.52 -9.48
N ILE B 21 -24.82 13.52 -9.62
CA ILE B 21 -24.75 14.50 -10.73
C ILE B 21 -24.05 15.75 -10.22
N VAL B 22 -22.97 16.12 -10.89
CA VAL B 22 -22.14 17.30 -10.51
C VAL B 22 -22.80 18.56 -11.10
N VAL B 23 -22.68 19.67 -10.37
CA VAL B 23 -23.39 20.94 -10.71
C VAL B 23 -22.37 22.08 -10.67
N GLY B 24 -21.78 22.42 -9.51
CA GLY B 24 -21.14 23.74 -9.26
C GLY B 24 -19.66 23.72 -8.86
N GLY B 25 -19.04 22.54 -8.74
CA GLY B 25 -17.64 22.38 -8.27
C GLY B 25 -16.62 22.97 -9.22
N ILE B 26 -17.00 23.08 -10.51
CA ILE B 26 -16.21 23.75 -11.60
C ILE B 26 -17.15 24.51 -12.52
N PRO B 27 -16.77 25.74 -12.94
CA PRO B 27 -17.63 26.53 -13.84
C PRO B 27 -17.37 26.26 -15.33
N GLN B 28 -16.26 25.56 -15.63
CA GLN B 28 -15.60 25.52 -16.96
C GLN B 28 -14.88 24.18 -17.18
N ILE B 29 -15.10 23.59 -18.37
CA ILE B 29 -14.34 22.43 -18.92
C ILE B 29 -14.39 22.54 -20.46
N ASN B 30 -13.22 22.72 -21.07
CA ASN B 30 -13.03 23.05 -22.50
C ASN B 30 -13.39 21.80 -23.32
N GLY B 31 -12.55 20.75 -23.26
CA GLY B 31 -12.74 19.51 -24.03
C GLY B 31 -12.94 19.75 -25.52
N GLU B 32 -14.16 20.15 -25.92
CA GLU B 32 -14.62 20.49 -27.29
C GLU B 32 -15.76 19.53 -27.68
N THR B 33 -15.44 18.34 -28.20
CA THR B 33 -16.41 17.21 -28.33
C THR B 33 -16.55 16.52 -26.96
N MET B 34 -17.65 15.79 -26.74
CA MET B 34 -17.98 15.24 -25.41
C MET B 34 -17.17 13.96 -25.13
N ALA B 35 -16.36 13.51 -26.10
CA ALA B 35 -15.26 12.53 -25.90
C ALA B 35 -13.98 13.29 -25.51
N ASP B 36 -13.71 14.42 -26.17
CA ASP B 36 -12.59 15.31 -25.83
C ASP B 36 -12.80 15.78 -24.38
N LYS B 37 -13.99 16.24 -24.02
CA LYS B 37 -14.30 16.73 -22.65
C LYS B 37 -13.97 15.62 -21.65
N LYS B 38 -14.29 14.36 -22.00
CA LYS B 38 -14.04 13.15 -21.15
C LYS B 38 -12.53 12.93 -21.03
N LYS B 39 -11.80 12.94 -22.15
CA LYS B 39 -10.33 12.76 -22.17
C LYS B 39 -9.70 13.83 -21.27
N TYR B 40 -10.04 15.11 -21.48
CA TYR B 40 -9.60 16.28 -20.65
C TYR B 40 -9.70 15.87 -19.19
N LEU B 41 -10.94 15.61 -18.72
CA LEU B 41 -11.26 15.14 -17.34
C LEU B 41 -10.24 14.08 -16.92
N GLU B 42 -10.35 12.89 -17.52
CA GLU B 42 -9.50 11.71 -17.27
C GLU B 42 -8.04 12.15 -17.04
N ASP B 43 -7.47 12.85 -18.03
CA ASP B 43 -6.02 13.14 -18.06
C ASP B 43 -5.70 14.39 -17.25
N ASN B 44 -6.68 14.95 -16.53
CA ASN B 44 -6.49 16.23 -15.80
C ASN B 44 -7.15 16.15 -14.41
N LEU B 45 -8.48 16.05 -14.34
CA LEU B 45 -9.22 16.11 -13.04
C LEU B 45 -9.75 14.72 -12.66
N ASP B 46 -9.00 13.67 -12.99
CA ASP B 46 -9.32 12.30 -12.52
C ASP B 46 -9.56 12.42 -11.01
N TYR B 47 -8.80 13.30 -10.34
CA TYR B 47 -8.82 13.52 -8.87
C TYR B 47 -10.23 13.87 -8.39
N VAL B 48 -11.08 14.42 -9.25
CA VAL B 48 -12.52 14.64 -8.92
C VAL B 48 -13.26 13.31 -8.97
N ARG B 49 -13.08 12.54 -10.04
CA ARG B 49 -13.71 11.21 -10.14
C ARG B 49 -13.38 10.39 -8.88
N THR B 50 -12.10 10.03 -8.73
CA THR B 50 -11.63 9.20 -7.61
C THR B 50 -12.29 9.72 -6.32
N ALA B 51 -12.12 11.01 -6.01
CA ALA B 51 -12.55 11.65 -4.74
C ALA B 51 -14.04 11.38 -4.45
N LEU B 52 -14.85 11.29 -5.51
CA LEU B 52 -16.34 11.23 -5.38
C LEU B 52 -16.91 9.84 -5.70
N MET B 53 -16.17 9.02 -6.45
CA MET B 53 -16.62 7.66 -6.85
C MET B 53 -16.07 6.61 -5.86
N HIS B 54 -14.89 6.85 -5.32
CA HIS B 54 -14.29 5.98 -4.28
C HIS B 54 -14.89 6.31 -2.91
N GLU B 55 -14.42 5.60 -1.89
CA GLU B 55 -14.58 6.03 -0.49
C GLU B 55 -13.80 7.32 -0.35
N PRO B 56 -13.95 8.06 0.77
CA PRO B 56 -14.96 7.74 1.77
C PRO B 56 -16.30 8.38 1.40
N ARG B 57 -16.28 9.18 0.32
CA ARG B 57 -17.43 10.04 -0.08
C ARG B 57 -18.43 9.15 -0.79
N GLY B 58 -17.93 8.12 -1.50
CA GLY B 58 -18.70 7.16 -2.31
C GLY B 58 -18.50 5.72 -1.86
N HIS B 59 -18.40 4.79 -2.81
CA HIS B 59 -18.23 3.33 -2.57
C HIS B 59 -17.95 2.56 -3.88
N ASN B 60 -17.39 1.36 -3.76
CA ASN B 60 -17.35 0.31 -4.81
C ASN B 60 -18.78 0.18 -5.34
N ASP B 61 -18.92 0.02 -6.66
CA ASP B 61 -20.16 0.35 -7.41
C ASP B 61 -20.17 1.88 -7.50
N MET B 62 -21.25 2.52 -7.08
CA MET B 62 -21.34 3.99 -7.07
C MET B 62 -20.97 4.51 -8.46
N PHE B 63 -21.63 5.56 -8.89
CA PHE B 63 -21.68 6.02 -10.30
C PHE B 63 -22.20 7.45 -10.33
N GLY B 64 -21.71 8.24 -11.29
CA GLY B 64 -22.03 9.68 -11.37
C GLY B 64 -21.72 10.28 -12.73
N SER B 65 -22.18 11.51 -12.87
CA SER B 65 -22.12 12.20 -14.17
C SER B 65 -21.87 13.67 -13.91
N ILE B 66 -21.17 14.29 -14.87
CA ILE B 66 -20.90 15.75 -14.94
C ILE B 66 -21.89 16.36 -15.94
N ILE B 67 -22.54 17.46 -15.54
CA ILE B 67 -23.41 18.31 -16.41
C ILE B 67 -22.55 19.47 -16.96
N THR B 68 -22.35 19.52 -18.28
CA THR B 68 -21.38 20.41 -18.96
C THR B 68 -22.09 21.57 -19.67
N SER B 69 -21.30 22.47 -20.23
CA SER B 69 -21.70 23.29 -21.40
C SER B 69 -21.57 22.39 -22.64
N SER B 70 -22.51 22.53 -23.57
CA SER B 70 -22.79 21.59 -24.69
C SER B 70 -21.79 21.76 -25.82
N ASN B 71 -21.59 23.01 -26.27
CA ASN B 71 -20.97 23.39 -27.57
C ASN B 71 -21.95 23.01 -28.69
N ASN B 72 -22.40 21.75 -28.70
CA ASN B 72 -23.23 21.10 -29.76
C ASN B 72 -24.53 21.88 -30.00
N LYS B 73 -25.09 21.70 -31.21
CA LYS B 73 -26.43 22.18 -31.65
C LYS B 73 -27.50 21.22 -31.13
N GLU B 74 -28.76 21.67 -31.06
CA GLU B 74 -29.96 20.85 -30.72
C GLU B 74 -29.93 20.36 -29.27
N ALA B 75 -28.79 19.80 -28.83
CA ALA B 75 -28.51 19.31 -27.46
C ALA B 75 -28.43 20.44 -26.42
N ASP B 76 -29.27 20.38 -25.38
CA ASP B 76 -29.20 21.23 -24.15
C ASP B 76 -28.16 20.61 -23.21
N PHE B 77 -27.14 21.34 -22.77
CA PHE B 77 -26.04 20.86 -21.89
C PHE B 77 -25.40 19.54 -22.42
N GLY B 78 -24.35 19.05 -21.74
CA GLY B 78 -23.58 17.85 -22.16
C GLY B 78 -23.12 17.00 -20.99
N ILE B 79 -23.12 15.67 -21.13
CA ILE B 79 -23.02 14.68 -20.02
C ILE B 79 -21.72 13.88 -20.15
N ILE B 80 -20.97 13.77 -19.05
CA ILE B 80 -19.79 12.87 -18.95
C ILE B 80 -20.03 11.90 -17.80
N PHE B 81 -20.10 10.63 -18.13
CA PHE B 81 -20.37 9.51 -17.19
C PHE B 81 -19.04 9.05 -16.65
N MET B 82 -19.00 8.88 -15.33
CA MET B 82 -17.81 8.43 -14.60
C MET B 82 -18.27 7.32 -13.64
N ASP B 83 -17.33 6.56 -13.07
CA ASP B 83 -17.59 5.41 -12.19
C ASP B 83 -16.35 5.14 -11.34
N GLY B 84 -16.48 4.19 -10.40
CA GLY B 84 -15.40 3.67 -9.55
C GLY B 84 -14.21 3.18 -10.37
N GLY B 85 -14.40 2.92 -11.66
CA GLY B 85 -13.31 2.55 -12.58
C GLY B 85 -12.79 3.76 -13.33
N GLY B 86 -13.61 4.34 -14.20
CA GLY B 86 -13.16 5.36 -15.17
C GLY B 86 -14.29 6.23 -15.71
N TYR B 87 -14.41 6.32 -17.03
CA TYR B 87 -15.39 7.22 -17.67
C TYR B 87 -16.15 6.43 -18.73
N LEU B 88 -17.37 6.00 -18.40
CA LEU B 88 -18.23 5.18 -19.32
C LEU B 88 -18.60 6.08 -20.50
N ASN B 89 -18.46 5.53 -21.72
CA ASN B 89 -18.74 6.22 -23.01
C ASN B 89 -20.23 6.52 -23.13
N MET B 90 -21.07 5.74 -22.44
CA MET B 90 -22.54 5.89 -22.47
C MET B 90 -23.17 5.06 -21.34
N CYS B 91 -24.25 5.58 -20.76
CA CYS B 91 -24.93 4.99 -19.59
C CYS B 91 -26.40 5.41 -19.55
N GLY B 92 -27.31 4.42 -19.63
CA GLY B 92 -28.78 4.60 -19.61
C GLY B 92 -29.29 5.10 -18.28
N HIS B 93 -29.04 4.38 -17.19
CA HIS B 93 -29.44 4.80 -15.82
C HIS B 93 -28.96 6.24 -15.56
N GLY B 94 -27.72 6.55 -15.98
CA GLY B 94 -27.10 7.88 -15.89
C GLY B 94 -27.94 8.89 -16.66
N SER B 95 -28.03 8.72 -17.98
CA SER B 95 -28.85 9.57 -18.86
C SER B 95 -30.19 9.85 -18.18
N ILE B 96 -30.78 8.80 -17.58
CA ILE B 96 -32.15 8.86 -16.98
C ILE B 96 -32.14 9.84 -15.82
N GLY B 97 -31.27 9.57 -14.84
CA GLY B 97 -31.09 10.41 -13.65
C GLY B 97 -30.86 11.87 -14.01
N ALA B 98 -29.83 12.11 -14.83
CA ALA B 98 -29.47 13.43 -15.36
C ALA B 98 -30.75 14.15 -15.78
N ALA B 99 -31.45 13.62 -16.79
CA ALA B 99 -32.68 14.21 -17.35
C ALA B 99 -33.73 14.41 -16.23
N THR B 100 -34.14 13.34 -15.56
CA THR B 100 -35.09 13.42 -14.42
C THR B 100 -34.77 14.70 -13.64
N VAL B 101 -33.52 14.79 -13.20
CA VAL B 101 -33.05 15.83 -12.25
C VAL B 101 -32.99 17.20 -12.95
N ALA B 102 -32.51 17.27 -14.19
CA ALA B 102 -32.49 18.54 -14.93
C ALA B 102 -33.88 19.19 -14.80
N VAL B 103 -34.91 18.45 -15.16
CA VAL B 103 -36.31 18.95 -15.24
C VAL B 103 -36.75 19.29 -13.84
N GLU B 104 -36.56 18.32 -12.96
CA GLU B 104 -37.00 18.32 -11.54
C GLU B 104 -36.61 19.66 -10.90
N THR B 105 -35.32 20.00 -10.96
CA THR B 105 -34.69 21.25 -10.42
C THR B 105 -35.13 22.48 -11.24
N GLY B 106 -35.57 22.25 -12.47
CA GLY B 106 -35.96 23.34 -13.34
C GLY B 106 -34.72 23.96 -13.93
N MET B 107 -33.70 23.16 -14.17
CA MET B 107 -32.57 23.60 -15.01
C MET B 107 -33.11 23.61 -16.43
N VAL B 108 -33.95 22.63 -16.73
CA VAL B 108 -34.84 22.67 -17.92
C VAL B 108 -36.15 23.31 -17.47
N GLU B 109 -36.79 24.07 -18.35
CA GLU B 109 -38.16 24.64 -18.13
C GLU B 109 -39.16 23.64 -18.72
N MET B 110 -39.91 22.94 -17.85
CA MET B 110 -40.62 21.66 -18.14
C MET B 110 -41.80 21.92 -19.06
N VAL B 111 -42.02 21.00 -19.99
CA VAL B 111 -43.20 20.95 -20.91
C VAL B 111 -44.11 19.81 -20.45
N GLU B 112 -45.44 20.03 -20.47
CA GLU B 112 -46.45 19.27 -19.69
C GLU B 112 -46.69 17.87 -20.25
N PRO B 113 -47.07 17.68 -21.54
CA PRO B 113 -47.26 16.32 -22.02
C PRO B 113 -46.01 15.49 -21.67
N VAL B 114 -44.90 15.93 -22.23
CA VAL B 114 -43.57 15.28 -22.07
C VAL B 114 -42.55 16.40 -22.15
N THR B 115 -41.30 16.16 -21.77
CA THR B 115 -40.18 17.10 -22.04
C THR B 115 -39.07 16.36 -22.77
N ASN B 116 -38.77 16.80 -23.99
CA ASN B 116 -37.65 16.31 -24.82
C ASN B 116 -36.37 16.94 -24.29
N ILE B 117 -35.36 16.11 -24.09
CA ILE B 117 -34.00 16.57 -23.67
C ILE B 117 -32.99 15.93 -24.61
N ASN B 118 -32.19 16.74 -25.27
CA ASN B 118 -31.12 16.26 -26.18
C ASN B 118 -29.80 16.45 -25.42
N MET B 119 -29.16 15.38 -24.95
CA MET B 119 -27.88 15.46 -24.20
C MET B 119 -26.75 15.01 -25.12
N GLU B 120 -25.52 15.48 -24.87
CA GLU B 120 -24.29 15.12 -25.66
C GLU B 120 -23.97 13.63 -25.44
N ALA B 121 -23.13 13.27 -24.46
CA ALA B 121 -22.69 11.88 -24.12
C ALA B 121 -21.50 11.46 -24.99
N PRO B 122 -20.42 10.93 -24.38
CA PRO B 122 -19.19 10.65 -25.11
C PRO B 122 -19.38 9.86 -26.42
N ALA B 123 -20.40 9.00 -26.48
CA ALA B 123 -20.74 8.15 -27.64
C ALA B 123 -22.06 8.65 -28.28
N GLY B 124 -21.94 9.46 -29.35
CA GLY B 124 -23.09 10.00 -30.10
C GLY B 124 -23.95 10.95 -29.28
N LEU B 125 -25.12 11.34 -29.79
CA LEU B 125 -26.13 12.13 -29.02
C LEU B 125 -27.02 11.15 -28.25
N ILE B 126 -27.88 11.67 -27.38
CA ILE B 126 -29.03 10.92 -26.82
C ILE B 126 -30.22 11.88 -26.62
N LYS B 127 -31.43 11.35 -26.77
CA LYS B 127 -32.71 12.05 -26.49
C LYS B 127 -33.47 11.28 -25.42
N ALA B 128 -34.08 12.03 -24.50
CA ALA B 128 -34.88 11.51 -23.38
C ALA B 128 -36.28 12.11 -23.45
N LYS B 129 -37.27 11.29 -23.77
CA LYS B 129 -38.68 11.68 -23.55
C LYS B 129 -38.86 11.64 -22.04
N VAL B 130 -39.21 12.76 -21.44
CA VAL B 130 -39.40 12.83 -19.96
C VAL B 130 -40.88 13.01 -19.66
N MET B 131 -41.59 11.92 -19.37
CA MET B 131 -43.02 12.01 -18.99
C MET B 131 -43.11 12.89 -17.74
N VAL B 132 -44.05 13.81 -17.72
CA VAL B 132 -44.32 14.60 -16.49
C VAL B 132 -45.83 14.58 -16.30
N GLU B 133 -46.28 14.21 -15.10
CA GLU B 133 -47.72 14.06 -14.76
C GLU B 133 -48.08 15.32 -13.97
N ASN B 134 -48.60 16.30 -14.71
CA ASN B 134 -48.73 17.74 -14.36
C ASN B 134 -47.53 18.20 -13.51
N GLU B 135 -47.37 17.58 -12.34
CA GLU B 135 -46.55 18.12 -11.23
C GLU B 135 -45.17 17.44 -11.22
N LYS B 136 -45.09 16.15 -11.56
CA LYS B 136 -43.90 15.30 -11.28
C LYS B 136 -43.35 14.77 -12.59
N VAL B 137 -42.15 14.22 -12.56
CA VAL B 137 -41.66 13.27 -13.60
C VAL B 137 -42.16 11.87 -13.25
N LYS B 138 -42.90 11.24 -14.14
CA LYS B 138 -43.46 9.88 -13.92
C LYS B 138 -42.46 8.79 -14.40
N GLU B 139 -41.68 9.03 -15.47
CA GLU B 139 -40.61 8.10 -15.95
C GLU B 139 -39.93 8.68 -17.19
N VAL B 140 -39.06 7.92 -17.85
CA VAL B 140 -38.17 8.47 -18.91
C VAL B 140 -37.88 7.46 -20.01
N SER B 141 -38.13 7.82 -21.27
CA SER B 141 -37.81 6.99 -22.47
C SER B 141 -36.61 7.58 -23.18
N ILE B 142 -35.44 7.09 -22.84
CA ILE B 142 -34.19 7.46 -23.53
C ILE B 142 -34.09 6.66 -24.82
N THR B 143 -33.68 7.30 -25.91
CA THR B 143 -33.40 6.60 -27.16
C THR B 143 -31.89 6.64 -27.36
N ASN B 144 -31.32 5.50 -27.72
CA ASN B 144 -29.87 5.25 -27.53
C ASN B 144 -29.15 5.29 -28.89
N VAL B 145 -27.82 5.35 -28.79
CA VAL B 145 -26.84 5.12 -29.87
C VAL B 145 -27.21 3.84 -30.63
N PRO B 146 -26.90 3.75 -31.93
CA PRO B 146 -26.97 2.48 -32.66
C PRO B 146 -26.20 1.36 -31.95
N SER B 147 -26.98 0.42 -31.37
CA SER B 147 -26.57 -0.88 -30.80
C SER B 147 -26.53 -1.95 -31.91
N PHE B 148 -25.75 -3.02 -31.77
CA PHE B 148 -25.66 -4.11 -32.77
C PHE B 148 -25.00 -5.35 -32.20
N LEU B 149 -25.29 -6.49 -32.83
CA LEU B 149 -24.51 -7.74 -32.64
C LEU B 149 -23.09 -7.48 -33.15
N TYR B 150 -22.10 -7.78 -32.32
CA TYR B 150 -20.66 -7.83 -32.70
C TYR B 150 -20.19 -9.27 -32.38
N MET B 151 -19.26 -9.80 -33.17
CA MET B 151 -18.75 -11.21 -33.08
C MET B 151 -19.85 -12.18 -32.62
N GLU B 152 -20.25 -13.08 -33.52
CA GLU B 152 -21.25 -14.15 -33.24
C GLU B 152 -20.60 -15.18 -32.30
N ASP B 153 -21.35 -15.58 -31.28
CA ASP B 153 -20.83 -16.24 -30.05
C ASP B 153 -19.32 -15.97 -29.92
N ALA B 154 -18.48 -16.85 -30.48
CA ALA B 154 -17.02 -16.90 -30.29
C ALA B 154 -16.71 -17.68 -28.99
N LYS B 155 -15.69 -18.54 -29.04
CA LYS B 155 -15.22 -19.39 -27.91
C LYS B 155 -14.57 -18.46 -26.88
N LEU B 156 -14.55 -18.84 -25.60
CA LEU B 156 -14.17 -17.92 -24.49
C LEU B 156 -12.87 -18.36 -23.80
N GLU B 157 -12.76 -19.61 -23.33
CA GLU B 157 -11.65 -20.10 -22.46
C GLU B 157 -11.57 -19.23 -21.18
N VAL B 158 -11.87 -19.81 -20.02
CA VAL B 158 -11.77 -19.16 -18.68
C VAL B 158 -10.89 -20.01 -17.77
N PRO B 159 -9.73 -19.52 -17.30
CA PRO B 159 -8.77 -20.37 -16.62
C PRO B 159 -9.55 -20.94 -15.44
N SER B 160 -10.11 -20.08 -14.58
CA SER B 160 -10.84 -20.46 -13.34
C SER B 160 -12.33 -20.34 -13.56
N LEU B 161 -13.01 -21.47 -13.84
CA LEU B 161 -12.42 -22.81 -13.94
C LEU B 161 -13.05 -23.50 -15.14
N ASN B 162 -12.43 -24.57 -15.64
CA ASN B 162 -12.96 -25.55 -16.65
C ASN B 162 -12.49 -25.16 -18.07
N LYS B 163 -12.91 -23.98 -18.57
CA LYS B 163 -12.61 -23.41 -19.93
C LYS B 163 -13.80 -23.64 -20.88
N THR B 164 -14.88 -22.89 -20.69
CA THR B 164 -16.20 -23.12 -21.36
C THR B 164 -16.11 -22.69 -22.84
N ILE B 165 -17.25 -22.31 -23.46
CA ILE B 165 -17.44 -22.23 -24.95
C ILE B 165 -18.24 -20.97 -25.35
N THR B 166 -19.56 -21.09 -25.58
CA THR B 166 -20.40 -20.09 -26.32
C THR B 166 -20.73 -18.87 -25.46
N PHE B 167 -20.89 -17.72 -26.11
CA PHE B 167 -21.25 -16.41 -25.49
C PHE B 167 -21.25 -15.38 -26.62
N ASP B 168 -22.02 -14.30 -26.50
CA ASP B 168 -22.08 -13.25 -27.56
C ASP B 168 -21.67 -11.89 -27.02
N ILE B 169 -21.14 -11.08 -27.93
CA ILE B 169 -20.64 -9.71 -27.62
C ILE B 169 -21.38 -8.75 -28.56
N SER B 170 -21.71 -7.56 -28.07
CA SER B 170 -22.61 -6.56 -28.73
C SER B 170 -22.28 -5.17 -28.21
N PHE B 171 -22.54 -4.17 -29.03
CA PHE B 171 -22.37 -2.76 -28.64
C PHE B 171 -23.71 -2.27 -28.11
N GLY B 172 -23.73 -1.17 -27.36
CA GLY B 172 -24.96 -0.47 -26.98
C GLY B 172 -24.69 0.92 -26.42
N GLY B 173 -23.54 1.49 -26.79
CA GLY B 173 -22.99 2.70 -26.16
C GLY B 173 -21.59 2.42 -25.66
N SER B 174 -21.41 1.24 -25.03
CA SER B 174 -20.12 0.53 -24.77
C SER B 174 -20.19 -0.85 -25.43
N PHE B 175 -19.15 -1.67 -25.28
CA PHE B 175 -19.14 -3.09 -25.75
C PHE B 175 -19.42 -4.04 -24.57
N PHE B 176 -20.61 -4.65 -24.56
CA PHE B 176 -21.03 -5.68 -23.58
C PHE B 176 -20.61 -7.05 -24.06
N ALA B 177 -20.06 -7.85 -23.15
CA ALA B 177 -20.10 -9.32 -23.27
C ALA B 177 -21.43 -9.72 -22.66
N ILE B 178 -22.28 -10.37 -23.48
CA ILE B 178 -23.54 -11.05 -23.06
C ILE B 178 -23.28 -12.56 -23.05
N ILE B 179 -23.14 -13.15 -21.86
CA ILE B 179 -23.00 -14.63 -21.69
C ILE B 179 -24.11 -15.06 -20.73
N HIS B 180 -24.70 -16.24 -20.98
CA HIS B 180 -25.77 -16.89 -20.16
C HIS B 180 -25.20 -17.40 -18.83
N ALA B 181 -25.94 -17.29 -17.73
CA ALA B 181 -25.48 -17.70 -16.38
C ALA B 181 -25.34 -19.23 -16.27
N LYS B 182 -26.00 -19.99 -17.15
CA LYS B 182 -25.83 -21.46 -17.28
C LYS B 182 -24.43 -21.72 -17.87
N GLU B 183 -23.98 -20.87 -18.80
CA GLU B 183 -22.72 -21.05 -19.56
C GLU B 183 -21.58 -21.21 -18.58
N LEU B 184 -21.44 -20.29 -17.63
CA LEU B 184 -20.38 -20.38 -16.58
C LEU B 184 -20.97 -21.07 -15.34
N GLY B 185 -22.29 -21.14 -15.18
CA GLY B 185 -22.95 -21.86 -14.06
C GLY B 185 -23.04 -21.01 -12.80
N VAL B 186 -23.54 -19.78 -12.94
CA VAL B 186 -23.76 -18.80 -11.84
C VAL B 186 -25.26 -18.56 -11.68
N LYS B 187 -25.68 -18.24 -10.45
CA LYS B 187 -27.06 -17.76 -10.13
C LYS B 187 -27.01 -16.23 -9.97
N VAL B 188 -27.53 -15.51 -10.97
CA VAL B 188 -27.62 -14.03 -11.03
C VAL B 188 -28.47 -13.52 -9.85
N GLU B 189 -27.92 -13.63 -8.63
CA GLU B 189 -28.59 -13.28 -7.34
C GLU B 189 -27.58 -12.75 -6.32
N THR B 190 -28.08 -11.93 -5.39
CA THR B 190 -27.42 -11.39 -4.17
C THR B 190 -26.37 -12.36 -3.60
N SER B 191 -26.73 -13.65 -3.50
CA SER B 191 -25.89 -14.75 -2.98
C SER B 191 -24.44 -14.54 -3.43
N GLN B 192 -24.23 -14.46 -4.75
CA GLN B 192 -22.91 -14.69 -5.40
C GLN B 192 -22.33 -13.37 -5.95
N VAL B 193 -23.05 -12.26 -5.78
CA VAL B 193 -22.67 -10.91 -6.31
C VAL B 193 -21.15 -10.78 -6.52
N ASP B 194 -20.35 -11.26 -5.55
CA ASP B 194 -18.88 -11.08 -5.49
C ASP B 194 -18.19 -12.10 -6.41
N VAL B 195 -18.62 -13.36 -6.40
CA VAL B 195 -18.06 -14.38 -7.32
C VAL B 195 -18.38 -13.93 -8.75
N LEU B 196 -19.62 -13.46 -8.99
CA LEU B 196 -20.06 -12.78 -10.25
C LEU B 196 -19.06 -11.68 -10.58
N LYS B 197 -18.90 -10.76 -9.61
CA LYS B 197 -17.95 -9.65 -9.73
C LYS B 197 -16.65 -10.23 -10.29
N LYS B 198 -15.89 -10.97 -9.48
CA LYS B 198 -14.52 -11.42 -9.85
C LYS B 198 -14.57 -12.22 -11.17
N LEU B 199 -15.67 -12.92 -11.43
CA LEU B 199 -15.83 -13.73 -12.66
C LEU B 199 -15.93 -12.77 -13.84
N GLY B 200 -16.86 -11.82 -13.75
CA GLY B 200 -17.06 -10.75 -14.74
C GLY B 200 -15.73 -10.11 -15.11
N ILE B 201 -15.14 -9.36 -14.19
CA ILE B 201 -13.88 -8.60 -14.42
C ILE B 201 -12.80 -9.53 -15.00
N GLU B 202 -12.73 -10.80 -14.57
CA GLU B 202 -11.66 -11.72 -15.04
C GLU B 202 -11.93 -12.02 -16.52
N ILE B 203 -13.19 -12.19 -16.88
CA ILE B 203 -13.59 -12.38 -18.30
C ILE B 203 -13.24 -11.08 -19.06
N ARG B 204 -13.96 -9.98 -18.78
CA ARG B 204 -13.70 -8.64 -19.37
C ARG B 204 -12.23 -8.52 -19.77
N ASP B 205 -11.33 -8.66 -18.80
CA ASP B 205 -9.88 -8.46 -19.01
C ASP B 205 -9.39 -9.43 -20.09
N LEU B 206 -9.42 -10.74 -19.82
CA LEU B 206 -8.78 -11.79 -20.69
C LEU B 206 -9.52 -11.86 -22.03
N ILE B 207 -10.71 -11.26 -22.10
CA ILE B 207 -11.42 -10.91 -23.36
C ILE B 207 -10.69 -9.71 -23.97
N ASN B 208 -10.48 -8.63 -23.20
CA ASN B 208 -9.81 -7.39 -23.66
C ASN B 208 -8.38 -7.64 -24.14
N GLU B 209 -7.75 -8.72 -23.70
CA GLU B 209 -6.31 -8.99 -24.00
C GLU B 209 -6.20 -9.54 -25.42
N LYS B 210 -7.08 -10.45 -25.83
CA LYS B 210 -6.88 -11.29 -27.04
C LYS B 210 -8.15 -11.33 -27.89
N ILE B 211 -8.63 -10.17 -28.38
CA ILE B 211 -9.84 -10.05 -29.26
C ILE B 211 -9.69 -8.89 -30.27
N LYS B 212 -10.68 -8.76 -31.15
CA LYS B 212 -10.88 -7.57 -32.03
C LYS B 212 -12.05 -6.74 -31.49
N VAL B 213 -11.75 -5.65 -30.78
CA VAL B 213 -12.74 -4.68 -30.24
C VAL B 213 -12.58 -3.36 -31.02
N GLN B 214 -13.64 -2.92 -31.70
CA GLN B 214 -13.59 -1.78 -32.66
C GLN B 214 -15.01 -1.37 -33.03
N HIS B 215 -15.30 -0.08 -33.00
CA HIS B 215 -16.50 0.57 -33.62
C HIS B 215 -16.10 1.06 -35.01
N PRO B 216 -16.84 0.70 -36.08
CA PRO B 216 -16.46 1.10 -37.44
C PRO B 216 -16.64 2.60 -37.69
N GLU B 217 -17.08 3.33 -36.66
CA GLU B 217 -17.13 4.82 -36.58
C GLU B 217 -16.52 5.25 -35.25
N LEU B 218 -16.52 6.55 -34.95
CA LEU B 218 -16.07 7.24 -33.70
C LEU B 218 -14.67 6.78 -33.23
N GLU B 219 -14.19 5.61 -33.67
CA GLU B 219 -12.76 5.19 -33.83
C GLU B 219 -11.91 5.34 -32.56
N HIS B 220 -12.52 5.64 -31.41
CA HIS B 220 -11.80 5.82 -30.12
C HIS B 220 -12.04 4.60 -29.23
N ILE B 221 -13.29 4.16 -29.11
CA ILE B 221 -13.71 3.15 -28.10
C ILE B 221 -12.70 1.97 -28.18
N LYS B 222 -12.85 1.02 -29.10
CA LYS B 222 -12.04 -0.24 -29.22
C LYS B 222 -11.75 -0.99 -27.89
N THR B 223 -12.78 -1.23 -27.03
CA THR B 223 -12.68 -1.92 -25.70
C THR B 223 -14.01 -2.60 -25.32
N VAL B 224 -13.95 -3.72 -24.57
CA VAL B 224 -15.12 -4.45 -23.98
C VAL B 224 -15.17 -4.13 -22.48
N ASP B 225 -15.70 -2.96 -22.13
CA ASP B 225 -15.61 -2.35 -20.78
C ASP B 225 -16.57 -3.06 -19.83
N LEU B 226 -17.45 -3.90 -20.35
CA LEU B 226 -18.71 -4.32 -19.68
C LEU B 226 -18.84 -5.85 -19.76
N VAL B 227 -19.42 -6.49 -18.75
CA VAL B 227 -19.83 -7.92 -18.81
C VAL B 227 -21.26 -8.03 -18.30
N GLU B 228 -22.16 -8.47 -19.20
CA GLU B 228 -23.58 -8.79 -18.93
C GLU B 228 -23.72 -10.31 -18.82
N ILE B 229 -24.07 -10.84 -17.64
CA ILE B 229 -24.50 -12.26 -17.51
C ILE B 229 -26.01 -12.23 -17.25
N TYR B 230 -26.75 -13.11 -17.95
CA TYR B 230 -28.23 -13.17 -17.92
C TYR B 230 -28.72 -14.61 -17.79
N ASP B 231 -29.97 -14.75 -17.36
CA ASP B 231 -30.63 -16.05 -17.07
C ASP B 231 -32.12 -15.77 -16.91
N GLU B 232 -32.95 -16.81 -16.97
CA GLU B 232 -34.42 -16.74 -16.80
C GLU B 232 -34.74 -15.89 -15.55
N PRO B 233 -35.81 -15.10 -15.61
CA PRO B 233 -36.15 -14.21 -14.50
C PRO B 233 -37.06 -14.83 -13.46
N SER B 234 -36.65 -14.78 -12.19
CA SER B 234 -37.48 -15.09 -11.01
C SER B 234 -38.39 -13.90 -10.65
N ASN B 235 -38.69 -13.03 -11.62
CA ASN B 235 -39.84 -12.10 -11.60
C ASN B 235 -40.79 -12.53 -12.71
N PRO B 236 -42.13 -12.46 -12.49
CA PRO B 236 -43.10 -12.83 -13.54
C PRO B 236 -42.96 -11.98 -14.81
N GLU B 237 -43.00 -10.66 -14.69
CA GLU B 237 -42.68 -9.74 -15.81
C GLU B 237 -41.19 -9.91 -16.11
N ALA B 238 -40.68 -9.23 -17.14
CA ALA B 238 -39.27 -9.23 -17.57
C ALA B 238 -38.93 -10.57 -18.23
N THR B 239 -38.19 -10.51 -19.34
CA THR B 239 -37.85 -11.65 -20.24
C THR B 239 -36.57 -12.32 -19.75
N TYR B 240 -35.74 -11.60 -18.99
CA TYR B 240 -34.47 -12.12 -18.43
C TYR B 240 -34.08 -11.31 -17.21
N LYS B 241 -33.27 -11.91 -16.35
CA LYS B 241 -32.42 -11.24 -15.35
C LYS B 241 -31.08 -11.07 -16.03
N ASN B 242 -30.51 -9.85 -15.99
CA ASN B 242 -29.07 -9.64 -16.25
C ASN B 242 -28.45 -8.98 -15.03
N VAL B 243 -27.15 -9.19 -14.88
CA VAL B 243 -26.27 -8.39 -13.98
C VAL B 243 -25.06 -7.98 -14.81
N VAL B 244 -24.58 -6.79 -14.51
CA VAL B 244 -23.63 -6.05 -15.39
C VAL B 244 -22.41 -5.66 -14.54
N ILE B 245 -21.27 -6.27 -14.84
CA ILE B 245 -20.00 -6.04 -14.10
C ILE B 245 -19.17 -5.10 -14.93
N PHE B 246 -18.55 -4.12 -14.26
CA PHE B 246 -17.77 -3.05 -14.93
C PHE B 246 -16.85 -2.32 -13.96
N GLY B 247 -16.04 -1.41 -14.53
CA GLY B 247 -15.21 -0.46 -13.78
C GLY B 247 -14.58 -1.08 -12.56
N GLN B 248 -13.40 -1.69 -12.73
CA GLN B 248 -12.50 -2.04 -11.60
C GLN B 248 -13.25 -2.93 -10.61
N GLY B 249 -14.18 -3.76 -11.10
CA GLY B 249 -15.00 -4.68 -10.27
C GLY B 249 -16.08 -3.95 -9.49
N GLN B 250 -17.12 -3.53 -10.18
CA GLN B 250 -18.37 -3.07 -9.55
C GLN B 250 -19.54 -3.71 -10.30
N VAL B 251 -20.72 -3.61 -9.73
CA VAL B 251 -21.91 -4.32 -10.22
C VAL B 251 -23.08 -3.32 -10.25
N ASP B 252 -23.86 -3.31 -11.34
CA ASP B 252 -25.03 -2.41 -11.51
C ASP B 252 -26.24 -3.00 -10.80
N ARG B 253 -26.95 -2.16 -10.04
CA ARG B 253 -28.22 -2.47 -9.32
C ARG B 253 -29.42 -2.44 -10.28
N SER B 254 -29.34 -1.65 -11.34
CA SER B 254 -30.32 -1.61 -12.45
C SER B 254 -30.01 -2.73 -13.44
N PRO B 255 -30.88 -2.93 -14.46
CA PRO B 255 -30.61 -3.88 -15.54
C PRO B 255 -29.56 -3.41 -16.55
N CYS B 256 -29.13 -2.17 -16.39
CA CYS B 256 -28.13 -1.49 -17.26
C CYS B 256 -28.82 -1.14 -18.57
N GLY B 257 -29.23 0.11 -18.72
CA GLY B 257 -29.80 0.67 -19.96
C GLY B 257 -28.96 0.33 -21.18
N THR B 258 -27.66 0.64 -21.17
CA THR B 258 -26.68 0.34 -22.27
C THR B 258 -26.57 -1.17 -22.48
N GLY B 259 -26.78 -1.94 -21.40
CA GLY B 259 -26.71 -3.42 -21.36
C GLY B 259 -27.96 -4.02 -21.97
N THR B 260 -29.12 -3.38 -21.77
CA THR B 260 -30.41 -3.81 -22.36
C THR B 260 -30.42 -3.43 -23.84
N SER B 261 -30.01 -2.19 -24.19
CA SER B 261 -29.98 -1.66 -25.59
C SER B 261 -29.02 -2.51 -26.43
N ALA B 262 -27.93 -2.99 -25.83
CA ALA B 262 -26.96 -3.91 -26.47
C ALA B 262 -27.62 -5.27 -26.71
N LYS B 263 -28.25 -5.81 -25.66
CA LYS B 263 -28.90 -7.15 -25.65
C LYS B 263 -30.03 -7.18 -26.71
N LEU B 264 -30.74 -6.06 -26.89
CA LEU B 264 -31.89 -5.89 -27.83
C LEU B 264 -31.43 -5.99 -29.29
N ALA B 265 -30.21 -5.56 -29.56
CA ALA B 265 -29.55 -5.63 -30.88
C ALA B 265 -29.04 -7.04 -31.15
N THR B 266 -29.02 -7.88 -30.11
CA THR B 266 -28.49 -9.27 -30.14
C THR B 266 -29.62 -10.27 -29.80
N LEU B 267 -30.82 -9.80 -29.51
CA LEU B 267 -32.04 -10.51 -29.97
C LEU B 267 -32.21 -10.07 -31.43
N TYR B 268 -33.45 -9.88 -31.91
CA TYR B 268 -33.76 -9.17 -33.18
C TYR B 268 -32.91 -9.72 -34.33
N LYS B 269 -31.60 -9.44 -34.32
CA LYS B 269 -30.57 -10.19 -35.09
C LYS B 269 -30.39 -11.54 -34.37
N LYS B 270 -31.36 -12.43 -34.53
CA LYS B 270 -31.61 -13.68 -33.74
C LYS B 270 -33.06 -14.12 -34.06
N GLY B 271 -33.97 -13.16 -34.19
CA GLY B 271 -35.36 -13.34 -34.67
C GLY B 271 -36.37 -13.13 -33.57
N HIS B 272 -35.98 -13.42 -32.33
CA HIS B 272 -36.87 -13.57 -31.14
C HIS B 272 -37.52 -12.22 -30.77
N LEU B 273 -37.23 -11.14 -31.51
CA LEU B 273 -37.80 -9.78 -31.29
C LEU B 273 -38.14 -9.15 -32.65
N LYS B 274 -39.31 -8.52 -32.72
CA LYS B 274 -39.76 -7.72 -33.88
C LYS B 274 -39.69 -6.26 -33.44
N ILE B 275 -39.50 -5.33 -34.38
CA ILE B 275 -39.51 -3.87 -34.09
C ILE B 275 -40.72 -3.56 -33.22
N ASP B 276 -40.55 -2.69 -32.23
CA ASP B 276 -41.40 -2.61 -31.00
C ASP B 276 -41.38 -3.99 -30.33
N GLU B 277 -42.54 -4.45 -29.84
CA GLU B 277 -42.63 -5.67 -28.98
C GLU B 277 -41.89 -5.39 -27.66
N LYS B 278 -42.63 -4.97 -26.64
CA LYS B 278 -42.10 -4.66 -25.29
C LYS B 278 -41.06 -5.69 -24.87
N PHE B 279 -39.80 -5.29 -24.74
CA PHE B 279 -38.80 -6.00 -23.88
C PHE B 279 -38.81 -5.37 -22.49
N VAL B 280 -38.69 -6.21 -21.46
CA VAL B 280 -38.48 -5.78 -20.04
C VAL B 280 -37.26 -6.54 -19.54
N TYR B 281 -36.31 -5.81 -18.97
CA TYR B 281 -35.06 -6.40 -18.45
C TYR B 281 -35.03 -6.22 -16.94
N GLU B 282 -34.86 -7.38 -16.29
CA GLU B 282 -34.69 -7.55 -14.83
C GLU B 282 -33.20 -7.44 -14.50
N SER B 283 -32.90 -6.69 -13.44
CA SER B 283 -31.53 -6.43 -12.92
C SER B 283 -31.05 -7.65 -12.16
N ILE B 284 -30.22 -7.42 -11.14
CA ILE B 284 -29.78 -8.45 -10.15
C ILE B 284 -30.49 -8.21 -8.83
N THR B 285 -30.77 -6.95 -8.47
CA THR B 285 -31.80 -6.60 -7.44
C THR B 285 -33.16 -7.08 -7.99
N GLY B 286 -34.26 -6.47 -7.55
CA GLY B 286 -35.62 -6.80 -8.01
C GLY B 286 -36.19 -5.77 -8.98
N THR B 287 -35.34 -4.98 -9.65
CA THR B 287 -35.74 -3.80 -10.46
C THR B 287 -35.74 -4.09 -11.98
N MET B 288 -36.57 -3.37 -12.75
CA MET B 288 -36.85 -3.67 -14.19
C MET B 288 -36.90 -2.38 -15.04
N PHE B 289 -36.26 -2.41 -16.21
CA PHE B 289 -36.30 -1.37 -17.28
C PHE B 289 -37.26 -1.83 -18.37
N LYS B 290 -37.94 -0.92 -19.06
CA LYS B 290 -38.86 -1.24 -20.19
C LYS B 290 -38.16 -0.89 -21.50
N GLY B 291 -37.29 -1.78 -21.99
CA GLY B 291 -36.67 -1.67 -23.33
C GLY B 291 -37.68 -1.94 -24.45
N ARG B 292 -37.23 -1.69 -25.69
CA ARG B 292 -37.84 -2.18 -26.95
C ARG B 292 -36.97 -1.68 -28.10
N VAL B 293 -37.06 -2.35 -29.26
CA VAL B 293 -36.37 -1.94 -30.51
C VAL B 293 -37.28 -0.91 -31.18
N LEU B 294 -36.68 0.04 -31.90
CA LEU B 294 -37.36 1.23 -32.49
C LEU B 294 -37.29 1.14 -34.01
N GLU B 295 -36.12 0.80 -34.59
CA GLU B 295 -35.80 0.95 -36.03
C GLU B 295 -34.57 0.10 -36.38
N GLU B 296 -34.29 -0.10 -37.67
CA GLU B 296 -33.06 -0.78 -38.17
C GLU B 296 -32.00 0.28 -38.53
N THR B 297 -30.73 -0.11 -38.55
CA THR B 297 -29.58 0.77 -38.93
C THR B 297 -28.31 -0.08 -39.06
N LYS B 298 -27.65 -0.07 -40.23
CA LYS B 298 -26.34 -0.74 -40.44
C LYS B 298 -25.22 0.26 -40.14
N VAL B 299 -24.60 0.10 -38.97
CA VAL B 299 -23.48 0.94 -38.47
C VAL B 299 -22.24 0.68 -39.35
N GLY B 300 -21.59 1.76 -39.77
CA GLY B 300 -20.34 1.75 -40.56
C GLY B 300 -20.34 0.63 -41.58
N GLU B 301 -20.02 -0.59 -41.16
CA GLU B 301 -19.74 -1.71 -42.09
C GLU B 301 -20.67 -2.91 -41.85
N PHE B 302 -21.47 -2.95 -40.78
CA PHE B 302 -22.38 -4.11 -40.53
C PHE B 302 -23.69 -3.68 -39.86
N ASP B 303 -24.75 -4.47 -40.11
CA ASP B 303 -26.17 -4.17 -39.75
C ASP B 303 -26.29 -3.96 -38.24
N ALA B 304 -27.30 -3.19 -37.81
CA ALA B 304 -27.51 -2.72 -36.41
C ALA B 304 -28.97 -2.31 -36.19
N ILE B 305 -29.23 -1.56 -35.11
CA ILE B 305 -30.59 -1.21 -34.59
C ILE B 305 -30.45 -0.03 -33.64
N ILE B 306 -31.46 0.84 -33.53
CA ILE B 306 -31.47 1.95 -32.52
C ILE B 306 -32.59 1.70 -31.52
N PRO B 307 -32.24 1.34 -30.26
CA PRO B 307 -33.20 0.92 -29.24
C PRO B 307 -33.61 1.98 -28.19
N GLU B 308 -34.81 1.85 -27.65
CA GLU B 308 -35.35 2.83 -26.69
C GLU B 308 -35.54 2.17 -25.34
N ILE B 309 -34.82 2.68 -24.33
CA ILE B 309 -34.80 2.19 -22.92
C ILE B 309 -35.69 3.10 -22.09
N THR B 310 -36.38 2.60 -21.07
CA THR B 310 -37.40 3.43 -20.39
C THR B 310 -37.51 3.12 -18.91
N GLY B 311 -36.80 3.89 -18.09
CA GLY B 311 -36.65 3.65 -16.65
C GLY B 311 -37.34 4.72 -15.82
N GLY B 312 -36.58 5.35 -14.92
CA GLY B 312 -37.04 6.44 -14.03
C GLY B 312 -36.17 6.59 -12.80
N ALA B 313 -35.83 7.83 -12.43
CA ALA B 313 -34.87 8.16 -11.36
C ALA B 313 -35.51 9.03 -10.27
N TYR B 314 -34.92 9.02 -9.06
CA TYR B 314 -35.36 9.86 -7.90
C TYR B 314 -34.16 10.59 -7.29
N ILE B 315 -34.46 11.77 -6.72
CA ILE B 315 -33.48 12.64 -6.02
C ILE B 315 -33.38 12.15 -4.59
N THR B 316 -32.15 11.92 -4.11
CA THR B 316 -31.86 11.27 -2.81
C THR B 316 -30.92 12.14 -2.00
N GLY B 317 -30.96 13.45 -2.22
CA GLY B 317 -30.08 14.39 -1.50
C GLY B 317 -29.32 15.34 -2.41
N PHE B 318 -28.94 16.47 -1.79
CA PHE B 318 -28.04 17.56 -2.26
C PHE B 318 -26.79 17.49 -1.38
N ASN B 319 -25.61 17.73 -1.98
CA ASN B 319 -24.29 17.71 -1.32
C ASN B 319 -23.53 19.02 -1.60
N HIS B 320 -22.87 19.57 -0.59
CA HIS B 320 -21.63 20.39 -0.77
C HIS B 320 -20.50 19.47 -0.31
N PHE B 321 -20.01 18.61 -1.19
CA PHE B 321 -18.77 17.85 -0.92
C PHE B 321 -17.65 18.85 -0.68
N VAL B 322 -16.79 18.60 0.29
CA VAL B 322 -15.62 19.47 0.62
C VAL B 322 -14.43 18.56 0.89
N ILE B 323 -13.20 19.07 0.72
CA ILE B 323 -11.93 18.31 0.97
C ILE B 323 -11.08 19.13 1.93
N ASP B 324 -10.92 18.67 3.18
CA ASP B 324 -9.95 19.26 4.14
C ASP B 324 -8.55 18.89 3.67
N PRO B 325 -7.72 19.85 3.23
CA PRO B 325 -6.47 19.52 2.54
C PRO B 325 -5.51 18.73 3.45
N GLU B 326 -5.84 18.63 4.74
CA GLU B 326 -5.17 17.74 5.73
C GLU B 326 -5.58 16.28 5.49
N ASP B 327 -6.88 16.05 5.26
CA ASP B 327 -7.47 14.73 4.92
C ASP B 327 -6.51 13.99 4.00
N PRO B 328 -5.70 13.05 4.53
CA PRO B 328 -4.75 12.30 3.72
C PRO B 328 -5.40 11.29 2.76
N LEU B 329 -6.75 11.21 2.79
CA LEU B 329 -7.61 10.49 1.82
C LEU B 329 -8.45 11.51 1.03
N LYS B 330 -7.94 12.74 0.87
CA LYS B 330 -8.65 13.89 0.23
C LYS B 330 -9.02 13.60 -1.22
N TYR B 331 -8.33 12.63 -1.84
CA TYR B 331 -8.58 12.15 -3.22
C TYR B 331 -8.87 10.64 -3.22
N GLY B 332 -9.28 10.08 -2.06
CA GLY B 332 -10.06 8.83 -1.94
C GLY B 332 -9.28 7.55 -2.22
N PHE B 333 -9.82 6.42 -1.78
CA PHE B 333 -9.19 5.07 -1.79
C PHE B 333 -10.25 3.99 -2.01
N THR B 334 -9.78 2.79 -2.32
CA THR B 334 -10.57 1.74 -3.02
C THR B 334 -10.87 0.59 -2.04
N VAL B 335 -9.87 -0.29 -1.77
CA VAL B 335 -9.91 -1.63 -1.06
C VAL B 335 -9.54 -2.73 -2.09
N MET C 1 27.30 -48.62 16.92
CA MET C 1 27.40 -48.27 15.47
C MET C 1 28.24 -46.99 15.33
N LYS C 2 28.10 -46.05 16.27
CA LYS C 2 28.93 -44.81 16.41
C LYS C 2 28.70 -43.86 15.22
N PHE C 3 28.07 -42.72 15.50
CA PHE C 3 27.68 -41.68 14.51
C PHE C 3 27.69 -40.34 15.20
N SER C 4 28.39 -39.37 14.62
CA SER C 4 28.59 -38.06 15.27
C SER C 4 27.26 -37.33 15.26
N LYS C 5 26.72 -37.15 14.06
CA LYS C 5 25.53 -36.32 13.80
C LYS C 5 24.47 -37.17 13.12
N GLY C 6 23.20 -36.80 13.29
CA GLY C 6 22.02 -37.51 12.75
C GLY C 6 20.98 -36.55 12.17
N ILE C 7 21.00 -36.37 10.84
CA ILE C 7 20.13 -35.47 9.99
C ILE C 7 18.85 -36.20 9.51
N HIS C 8 17.69 -35.67 9.87
CA HIS C 8 16.39 -36.07 9.31
C HIS C 8 16.15 -35.26 8.03
N ALA C 9 15.83 -35.91 6.91
CA ALA C 9 15.55 -35.27 5.60
C ALA C 9 14.72 -36.19 4.68
N ILE C 10 13.76 -35.58 3.97
CA ILE C 10 12.78 -36.20 3.03
C ILE C 10 13.19 -35.97 1.57
N ASP C 11 13.52 -37.05 0.85
CA ASP C 11 13.76 -37.04 -0.61
C ASP C 11 12.43 -36.81 -1.31
N SER C 12 12.45 -35.96 -2.34
CA SER C 12 11.33 -35.71 -3.28
C SER C 12 11.90 -35.80 -4.70
N HIS C 13 11.07 -35.48 -5.68
CA HIS C 13 11.49 -35.23 -7.07
C HIS C 13 10.43 -34.31 -7.69
N THR C 14 10.83 -33.15 -8.22
CA THR C 14 9.96 -32.24 -9.01
C THR C 14 10.31 -32.37 -10.49
N MET C 15 9.56 -33.23 -11.19
CA MET C 15 9.61 -33.45 -12.66
C MET C 15 10.94 -34.14 -13.05
N GLY C 16 11.56 -34.84 -12.09
CA GLY C 16 12.75 -35.70 -12.31
C GLY C 16 13.97 -35.14 -11.62
N GLU C 17 13.96 -33.82 -11.36
CA GLU C 17 15.10 -33.05 -10.81
C GLU C 17 14.99 -33.11 -9.28
N PRO C 18 15.93 -33.83 -8.64
CA PRO C 18 15.83 -34.15 -7.23
C PRO C 18 15.82 -32.93 -6.30
N THR C 19 14.93 -32.92 -5.31
CA THR C 19 14.92 -31.98 -4.16
C THR C 19 14.90 -32.75 -2.84
N ARG C 20 16.01 -32.72 -2.06
CA ARG C 20 16.17 -33.43 -0.77
C ARG C 20 15.93 -32.45 0.38
N ILE C 21 14.79 -32.57 1.06
CA ILE C 21 14.29 -31.55 2.04
C ILE C 21 14.71 -31.92 3.46
N VAL C 22 15.51 -31.08 4.11
CA VAL C 22 16.01 -31.32 5.49
C VAL C 22 14.89 -30.98 6.49
N VAL C 23 14.89 -31.59 7.66
CA VAL C 23 13.79 -31.42 8.65
C VAL C 23 14.35 -31.22 10.08
N GLY C 24 15.00 -32.23 10.67
CA GLY C 24 15.12 -32.41 12.13
C GLY C 24 16.54 -32.45 12.69
N GLY C 25 17.56 -32.56 11.84
CA GLY C 25 18.98 -32.67 12.23
C GLY C 25 19.48 -31.48 13.04
N ILE C 26 18.77 -30.34 12.93
CA ILE C 26 18.99 -29.09 13.74
C ILE C 26 17.62 -28.59 14.20
N PRO C 27 17.50 -27.91 15.38
CA PRO C 27 16.28 -27.18 15.77
C PRO C 27 16.30 -25.65 15.64
N GLN C 28 17.43 -25.12 15.15
CA GLN C 28 17.82 -23.67 15.18
C GLN C 28 18.92 -23.36 14.14
N ILE C 29 18.91 -22.12 13.64
CA ILE C 29 19.93 -21.46 12.75
C ILE C 29 19.56 -19.97 12.71
N ASN C 30 20.37 -19.11 13.31
CA ASN C 30 19.97 -17.71 13.62
C ASN C 30 19.71 -16.92 12.35
N GLY C 31 20.76 -16.67 11.54
CA GLY C 31 20.68 -15.88 10.29
C GLY C 31 20.03 -14.53 10.49
N GLU C 32 18.69 -14.48 10.41
CA GLU C 32 17.77 -13.33 10.66
C GLU C 32 16.80 -13.17 9.48
N THR C 33 17.27 -12.60 8.35
CA THR C 33 16.56 -12.60 7.02
C THR C 33 17.02 -13.82 6.21
N MET C 34 16.17 -14.32 5.30
CA MET C 34 16.34 -15.61 4.57
C MET C 34 17.42 -15.46 3.49
N ALA C 35 18.11 -14.32 3.45
CA ALA C 35 19.46 -14.17 2.89
C ALA C 35 20.50 -14.43 4.01
N ASP C 36 20.36 -13.75 5.15
CA ASP C 36 21.32 -13.78 6.31
C ASP C 36 21.40 -15.19 6.92
N LYS C 37 20.34 -15.99 6.76
CA LYS C 37 20.37 -17.45 7.09
C LYS C 37 21.30 -18.11 6.07
N LYS C 38 21.04 -17.92 4.77
CA LYS C 38 21.79 -18.53 3.65
C LYS C 38 23.28 -18.23 3.81
N LYS C 39 23.64 -16.99 4.16
CA LYS C 39 25.07 -16.58 4.37
C LYS C 39 25.64 -17.35 5.57
N TYR C 40 24.92 -17.35 6.70
CA TYR C 40 25.31 -18.06 7.95
C TYR C 40 25.73 -19.50 7.61
N LEU C 41 24.84 -20.22 6.93
CA LEU C 41 25.07 -21.60 6.39
C LEU C 41 26.36 -21.64 5.58
N GLU C 42 26.39 -20.86 4.48
CA GLU C 42 27.46 -20.75 3.45
C GLU C 42 28.83 -20.55 4.09
N ASP C 43 28.88 -19.73 5.15
CA ASP C 43 30.11 -19.32 5.86
C ASP C 43 30.19 -19.97 7.25
N ASN C 44 29.54 -21.13 7.45
CA ASN C 44 29.60 -21.88 8.74
C ASN C 44 29.37 -23.38 8.48
N LEU C 45 28.15 -23.78 8.06
CA LEU C 45 27.74 -25.20 7.89
C LEU C 45 27.67 -25.51 6.40
N ASP C 46 28.69 -25.12 5.65
CA ASP C 46 28.86 -25.57 4.25
C ASP C 46 29.21 -27.06 4.26
N TYR C 47 29.51 -27.62 5.43
CA TYR C 47 29.83 -29.06 5.64
C TYR C 47 28.58 -29.94 5.64
N VAL C 48 27.42 -29.32 5.86
CA VAL C 48 26.09 -29.93 5.64
C VAL C 48 25.88 -30.03 4.12
N ARG C 49 25.70 -28.90 3.44
CA ARG C 49 25.49 -28.87 1.97
C ARG C 49 26.33 -29.97 1.31
N THR C 50 27.66 -29.86 1.41
CA THR C 50 28.67 -30.70 0.70
C THR C 50 28.40 -32.17 1.01
N ALA C 51 28.15 -32.50 2.29
CA ALA C 51 27.90 -33.89 2.76
C ALA C 51 26.73 -34.49 1.99
N LEU C 52 25.63 -33.73 1.85
CA LEU C 52 24.31 -34.18 1.33
C LEU C 52 24.27 -34.08 -0.20
N MET C 53 24.76 -32.98 -0.77
CA MET C 53 24.65 -32.69 -2.23
C MET C 53 25.74 -33.44 -3.01
N HIS C 54 26.91 -33.58 -2.42
CA HIS C 54 28.01 -34.36 -3.03
C HIS C 54 27.82 -35.82 -2.67
N GLU C 55 28.60 -36.67 -3.33
CA GLU C 55 28.81 -38.10 -2.98
C GLU C 55 29.28 -38.18 -1.53
N PRO C 56 29.26 -39.35 -0.92
CA PRO C 56 28.68 -40.55 -1.53
C PRO C 56 27.15 -40.54 -1.37
N ARG C 57 26.64 -39.57 -0.59
CA ARG C 57 25.21 -39.48 -0.19
C ARG C 57 24.40 -38.95 -1.40
N GLY C 58 24.84 -37.85 -2.00
CA GLY C 58 24.25 -37.26 -3.21
C GLY C 58 25.07 -37.56 -4.45
N HIS C 59 24.98 -36.69 -5.48
CA HIS C 59 25.71 -36.78 -6.78
C HIS C 59 25.86 -35.40 -7.46
N ASN C 60 26.61 -35.36 -8.55
CA ASN C 60 26.64 -34.26 -9.53
C ASN C 60 25.20 -34.14 -10.05
N ASP C 61 24.74 -32.93 -10.32
CA ASP C 61 23.29 -32.59 -10.31
C ASP C 61 22.92 -32.65 -8.83
N MET C 62 21.78 -33.26 -8.49
CA MET C 62 21.34 -33.36 -7.08
C MET C 62 21.19 -31.94 -6.53
N PHE C 63 20.33 -31.77 -5.54
CA PHE C 63 19.84 -30.45 -5.09
C PHE C 63 18.98 -30.72 -3.87
N GLY C 64 18.84 -29.72 -3.01
CA GLY C 64 18.01 -29.88 -1.80
C GLY C 64 17.84 -28.58 -1.06
N SER C 65 16.91 -28.59 -0.12
CA SER C 65 16.45 -27.38 0.58
C SER C 65 16.40 -27.63 2.08
N ILE C 66 16.58 -26.56 2.84
CA ILE C 66 16.42 -26.57 4.31
C ILE C 66 15.07 -25.94 4.62
N ILE C 67 14.31 -26.59 5.49
CA ILE C 67 13.08 -26.03 6.15
C ILE C 67 13.53 -25.40 7.46
N THR C 68 13.20 -24.14 7.67
CA THR C 68 13.75 -23.31 8.76
C THR C 68 12.61 -22.89 9.69
N SER C 69 12.96 -22.18 10.76
CA SER C 69 12.10 -21.19 11.46
C SER C 69 12.02 -19.94 10.58
N SER C 70 10.87 -19.28 10.52
CA SER C 70 10.56 -18.15 9.60
C SER C 70 11.24 -16.85 10.07
N ASN C 71 10.89 -16.39 11.27
CA ASN C 71 11.09 -15.00 11.76
C ASN C 71 9.97 -14.14 11.12
N ASN C 72 9.90 -14.14 9.79
CA ASN C 72 9.02 -13.28 8.96
C ASN C 72 7.53 -13.44 9.35
N LYS C 73 6.73 -12.41 9.03
CA LYS C 73 5.25 -12.39 9.16
C LYS C 73 4.63 -13.16 7.98
N GLU C 74 3.34 -13.48 8.07
CA GLU C 74 2.54 -14.16 7.00
C GLU C 74 3.16 -15.53 6.70
N ALA C 75 4.38 -15.54 6.16
CA ALA C 75 5.15 -16.74 5.75
C ALA C 75 5.12 -17.80 6.86
N ASP C 76 4.69 -19.03 6.51
CA ASP C 76 4.94 -20.26 7.29
C ASP C 76 6.39 -20.65 7.02
N PHE C 77 7.11 -21.15 8.04
CA PHE C 77 8.54 -21.61 7.97
C PHE C 77 9.36 -20.73 7.01
N GLY C 78 10.55 -21.19 6.63
CA GLY C 78 11.42 -20.52 5.63
C GLY C 78 12.32 -21.52 4.91
N ILE C 79 12.68 -21.25 3.65
CA ILE C 79 13.36 -22.21 2.73
C ILE C 79 14.76 -21.69 2.38
N ILE C 80 15.77 -22.58 2.36
CA ILE C 80 17.16 -22.29 1.89
C ILE C 80 17.57 -23.35 0.86
N PHE C 81 17.47 -23.00 -0.42
CA PHE C 81 17.89 -23.87 -1.54
C PHE C 81 19.37 -24.17 -1.38
N MET C 82 19.83 -25.32 -1.84
CA MET C 82 21.28 -25.67 -1.87
C MET C 82 21.54 -26.69 -2.98
N ASP C 83 22.66 -26.56 -3.69
CA ASP C 83 23.01 -27.41 -4.85
C ASP C 83 24.49 -27.75 -4.84
N GLY C 84 24.84 -28.76 -5.66
CA GLY C 84 26.21 -29.28 -5.79
C GLY C 84 27.19 -28.11 -5.75
N GLY C 85 26.82 -27.01 -6.39
CA GLY C 85 27.60 -25.76 -6.37
C GLY C 85 27.52 -25.06 -5.02
N GLY C 86 26.49 -24.23 -4.83
CA GLY C 86 26.36 -23.35 -3.66
C GLY C 86 24.96 -23.36 -3.08
N TYR C 87 24.30 -22.20 -3.06
CA TYR C 87 22.99 -21.96 -2.40
C TYR C 87 22.10 -21.11 -3.33
N LEU C 88 21.36 -21.72 -4.26
CA LEU C 88 20.49 -20.96 -5.22
C LEU C 88 19.56 -20.01 -4.47
N ASN C 89 19.46 -18.74 -4.91
CA ASN C 89 18.75 -17.65 -4.19
C ASN C 89 17.24 -17.86 -4.35
N MET C 90 16.85 -18.56 -5.43
CA MET C 90 15.46 -18.99 -5.75
C MET C 90 15.52 -20.08 -6.81
N CYS C 91 14.58 -21.01 -6.72
CA CYS C 91 14.47 -22.25 -7.55
C CYS C 91 13.03 -22.76 -7.53
N GLY C 92 12.47 -23.04 -8.70
CA GLY C 92 11.07 -23.50 -8.84
C GLY C 92 10.88 -24.92 -8.33
N HIS C 93 11.66 -25.86 -8.89
CA HIS C 93 11.71 -27.30 -8.51
C HIS C 93 11.69 -27.43 -6.99
N GLY C 94 12.51 -26.62 -6.33
CA GLY C 94 12.57 -26.56 -4.86
C GLY C 94 11.23 -26.12 -4.29
N SER C 95 10.91 -24.84 -4.46
CA SER C 95 9.73 -24.17 -3.85
C SER C 95 8.49 -25.05 -4.04
N ILE C 96 8.41 -25.76 -5.17
CA ILE C 96 7.41 -26.84 -5.45
C ILE C 96 7.60 -28.03 -4.49
N GLY C 97 8.71 -28.75 -4.64
CA GLY C 97 9.08 -29.82 -3.69
C GLY C 97 8.65 -29.40 -2.31
N ALA C 98 9.29 -28.37 -1.77
CA ALA C 98 9.13 -27.90 -0.37
C ALA C 98 7.66 -27.82 0.04
N ALA C 99 6.79 -27.33 -0.84
CA ALA C 99 5.36 -27.09 -0.56
C ALA C 99 4.59 -28.41 -0.60
N THR C 100 4.72 -29.15 -1.70
CA THR C 100 4.13 -30.50 -1.89
C THR C 100 4.29 -31.28 -0.58
N VAL C 101 5.54 -31.39 -0.11
CA VAL C 101 5.96 -32.29 1.01
C VAL C 101 5.42 -31.74 2.35
N ALA C 102 5.41 -30.41 2.51
CA ALA C 102 5.01 -29.73 3.76
C ALA C 102 3.56 -30.07 4.10
N VAL C 103 2.75 -30.08 3.04
CA VAL C 103 1.32 -30.47 3.08
C VAL C 103 1.25 -32.00 3.23
N GLU C 104 1.79 -32.73 2.25
CA GLU C 104 1.78 -34.22 2.19
C GLU C 104 2.11 -34.86 3.55
N THR C 105 3.11 -34.36 4.29
CA THR C 105 3.54 -34.89 5.60
C THR C 105 2.67 -34.33 6.74
N GLY C 106 2.01 -33.20 6.51
CA GLY C 106 1.09 -32.59 7.47
C GLY C 106 1.80 -31.64 8.40
N MET C 107 2.94 -31.11 7.96
CA MET C 107 3.64 -30.00 8.65
C MET C 107 2.77 -28.76 8.51
N VAL C 108 2.18 -28.56 7.31
CA VAL C 108 1.02 -27.67 7.08
C VAL C 108 -0.24 -28.53 7.21
N GLU C 109 -1.26 -28.07 7.93
CA GLU C 109 -2.60 -28.74 7.97
C GLU C 109 -3.32 -28.33 6.67
N MET C 110 -3.67 -29.29 5.82
CA MET C 110 -4.09 -29.06 4.41
C MET C 110 -5.50 -28.44 4.38
N VAL C 111 -5.74 -27.53 3.42
CA VAL C 111 -7.07 -26.96 3.10
C VAL C 111 -7.49 -27.52 1.74
N GLU C 112 -8.79 -27.83 1.59
CA GLU C 112 -9.30 -28.81 0.61
C GLU C 112 -9.30 -28.26 -0.81
N PRO C 113 -9.99 -27.15 -1.15
CA PRO C 113 -9.98 -26.65 -2.53
C PRO C 113 -8.54 -26.45 -3.05
N VAL C 114 -7.74 -25.74 -2.26
CA VAL C 114 -6.29 -25.43 -2.47
C VAL C 114 -5.73 -25.04 -1.09
N THR C 115 -4.47 -25.32 -0.80
CA THR C 115 -3.77 -24.70 0.35
C THR C 115 -2.88 -23.58 -0.19
N ASN C 116 -2.83 -22.46 0.52
CA ASN C 116 -1.89 -21.34 0.28
C ASN C 116 -0.70 -21.52 1.24
N ILE C 117 0.51 -21.44 0.70
CA ILE C 117 1.77 -21.47 1.48
C ILE C 117 2.59 -20.24 1.09
N ASN C 118 2.97 -19.46 2.10
CA ASN C 118 3.92 -18.33 1.98
C ASN C 118 5.25 -18.80 2.58
N MET C 119 6.27 -18.97 1.73
CA MET C 119 7.64 -19.42 2.10
C MET C 119 8.61 -18.22 1.94
N GLU C 120 9.67 -18.19 2.76
CA GLU C 120 10.69 -17.10 2.80
C GLU C 120 11.46 -17.06 1.48
N ALA C 121 12.55 -17.84 1.35
CA ALA C 121 13.51 -17.88 0.20
C ALA C 121 14.53 -16.74 0.27
N PRO C 122 15.78 -16.99 -0.18
CA PRO C 122 16.80 -15.95 -0.22
C PRO C 122 16.39 -14.72 -1.04
N ALA C 123 15.64 -14.90 -2.13
CA ALA C 123 15.25 -13.81 -3.07
C ALA C 123 13.76 -13.46 -2.95
N GLY C 124 13.40 -12.64 -1.95
CA GLY C 124 12.01 -12.16 -1.72
C GLY C 124 11.19 -13.16 -0.93
N LEU C 125 9.86 -13.13 -1.10
CA LEU C 125 8.91 -14.20 -0.67
C LEU C 125 8.54 -15.03 -1.92
N ILE C 126 7.91 -16.19 -1.73
CA ILE C 126 7.10 -16.89 -2.77
C ILE C 126 5.81 -17.42 -2.12
N LYS C 127 4.73 -17.51 -2.92
CA LYS C 127 3.45 -18.14 -2.55
C LYS C 127 3.22 -19.33 -3.48
N ALA C 128 2.81 -20.45 -2.91
CA ALA C 128 2.45 -21.68 -3.65
C ALA C 128 0.96 -21.96 -3.43
N LYS C 129 0.17 -21.88 -4.51
CA LYS C 129 -1.16 -22.54 -4.58
C LYS C 129 -0.88 -24.04 -4.70
N VAL C 130 -1.29 -24.83 -3.71
CA VAL C 130 -1.08 -26.31 -3.71
C VAL C 130 -2.44 -26.98 -3.88
N MET C 131 -2.71 -27.47 -5.10
CA MET C 131 -3.99 -28.11 -5.46
C MET C 131 -4.02 -29.48 -4.79
N VAL C 132 -4.99 -29.72 -3.92
CA VAL C 132 -5.12 -31.03 -3.22
C VAL C 132 -6.42 -31.72 -3.65
N GLU C 133 -6.33 -32.94 -4.20
CA GLU C 133 -7.49 -33.74 -4.68
C GLU C 133 -8.08 -34.52 -3.50
N ASN C 134 -8.98 -33.89 -2.74
CA ASN C 134 -9.51 -34.40 -1.45
C ASN C 134 -8.33 -34.97 -0.64
N GLU C 135 -7.72 -36.04 -1.15
CA GLU C 135 -6.75 -36.87 -0.42
C GLU C 135 -5.33 -36.35 -0.67
N LYS C 136 -4.96 -36.11 -1.95
CA LYS C 136 -3.55 -35.97 -2.45
C LYS C 136 -3.21 -34.49 -2.67
N VAL C 137 -1.96 -34.23 -3.01
CA VAL C 137 -1.54 -32.99 -3.73
C VAL C 137 -1.51 -33.29 -5.23
N LYS C 138 -2.44 -32.70 -6.00
CA LYS C 138 -2.53 -32.85 -7.48
C LYS C 138 -1.35 -32.11 -8.13
N GLU C 139 -1.19 -30.80 -7.89
CA GLU C 139 -0.03 -30.05 -8.41
C GLU C 139 0.07 -28.71 -7.67
N VAL C 140 1.02 -27.85 -8.08
CA VAL C 140 1.43 -26.60 -7.36
C VAL C 140 1.77 -25.47 -8.33
N SER C 141 0.99 -24.39 -8.24
CA SER C 141 1.22 -23.08 -8.89
C SER C 141 2.02 -22.19 -7.94
N ILE C 142 3.32 -22.07 -8.19
CA ILE C 142 4.19 -21.12 -7.46
C ILE C 142 4.23 -19.83 -8.29
N THR C 143 4.04 -18.68 -7.64
CA THR C 143 4.16 -17.32 -8.25
C THR C 143 5.52 -16.73 -7.89
N ASN C 144 6.24 -16.24 -8.91
CA ASN C 144 7.71 -16.04 -8.87
C ASN C 144 8.09 -14.56 -8.91
N VAL C 145 9.30 -14.26 -8.42
CA VAL C 145 9.97 -12.93 -8.41
C VAL C 145 9.74 -12.21 -9.75
N PRO C 146 9.59 -10.86 -9.76
CA PRO C 146 9.53 -10.10 -11.01
C PRO C 146 10.63 -10.48 -12.02
N SER C 147 10.27 -11.28 -13.01
CA SER C 147 11.13 -11.70 -14.15
C SER C 147 11.22 -10.54 -15.15
N PHE C 148 12.21 -10.54 -16.06
CA PHE C 148 12.35 -9.48 -17.11
C PHE C 148 13.46 -9.81 -18.12
N LEU C 149 13.35 -9.21 -19.31
CA LEU C 149 14.40 -9.17 -20.37
C LEU C 149 15.51 -8.20 -19.96
N TYR C 150 16.72 -8.72 -19.75
CA TYR C 150 17.98 -7.96 -19.50
C TYR C 150 18.83 -8.08 -20.76
N MET C 151 19.62 -7.04 -21.07
CA MET C 151 20.51 -6.97 -22.27
C MET C 151 19.88 -7.70 -23.47
N GLU C 152 19.45 -6.94 -24.48
CA GLU C 152 19.02 -7.45 -25.81
C GLU C 152 20.20 -8.23 -26.41
N ASP C 153 19.94 -9.38 -27.04
CA ASP C 153 20.96 -10.39 -27.45
C ASP C 153 22.30 -10.12 -26.75
N ALA C 154 23.21 -9.39 -27.40
CA ALA C 154 24.64 -9.23 -27.03
C ALA C 154 25.45 -10.38 -27.65
N LYS C 155 26.67 -10.09 -28.13
CA LYS C 155 27.56 -11.06 -28.84
C LYS C 155 28.30 -11.91 -27.81
N LEU C 156 28.51 -13.18 -28.13
CA LEU C 156 28.94 -14.20 -27.15
C LEU C 156 30.46 -14.45 -27.28
N GLU C 157 30.93 -14.91 -28.44
CA GLU C 157 32.29 -15.51 -28.60
C GLU C 157 32.36 -16.80 -27.78
N VAL C 158 32.59 -17.93 -28.45
CA VAL C 158 32.83 -19.28 -27.84
C VAL C 158 34.08 -19.85 -28.48
N PRO C 159 35.14 -20.16 -27.70
CA PRO C 159 36.43 -20.56 -28.26
C PRO C 159 36.34 -21.90 -29.02
N SER C 160 35.67 -22.90 -28.45
CA SER C 160 35.40 -24.23 -29.05
C SER C 160 33.90 -24.37 -29.31
N LEU C 161 33.45 -24.10 -30.55
CA LEU C 161 34.30 -23.76 -31.68
C LEU C 161 33.60 -22.73 -32.58
N ASN C 162 34.39 -22.01 -33.39
CA ASN C 162 33.98 -21.08 -34.47
C ASN C 162 33.96 -19.64 -33.92
N LYS C 163 33.13 -19.35 -32.91
CA LYS C 163 32.88 -18.01 -32.28
C LYS C 163 31.61 -17.38 -32.88
N THR C 164 30.43 -17.76 -32.37
CA THR C 164 29.10 -17.35 -32.90
C THR C 164 28.68 -16.01 -32.27
N ILE C 165 27.39 -15.68 -32.34
CA ILE C 165 26.87 -14.28 -32.20
C ILE C 165 25.70 -14.23 -31.20
N THR C 166 24.46 -14.27 -31.67
CA THR C 166 23.25 -13.78 -30.94
C THR C 166 22.88 -14.75 -29.81
N PHE C 167 22.24 -14.22 -28.77
CA PHE C 167 21.73 -14.95 -27.56
C PHE C 167 21.27 -13.91 -26.55
N ASP C 168 20.13 -14.10 -25.88
CA ASP C 168 19.60 -13.12 -24.91
C ASP C 168 19.94 -13.54 -23.47
N ILE C 169 19.72 -12.65 -22.51
CA ILE C 169 19.93 -12.87 -21.05
C ILE C 169 18.77 -12.20 -20.32
N SER C 170 18.31 -12.78 -19.21
CA SER C 170 17.06 -12.37 -18.51
C SER C 170 17.20 -12.65 -17.02
N PHE C 171 16.22 -12.21 -16.24
CA PHE C 171 16.09 -12.51 -14.79
C PHE C 171 14.76 -13.21 -14.53
N GLY C 172 14.75 -14.17 -13.58
CA GLY C 172 13.54 -14.85 -13.12
C GLY C 172 13.67 -15.36 -11.69
N GLY C 173 14.49 -14.69 -10.87
CA GLY C 173 14.97 -15.18 -9.57
C GLY C 173 16.49 -15.17 -9.56
N SER C 174 17.11 -15.81 -10.57
CA SER C 174 18.54 -15.71 -10.97
C SER C 174 18.63 -15.12 -12.39
N PHE C 175 19.85 -14.95 -12.91
CA PHE C 175 20.09 -14.42 -14.28
C PHE C 175 20.38 -15.56 -15.25
N PHE C 176 19.44 -15.82 -16.18
CA PHE C 176 19.50 -16.89 -17.21
C PHE C 176 20.07 -16.32 -18.51
N ALA C 177 21.01 -17.06 -19.12
CA ALA C 177 21.61 -16.80 -20.45
C ALA C 177 20.90 -17.64 -21.52
N ILE C 178 19.70 -17.22 -21.94
CA ILE C 178 18.87 -17.95 -22.94
C ILE C 178 19.56 -17.83 -24.30
N ILE C 179 20.01 -18.94 -24.88
CA ILE C 179 20.60 -18.97 -26.26
C ILE C 179 19.94 -20.14 -27.00
N HIS C 180 19.64 -19.99 -28.29
CA HIS C 180 19.00 -21.05 -29.11
C HIS C 180 20.04 -22.14 -29.38
N ALA C 181 19.59 -23.39 -29.49
CA ALA C 181 20.44 -24.60 -29.70
C ALA C 181 20.89 -24.69 -31.16
N LYS C 182 20.21 -23.96 -32.06
CA LYS C 182 20.67 -23.73 -33.45
C LYS C 182 21.88 -22.79 -33.41
N GLU C 183 21.86 -21.79 -32.52
CA GLU C 183 22.88 -20.72 -32.40
C GLU C 183 24.27 -21.36 -32.30
N LEU C 184 24.47 -22.29 -31.34
CA LEU C 184 25.75 -23.01 -31.14
C LEU C 184 25.71 -24.36 -31.90
N GLY C 185 24.52 -24.86 -32.24
CA GLY C 185 24.33 -26.12 -32.98
C GLY C 185 24.44 -27.33 -32.09
N VAL C 186 23.60 -27.39 -31.04
CA VAL C 186 23.50 -28.54 -30.08
C VAL C 186 22.08 -29.12 -30.13
N LYS C 187 21.92 -30.43 -29.97
CA LYS C 187 20.60 -31.11 -29.93
C LYS C 187 20.21 -31.36 -28.47
N VAL C 188 19.31 -30.53 -27.91
CA VAL C 188 18.95 -30.49 -26.46
C VAL C 188 18.38 -31.85 -26.02
N GLU C 189 19.24 -32.87 -25.94
CA GLU C 189 18.86 -34.30 -25.80
C GLU C 189 19.90 -35.05 -24.94
N THR C 190 19.47 -36.20 -24.41
CA THR C 190 20.28 -37.29 -23.82
C THR C 190 21.66 -37.40 -24.50
N SER C 191 21.69 -37.43 -25.82
CA SER C 191 22.88 -37.72 -26.67
C SER C 191 24.09 -36.89 -26.22
N GLN C 192 23.88 -35.62 -25.85
CA GLN C 192 24.97 -34.63 -25.71
C GLN C 192 24.90 -33.92 -24.35
N VAL C 193 24.12 -34.43 -23.40
CA VAL C 193 23.94 -33.86 -22.02
C VAL C 193 25.27 -33.30 -21.48
N ASP C 194 26.38 -34.02 -21.71
CA ASP C 194 27.72 -33.72 -21.10
C ASP C 194 28.47 -32.66 -21.93
N VAL C 195 28.30 -32.63 -23.26
CA VAL C 195 28.87 -31.58 -24.16
C VAL C 195 28.09 -30.28 -23.92
N LEU C 196 26.76 -30.37 -23.80
CA LEU C 196 25.85 -29.31 -23.29
C LEU C 196 26.34 -28.81 -21.93
N LYS C 197 26.60 -29.74 -20.99
CA LYS C 197 27.08 -29.41 -19.62
C LYS C 197 28.30 -28.51 -19.73
N LYS C 198 29.36 -28.98 -20.39
CA LYS C 198 30.68 -28.32 -20.49
C LYS C 198 30.59 -27.06 -21.37
N LEU C 199 29.71 -27.08 -22.37
CA LEU C 199 29.41 -25.88 -23.21
C LEU C 199 28.78 -24.79 -22.33
N GLY C 200 27.74 -25.16 -21.58
CA GLY C 200 27.02 -24.28 -20.64
C GLY C 200 27.96 -23.61 -19.66
N ILE C 201 28.60 -24.37 -18.78
CA ILE C 201 29.46 -23.82 -17.68
C ILE C 201 30.54 -22.92 -18.30
N GLU C 202 31.08 -23.29 -19.47
CA GLU C 202 32.16 -22.51 -20.16
C GLU C 202 31.59 -21.16 -20.63
N ILE C 203 30.34 -21.14 -21.12
CA ILE C 203 29.62 -19.90 -21.49
C ILE C 203 29.34 -19.11 -20.21
N ARG C 204 28.59 -19.70 -19.27
CA ARG C 204 28.25 -19.12 -17.93
C ARG C 204 29.44 -18.35 -17.36
N ASP C 205 30.61 -18.98 -17.33
CA ASP C 205 31.87 -18.41 -16.78
C ASP C 205 32.28 -17.21 -17.64
N LEU C 206 32.64 -17.45 -18.92
CA LEU C 206 33.24 -16.39 -19.79
C LEU C 206 32.19 -15.28 -20.04
N ILE C 207 30.91 -15.56 -19.81
CA ILE C 207 29.81 -14.54 -19.78
C ILE C 207 29.93 -13.75 -18.47
N ASN C 208 30.13 -14.42 -17.34
CA ASN C 208 30.26 -13.78 -16.01
C ASN C 208 31.53 -12.90 -15.96
N GLU C 209 32.56 -13.22 -16.75
CA GLU C 209 33.86 -12.51 -16.71
C GLU C 209 33.71 -11.11 -17.32
N LYS C 210 33.07 -11.02 -18.49
CA LYS C 210 33.04 -9.79 -19.34
C LYS C 210 31.59 -9.41 -19.66
N ILE C 211 30.81 -8.98 -18.65
CA ILE C 211 29.41 -8.46 -18.80
C ILE C 211 29.03 -7.51 -17.65
N LYS C 212 27.85 -6.92 -17.75
CA LYS C 212 27.18 -6.09 -16.71
C LYS C 212 26.00 -6.88 -16.11
N VAL C 213 26.20 -7.54 -14.97
CA VAL C 213 25.16 -8.37 -14.28
C VAL C 213 24.72 -7.65 -13.00
N GLN C 214 23.47 -7.17 -12.97
CA GLN C 214 22.98 -6.28 -11.89
C GLN C 214 21.45 -6.30 -11.85
N HIS C 215 20.89 -6.58 -10.67
CA HIS C 215 19.48 -6.28 -10.31
C HIS C 215 19.45 -4.84 -9.81
N PRO C 216 18.55 -3.97 -10.33
CA PRO C 216 18.49 -2.57 -9.88
C PRO C 216 18.13 -2.45 -8.37
N GLU C 217 17.43 -3.46 -7.84
CA GLU C 217 16.97 -3.58 -6.43
C GLU C 217 17.77 -4.68 -5.71
N LEU C 218 17.37 -5.04 -4.48
CA LEU C 218 17.95 -6.12 -3.62
C LEU C 218 19.50 -6.05 -3.57
N GLU C 219 20.16 -5.71 -4.68
CA GLU C 219 21.56 -5.20 -4.75
C GLU C 219 22.56 -6.24 -4.18
N HIS C 220 22.33 -7.55 -4.37
CA HIS C 220 23.22 -8.64 -3.88
C HIS C 220 23.51 -9.72 -4.94
N ILE C 221 22.65 -9.88 -5.95
CA ILE C 221 22.74 -11.01 -6.93
C ILE C 221 23.89 -10.76 -7.93
N LYS C 222 23.83 -9.70 -8.74
CA LYS C 222 24.82 -9.28 -9.78
C LYS C 222 25.60 -10.46 -10.43
N THR C 223 24.95 -11.56 -10.84
CA THR C 223 25.62 -12.76 -11.43
C THR C 223 24.74 -13.44 -12.48
N VAL C 224 25.34 -14.15 -13.44
CA VAL C 224 24.65 -15.07 -14.40
C VAL C 224 25.02 -16.53 -14.01
N ASP C 225 24.29 -17.08 -13.04
CA ASP C 225 24.61 -18.39 -12.37
C ASP C 225 23.93 -19.56 -13.11
N LEU C 226 23.37 -19.31 -14.30
CA LEU C 226 22.42 -20.20 -15.03
C LEU C 226 22.62 -20.06 -16.54
N VAL C 227 22.49 -21.16 -17.30
CA VAL C 227 22.58 -21.15 -18.78
C VAL C 227 21.46 -22.00 -19.37
N GLU C 228 20.45 -21.35 -19.94
CA GLU C 228 19.29 -21.98 -20.60
C GLU C 228 19.63 -22.13 -22.09
N ILE C 229 19.63 -23.36 -22.63
CA ILE C 229 19.69 -23.63 -24.11
C ILE C 229 18.37 -24.28 -24.53
N TYR C 230 17.74 -23.74 -25.58
CA TYR C 230 16.37 -24.10 -26.03
C TYR C 230 16.29 -24.25 -27.55
N ASP C 231 15.29 -25.02 -27.98
CA ASP C 231 15.04 -25.44 -29.39
C ASP C 231 13.64 -26.03 -29.50
N GLU C 232 13.10 -26.12 -30.72
CA GLU C 232 11.77 -26.70 -31.01
C GLU C 232 11.59 -28.02 -30.24
N PRO C 233 10.41 -28.24 -29.62
CA PRO C 233 10.16 -29.44 -28.84
C PRO C 233 9.78 -30.63 -29.73
N SER C 234 10.44 -31.77 -29.52
CA SER C 234 10.05 -33.11 -30.04
C SER C 234 9.07 -33.78 -29.06
N ASN C 235 8.33 -32.98 -28.28
CA ASN C 235 7.05 -33.36 -27.62
C ASN C 235 5.94 -32.53 -28.25
N PRO C 236 4.74 -33.11 -28.52
CA PRO C 236 3.66 -32.35 -29.13
C PRO C 236 3.28 -31.11 -28.31
N GLU C 237 2.91 -31.32 -27.04
CA GLU C 237 2.65 -30.22 -26.05
C GLU C 237 3.98 -29.52 -25.77
N ALA C 238 3.94 -28.35 -25.12
CA ALA C 238 5.13 -27.53 -24.76
C ALA C 238 5.64 -26.74 -25.98
N THR C 239 6.00 -25.47 -25.77
CA THR C 239 6.33 -24.52 -26.86
C THR C 239 7.77 -24.78 -27.30
N TYR C 240 8.62 -25.25 -26.39
CA TYR C 240 10.08 -25.37 -26.60
C TYR C 240 10.64 -26.42 -25.65
N LYS C 241 11.77 -27.04 -26.02
CA LYS C 241 12.68 -27.78 -25.09
C LYS C 241 13.74 -26.81 -24.56
N ASN C 242 13.96 -26.74 -23.24
CA ASN C 242 15.17 -26.13 -22.67
C ASN C 242 15.87 -27.13 -21.75
N VAL C 243 17.18 -26.96 -21.61
CA VAL C 243 18.04 -27.65 -20.60
C VAL C 243 18.80 -26.55 -19.89
N VAL C 244 18.97 -26.66 -18.57
CA VAL C 244 19.45 -25.54 -17.71
C VAL C 244 20.72 -25.95 -16.96
N ILE C 245 21.85 -25.30 -17.26
CA ILE C 245 23.18 -25.63 -16.64
C ILE C 245 23.48 -24.61 -15.54
N PHE C 246 24.00 -25.08 -14.40
CA PHE C 246 24.26 -24.25 -13.20
C PHE C 246 25.24 -24.94 -12.26
N GLY C 247 25.51 -24.28 -11.13
CA GLY C 247 26.25 -24.82 -9.96
C GLY C 247 27.28 -25.88 -10.32
N GLN C 248 28.53 -25.47 -10.58
CA GLN C 248 29.73 -26.35 -10.66
C GLN C 248 29.49 -27.43 -11.74
N GLY C 249 28.79 -27.12 -12.83
CA GLY C 249 28.57 -28.08 -13.94
C GLY C 249 27.62 -29.21 -13.58
N GLN C 250 26.40 -28.87 -13.16
CA GLN C 250 25.28 -29.83 -13.04
C GLN C 250 24.17 -29.38 -14.01
N VAL C 251 23.26 -30.30 -14.34
CA VAL C 251 22.17 -30.10 -15.34
C VAL C 251 20.83 -30.39 -14.64
N ASP C 252 19.77 -29.69 -15.05
CA ASP C 252 18.44 -29.69 -14.40
C ASP C 252 17.52 -30.66 -15.14
N ARG C 253 16.97 -31.66 -14.46
CA ARG C 253 16.13 -32.70 -15.12
C ARG C 253 14.72 -32.18 -15.38
N SER C 254 14.31 -31.06 -14.77
CA SER C 254 13.03 -30.37 -15.05
C SER C 254 13.30 -29.20 -15.99
N PRO C 255 12.25 -28.52 -16.49
CA PRO C 255 12.45 -27.33 -17.35
C PRO C 255 13.12 -26.13 -16.66
N CYS C 256 12.93 -25.96 -15.34
CA CYS C 256 13.78 -25.17 -14.41
C CYS C 256 13.00 -24.17 -13.54
N GLY C 257 11.72 -23.97 -13.81
CA GLY C 257 10.92 -23.03 -13.01
C GLY C 257 11.46 -21.62 -13.15
N THR C 258 12.47 -21.27 -12.37
CA THR C 258 13.15 -19.94 -12.49
C THR C 258 13.48 -19.72 -13.98
N GLY C 259 13.96 -20.76 -14.66
CA GLY C 259 14.41 -20.72 -16.06
C GLY C 259 13.27 -20.49 -17.01
N THR C 260 12.08 -20.94 -16.64
CA THR C 260 10.82 -20.70 -17.41
C THR C 260 10.30 -19.30 -17.09
N SER C 261 10.26 -18.93 -15.80
CA SER C 261 9.77 -17.60 -15.32
C SER C 261 10.62 -16.48 -15.96
N ALA C 262 11.93 -16.70 -16.05
CA ALA C 262 12.85 -15.88 -16.86
C ALA C 262 12.32 -15.86 -18.29
N LYS C 263 12.49 -16.96 -19.02
CA LYS C 263 12.17 -17.08 -20.48
C LYS C 263 10.82 -16.47 -20.82
N LEU C 264 9.82 -16.55 -19.92
CA LEU C 264 8.47 -15.96 -20.12
C LEU C 264 8.58 -14.44 -20.30
N ALA C 265 9.33 -13.78 -19.42
CA ALA C 265 9.58 -12.33 -19.47
C ALA C 265 10.24 -11.91 -20.80
N THR C 266 10.93 -12.84 -21.48
CA THR C 266 11.72 -12.59 -22.72
C THR C 266 11.08 -13.27 -23.93
N LEU C 267 9.89 -13.84 -23.76
CA LEU C 267 8.78 -13.68 -24.74
C LEU C 267 8.05 -12.42 -24.26
N TYR C 268 6.77 -12.25 -24.57
CA TYR C 268 5.96 -11.17 -23.96
C TYR C 268 6.58 -9.83 -24.36
N LYS C 269 7.64 -9.40 -23.68
CA LYS C 269 8.59 -8.39 -24.22
C LYS C 269 9.28 -9.04 -25.43
N LYS C 270 8.56 -9.13 -26.55
CA LYS C 270 8.90 -9.89 -27.79
C LYS C 270 7.63 -10.02 -28.64
N GLY C 271 6.48 -10.17 -27.97
CA GLY C 271 5.13 -10.05 -28.56
C GLY C 271 4.48 -11.40 -28.83
N HIS C 272 5.17 -12.50 -28.52
CA HIS C 272 4.74 -13.90 -28.81
C HIS C 272 4.06 -14.53 -27.58
N LEU C 273 3.49 -13.72 -26.70
CA LEU C 273 2.79 -14.17 -25.46
C LEU C 273 1.94 -13.01 -24.92
N LYS C 274 0.67 -13.26 -24.60
CA LYS C 274 -0.28 -12.28 -23.99
C LYS C 274 -0.61 -12.71 -22.56
N ILE C 275 -0.73 -11.75 -21.63
CA ILE C 275 -0.98 -12.02 -20.18
C ILE C 275 -1.95 -13.20 -20.08
N ASP C 276 -1.67 -14.12 -19.15
CA ASP C 276 -2.17 -15.51 -19.18
C ASP C 276 -1.59 -16.17 -20.45
N GLU C 277 -2.42 -16.87 -21.23
CA GLU C 277 -2.00 -17.67 -22.42
C GLU C 277 -1.01 -18.74 -21.96
N LYS C 278 -1.48 -19.98 -21.85
CA LYS C 278 -0.68 -21.14 -21.39
C LYS C 278 0.66 -21.18 -22.13
N PHE C 279 1.76 -21.02 -21.41
CA PHE C 279 3.10 -21.49 -21.81
C PHE C 279 3.34 -22.83 -21.14
N VAL C 280 3.86 -23.78 -21.91
CA VAL C 280 4.35 -25.09 -21.39
C VAL C 280 5.79 -25.24 -21.85
N TYR C 281 6.70 -25.48 -20.89
CA TYR C 281 8.14 -25.71 -21.12
C TYR C 281 8.47 -27.19 -20.92
N GLU C 282 9.10 -27.77 -21.95
CA GLU C 282 9.69 -29.11 -21.95
C GLU C 282 11.12 -29.02 -21.37
N SER C 283 11.53 -30.05 -20.61
CA SER C 283 12.89 -30.23 -20.01
C SER C 283 13.80 -31.01 -20.98
N ILE C 284 14.99 -31.42 -20.54
CA ILE C 284 15.95 -32.21 -21.36
C ILE C 284 15.66 -33.71 -21.14
N THR C 285 14.97 -34.04 -20.05
CA THR C 285 14.14 -35.27 -19.92
C THR C 285 12.80 -34.97 -20.61
N GLY C 286 11.89 -35.94 -20.72
CA GLY C 286 10.61 -35.76 -21.44
C GLY C 286 9.60 -34.89 -20.70
N THR C 287 9.98 -34.25 -19.59
CA THR C 287 9.06 -33.69 -18.54
C THR C 287 8.82 -32.19 -18.76
N MET C 288 7.67 -31.67 -18.30
CA MET C 288 7.14 -30.33 -18.67
C MET C 288 6.68 -29.57 -17.43
N PHE C 289 6.71 -28.23 -17.49
CA PHE C 289 6.08 -27.29 -16.53
C PHE C 289 5.01 -26.44 -17.24
N LYS C 290 3.97 -26.01 -16.52
CA LYS C 290 2.87 -25.19 -17.11
C LYS C 290 3.01 -23.75 -16.64
N GLY C 291 3.81 -22.96 -17.37
CA GLY C 291 4.10 -21.56 -17.03
C GLY C 291 3.17 -20.60 -17.74
N ARG C 292 3.05 -19.39 -17.21
CA ARG C 292 2.25 -18.30 -17.82
C ARG C 292 2.56 -16.99 -17.13
N VAL C 293 2.27 -15.89 -17.82
CA VAL C 293 2.53 -14.49 -17.36
C VAL C 293 1.29 -13.97 -16.66
N LEU C 294 1.47 -13.41 -15.47
CA LEU C 294 0.35 -13.04 -14.55
C LEU C 294 0.00 -11.56 -14.73
N GLU C 295 1.01 -10.70 -14.70
CA GLU C 295 0.83 -9.24 -14.58
C GLU C 295 2.13 -8.51 -14.96
N GLU C 296 2.01 -7.24 -15.40
CA GLU C 296 3.15 -6.37 -15.79
C GLU C 296 3.76 -5.73 -14.54
N THR C 297 5.03 -5.31 -14.62
CA THR C 297 5.79 -4.58 -13.57
C THR C 297 7.12 -4.09 -14.17
N LYS C 298 7.43 -2.80 -14.06
CA LYS C 298 8.77 -2.28 -14.47
C LYS C 298 9.69 -2.27 -13.24
N VAL C 299 10.59 -3.23 -13.15
CA VAL C 299 11.54 -3.40 -12.00
C VAL C 299 12.49 -2.18 -12.00
N GLY C 300 12.55 -1.48 -10.86
CA GLY C 300 13.45 -0.35 -10.57
C GLY C 300 13.64 0.60 -11.74
N GLU C 301 14.41 0.18 -12.75
CA GLU C 301 14.89 1.03 -13.86
C GLU C 301 14.19 0.65 -15.17
N PHE C 302 13.94 -0.66 -15.41
CA PHE C 302 13.45 -1.20 -16.71
C PHE C 302 12.19 -2.06 -16.52
N ASP C 303 11.40 -2.18 -17.60
CA ASP C 303 10.10 -2.92 -17.64
C ASP C 303 10.34 -4.38 -17.23
N ALA C 304 9.26 -5.09 -16.88
CA ALA C 304 9.33 -6.49 -16.40
C ALA C 304 7.93 -7.13 -16.39
N ILE C 305 7.73 -8.14 -15.53
CA ILE C 305 6.57 -9.08 -15.48
C ILE C 305 6.70 -9.94 -14.22
N ILE C 306 5.59 -10.34 -13.63
CA ILE C 306 5.56 -11.37 -12.54
C ILE C 306 4.85 -12.61 -13.09
N PRO C 307 5.58 -13.74 -13.25
CA PRO C 307 5.02 -14.97 -13.81
C PRO C 307 4.51 -15.94 -12.73
N GLU C 308 3.86 -17.02 -13.19
CA GLU C 308 3.35 -18.13 -12.36
C GLU C 308 3.79 -19.45 -12.98
N ILE C 309 4.58 -20.22 -12.24
CA ILE C 309 5.07 -21.55 -12.69
C ILE C 309 4.26 -22.64 -11.97
N THR C 310 3.85 -23.66 -12.73
CA THR C 310 2.99 -24.76 -12.23
C THR C 310 3.68 -26.10 -12.54
N GLY C 311 3.95 -26.89 -11.49
CA GLY C 311 4.55 -28.22 -11.60
C GLY C 311 3.89 -29.21 -10.66
N GLY C 312 4.67 -30.18 -10.12
CA GLY C 312 4.17 -31.22 -9.20
C GLY C 312 5.25 -32.22 -8.79
N ALA C 313 5.51 -32.30 -7.47
CA ALA C 313 6.57 -33.13 -6.84
C ALA C 313 5.97 -34.42 -6.25
N TYR C 314 6.85 -35.32 -5.83
CA TYR C 314 6.53 -36.66 -5.27
C TYR C 314 7.61 -37.09 -4.28
N ILE C 315 7.20 -37.65 -3.14
CA ILE C 315 8.13 -38.15 -2.09
C ILE C 315 8.76 -39.45 -2.60
N THR C 316 10.04 -39.63 -2.35
CA THR C 316 10.83 -40.74 -2.93
C THR C 316 11.63 -41.46 -1.84
N GLY C 317 11.40 -41.14 -0.57
CA GLY C 317 12.13 -41.78 0.55
C GLY C 317 12.33 -40.86 1.74
N PHE C 318 12.46 -41.46 2.93
CA PHE C 318 12.77 -40.79 4.21
C PHE C 318 14.14 -41.27 4.71
N ASN C 319 14.95 -40.30 5.14
CA ASN C 319 16.36 -40.50 5.55
C ASN C 319 16.56 -40.05 6.98
N HIS C 320 17.18 -40.90 7.76
CA HIS C 320 18.06 -40.48 8.88
C HIS C 320 19.46 -40.60 8.29
N PHE C 321 19.99 -39.49 7.74
CA PHE C 321 21.41 -39.39 7.30
C PHE C 321 22.31 -39.34 8.54
N VAL C 322 23.38 -40.13 8.52
CA VAL C 322 24.29 -40.25 9.68
C VAL C 322 25.70 -40.24 9.14
N ILE C 323 26.61 -39.62 9.89
CA ILE C 323 28.06 -39.51 9.54
C ILE C 323 28.90 -40.23 10.61
N ASP C 324 29.47 -41.37 10.24
CA ASP C 324 30.47 -42.07 11.07
C ASP C 324 31.65 -41.12 11.10
N PRO C 325 32.09 -40.63 12.27
CA PRO C 325 33.19 -39.65 12.32
C PRO C 325 34.48 -40.24 11.75
N GLU C 326 34.55 -41.56 11.61
CA GLU C 326 35.72 -42.26 11.02
C GLU C 326 35.66 -42.12 9.51
N ASP C 327 34.45 -42.18 8.95
CA ASP C 327 34.20 -41.98 7.50
C ASP C 327 35.09 -40.84 7.03
N PRO C 328 36.23 -41.12 6.35
CA PRO C 328 37.12 -40.05 5.90
C PRO C 328 36.42 -39.07 4.93
N LEU C 329 35.40 -39.54 4.20
CA LEU C 329 34.57 -38.74 3.26
C LEU C 329 33.29 -38.35 3.98
N LYS C 330 33.36 -38.10 5.30
CA LYS C 330 32.17 -37.77 6.12
C LYS C 330 31.48 -36.56 5.47
N TYR C 331 32.26 -35.57 5.04
CA TYR C 331 31.73 -34.29 4.49
C TYR C 331 31.70 -34.35 2.96
N GLY C 332 31.96 -35.52 2.37
CA GLY C 332 31.62 -35.83 0.97
C GLY C 332 32.58 -35.15 0.01
N PHE C 333 32.58 -35.56 -1.27
CA PHE C 333 33.62 -35.22 -2.28
C PHE C 333 32.94 -34.93 -3.62
N THR C 334 33.70 -34.73 -4.70
CA THR C 334 33.14 -34.25 -6.00
C THR C 334 33.45 -35.23 -7.15
N VAL C 335 34.73 -35.29 -7.56
CA VAL C 335 35.22 -35.68 -8.92
C VAL C 335 35.44 -34.37 -9.70
N MET D 1 24.12 38.41 42.71
CA MET D 1 23.98 37.17 41.92
C MET D 1 25.36 36.69 41.45
N LYS D 2 26.24 37.60 41.02
CA LYS D 2 27.69 37.38 40.75
C LYS D 2 27.89 36.39 39.58
N PHE D 3 28.49 36.82 38.47
CA PHE D 3 28.56 36.01 37.25
C PHE D 3 29.79 36.28 36.39
N SER D 4 30.40 37.44 36.43
CA SER D 4 31.47 37.79 35.47
C SER D 4 30.78 37.75 34.10
N LYS D 5 30.73 36.60 33.42
CA LYS D 5 30.34 36.54 31.99
C LYS D 5 28.84 36.29 31.83
N GLY D 6 28.31 36.73 30.67
CA GLY D 6 26.87 36.67 30.32
C GLY D 6 26.66 36.56 28.81
N ILE D 7 26.45 35.32 28.32
CA ILE D 7 26.26 34.95 26.88
C ILE D 7 24.78 35.07 26.53
N HIS D 8 24.46 35.65 25.37
CA HIS D 8 23.11 35.58 24.77
C HIS D 8 23.15 34.49 23.70
N ALA D 9 22.12 33.64 23.63
CA ALA D 9 21.97 32.61 22.58
C ALA D 9 20.52 32.15 22.49
N ILE D 10 20.11 31.76 21.28
CA ILE D 10 18.73 31.32 20.92
C ILE D 10 18.73 29.82 20.63
N ASP D 11 17.92 29.05 21.36
CA ASP D 11 17.80 27.58 21.16
C ASP D 11 16.82 27.33 20.02
N SER D 12 17.26 26.62 18.98
CA SER D 12 16.41 26.12 17.87
C SER D 12 16.39 24.59 17.93
N HIS D 13 15.72 23.96 16.95
CA HIS D 13 15.78 22.50 16.68
C HIS D 13 15.44 22.27 15.21
N THR D 14 16.37 21.68 14.45
CA THR D 14 16.23 21.31 13.01
C THR D 14 15.95 19.81 12.84
N MET D 15 14.66 19.42 12.84
CA MET D 15 14.19 18.02 12.71
C MET D 15 14.66 17.21 13.93
N GLY D 16 14.54 17.78 15.13
CA GLY D 16 14.86 17.11 16.41
C GLY D 16 16.27 17.41 16.88
N GLU D 17 17.25 17.44 15.96
CA GLU D 17 18.67 17.69 16.31
C GLU D 17 18.83 19.14 16.74
N PRO D 18 19.13 19.39 18.04
CA PRO D 18 19.24 20.76 18.55
C PRO D 18 20.35 21.59 17.90
N THR D 19 20.07 22.86 17.61
CA THR D 19 21.06 23.89 17.21
C THR D 19 20.89 25.13 18.11
N ARG D 20 21.88 25.38 18.96
CA ARG D 20 21.93 26.53 19.90
C ARG D 20 22.76 27.62 19.23
N ILE D 21 22.15 28.76 18.92
CA ILE D 21 22.78 29.86 18.12
C ILE D 21 23.21 30.98 19.08
N VAL D 22 24.46 31.40 18.97
CA VAL D 22 25.06 32.39 19.90
C VAL D 22 24.95 33.78 19.29
N VAL D 23 24.64 34.79 20.09
CA VAL D 23 24.24 36.14 19.57
C VAL D 23 25.12 37.26 20.17
N GLY D 24 25.02 37.54 21.48
CA GLY D 24 25.41 38.84 22.08
C GLY D 24 26.55 38.78 23.09
N GLY D 25 26.98 37.58 23.49
CA GLY D 25 27.99 37.34 24.55
C GLY D 25 29.41 37.71 24.14
N ILE D 26 29.57 38.20 22.90
CA ILE D 26 30.80 38.87 22.36
C ILE D 26 30.35 39.82 21.25
N PRO D 27 31.02 40.99 21.05
CA PRO D 27 30.77 41.86 19.89
C PRO D 27 31.78 41.77 18.73
N GLN D 28 32.76 40.85 18.85
CA GLN D 28 33.98 40.76 18.00
C GLN D 28 34.66 39.38 18.15
N ILE D 29 35.32 38.94 17.07
CA ILE D 29 36.22 37.74 16.97
C ILE D 29 36.94 37.89 15.63
N ASN D 30 38.27 38.03 15.65
CA ASN D 30 39.05 38.52 14.48
C ASN D 30 39.08 37.47 13.37
N GLY D 31 39.64 36.28 13.65
CA GLY D 31 39.81 35.17 12.69
C GLY D 31 40.35 35.65 11.35
N GLU D 32 39.45 36.09 10.46
CA GLU D 32 39.67 36.67 9.10
C GLU D 32 38.76 35.94 8.09
N THR D 33 39.18 34.77 7.57
CA THR D 33 38.34 33.81 6.78
C THR D 33 37.58 32.90 7.77
N MET D 34 36.47 32.29 7.35
CA MET D 34 35.55 31.54 8.25
C MET D 34 36.13 30.14 8.55
N ALA D 35 37.39 29.89 8.15
CA ALA D 35 38.27 28.83 8.70
C ALA D 35 39.18 29.41 9.79
N ASP D 36 39.72 30.63 9.60
CA ASP D 36 40.65 31.34 10.53
C ASP D 36 39.89 31.90 11.74
N LYS D 37 38.58 32.05 11.64
CA LYS D 37 37.68 32.34 12.79
C LYS D 37 37.52 31.05 13.61
N LYS D 38 37.22 29.93 12.94
CA LYS D 38 37.04 28.59 13.56
C LYS D 38 38.31 28.17 14.29
N LYS D 39 39.49 28.38 13.68
CA LYS D 39 40.79 28.07 14.33
C LYS D 39 40.98 28.99 15.54
N TYR D 40 40.74 30.29 15.39
CA TYR D 40 40.85 31.31 16.48
C TYR D 40 40.09 30.79 17.71
N LEU D 41 38.81 30.47 17.54
CA LEU D 41 37.89 29.86 18.55
C LEU D 41 38.50 28.60 19.18
N GLU D 42 38.73 27.59 18.35
CA GLU D 42 39.33 26.25 18.65
C GLU D 42 40.57 26.40 19.55
N ASP D 43 41.43 27.36 19.22
CA ASP D 43 42.76 27.60 19.84
C ASP D 43 42.72 28.90 20.69
N ASN D 44 41.58 29.23 21.32
CA ASN D 44 41.49 30.41 22.22
C ASN D 44 40.24 30.40 23.11
N LEU D 45 39.04 30.25 22.53
CA LEU D 45 37.77 30.20 23.30
C LEU D 45 37.12 28.84 23.06
N ASP D 46 37.87 27.77 23.25
CA ASP D 46 37.26 26.42 23.29
C ASP D 46 36.33 26.38 24.51
N TYR D 47 36.64 27.21 25.53
CA TYR D 47 35.95 27.27 26.85
C TYR D 47 34.53 27.80 26.73
N VAL D 48 34.19 28.37 25.58
CA VAL D 48 32.79 28.66 25.20
C VAL D 48 32.15 27.34 24.73
N ARG D 49 32.77 26.67 23.74
CA ARG D 49 32.23 25.43 23.14
C ARG D 49 31.84 24.46 24.26
N THR D 50 32.84 24.04 25.04
CA THR D 50 32.71 23.04 26.14
C THR D 50 31.61 23.48 27.11
N ALA D 51 31.62 24.76 27.53
CA ALA D 51 30.68 25.34 28.52
C ALA D 51 29.22 25.22 28.02
N LEU D 52 28.99 25.32 26.72
CA LEU D 52 27.63 25.33 26.11
C LEU D 52 27.25 23.94 25.60
N MET D 53 28.15 23.25 24.91
CA MET D 53 27.84 21.95 24.28
C MET D 53 27.88 20.83 25.32
N HIS D 54 28.82 20.87 26.26
CA HIS D 54 28.87 19.90 27.37
C HIS D 54 27.96 20.37 28.49
N GLU D 55 27.67 19.44 29.41
CA GLU D 55 26.91 19.64 30.66
C GLU D 55 27.59 20.74 31.46
N PRO D 56 26.91 21.32 32.47
CA PRO D 56 25.52 21.01 32.78
C PRO D 56 24.53 21.85 31.97
N ARG D 57 25.04 22.63 30.99
CA ARG D 57 24.25 23.59 30.17
C ARG D 57 23.80 22.94 28.86
N GLY D 58 24.60 22.01 28.33
CA GLY D 58 24.25 21.16 27.17
C GLY D 58 24.36 19.69 27.52
N HIS D 59 24.57 18.82 26.53
CA HIS D 59 24.61 17.34 26.68
C HIS D 59 25.42 16.66 25.58
N ASN D 60 25.69 15.37 25.79
CA ASN D 60 26.08 14.38 24.75
C ASN D 60 25.02 14.48 23.64
N ASP D 61 25.47 14.39 22.39
CA ASP D 61 24.76 15.02 21.25
C ASP D 61 24.90 16.52 21.49
N MET D 62 23.80 17.25 21.35
CA MET D 62 23.80 18.72 21.45
C MET D 62 24.67 19.25 20.32
N PHE D 63 24.35 20.44 19.81
CA PHE D 63 25.06 21.07 18.69
C PHE D 63 24.74 22.56 18.77
N GLY D 64 25.65 23.40 18.30
CA GLY D 64 25.44 24.87 18.23
C GLY D 64 26.31 25.56 17.21
N SER D 65 26.04 26.85 17.03
CA SER D 65 26.61 27.68 15.94
C SER D 65 26.80 29.10 16.46
N ILE D 66 27.89 29.72 16.03
CA ILE D 66 28.19 31.15 16.28
C ILE D 66 27.80 31.97 15.04
N ILE D 67 26.98 33.00 15.25
CA ILE D 67 26.72 34.09 14.26
C ILE D 67 27.83 35.12 14.42
N THR D 68 28.53 35.44 13.33
CA THR D 68 29.75 36.30 13.31
C THR D 68 29.51 37.54 12.43
N SER D 69 30.38 38.54 12.60
CA SER D 69 30.71 39.54 11.55
C SER D 69 31.33 38.77 10.37
N SER D 70 30.91 39.06 9.14
CA SER D 70 31.28 38.32 7.91
C SER D 70 32.76 38.56 7.56
N ASN D 71 33.10 39.81 7.18
CA ASN D 71 34.33 40.22 6.43
C ASN D 71 34.06 40.07 4.94
N ASN D 72 33.61 38.89 4.52
CA ASN D 72 33.39 38.46 3.11
C ASN D 72 32.48 39.46 2.37
N LYS D 73 32.41 39.30 1.03
CA LYS D 73 31.46 39.96 0.11
C LYS D 73 30.16 39.15 0.04
N GLU D 74 29.11 39.68 -0.59
CA GLU D 74 27.81 38.98 -0.79
C GLU D 74 27.24 38.52 0.56
N ALA D 75 27.89 37.55 1.21
CA ALA D 75 27.48 36.82 2.44
C ALA D 75 27.08 37.77 3.59
N ASP D 76 25.82 37.66 4.06
CA ASP D 76 25.34 38.27 5.33
C ASP D 76 25.94 37.48 6.50
N PHE D 77 26.41 38.16 7.56
CA PHE D 77 27.06 37.55 8.76
C PHE D 77 27.93 36.33 8.36
N GLY D 78 28.38 35.54 9.34
CA GLY D 78 29.15 34.31 9.13
C GLY D 78 28.90 33.28 10.23
N ILE D 79 28.94 31.98 9.88
CA ILE D 79 28.53 30.87 10.78
C ILE D 79 29.76 30.03 11.15
N ILE D 80 29.87 29.61 12.43
CA ILE D 80 30.89 28.64 12.93
C ILE D 80 30.19 27.52 13.70
N PHE D 81 30.10 26.34 13.08
CA PHE D 81 29.49 25.13 13.67
C PHE D 81 30.40 24.57 14.76
N MET D 82 29.78 24.10 15.84
CA MET D 82 30.49 23.54 17.01
C MET D 82 29.64 22.41 17.58
N ASP D 83 30.28 21.37 18.09
CA ASP D 83 29.61 20.17 18.64
C ASP D 83 30.36 19.70 19.90
N GLY D 84 29.71 18.82 20.67
CA GLY D 84 30.30 18.18 21.85
C GLY D 84 31.78 17.86 21.61
N GLY D 85 32.12 17.44 20.39
CA GLY D 85 33.48 17.00 19.99
C GLY D 85 34.39 18.15 19.61
N GLY D 86 34.03 18.89 18.55
CA GLY D 86 34.84 20.00 18.04
C GLY D 86 34.01 20.97 17.21
N TYR D 87 34.56 21.43 16.09
CA TYR D 87 34.01 22.47 15.19
C TYR D 87 33.79 21.84 13.81
N LEU D 88 32.53 21.51 13.48
CA LEU D 88 32.13 20.83 12.20
C LEU D 88 32.26 21.80 11.02
N ASN D 89 33.01 21.41 9.99
CA ASN D 89 33.40 22.24 8.81
C ASN D 89 32.14 22.76 8.10
N MET D 90 31.13 21.89 8.03
CA MET D 90 29.81 22.24 7.43
C MET D 90 28.77 21.28 8.02
N CYS D 91 27.55 21.81 8.23
CA CYS D 91 26.37 21.09 8.78
C CYS D 91 25.09 21.67 8.15
N GLY D 92 24.22 20.79 7.66
CA GLY D 92 22.93 21.16 7.03
C GLY D 92 21.94 21.65 8.07
N HIS D 93 21.70 20.86 9.12
CA HIS D 93 20.75 21.15 10.23
C HIS D 93 21.16 22.43 10.97
N GLY D 94 22.47 22.72 10.99
CA GLY D 94 23.00 23.98 11.56
C GLY D 94 22.63 25.14 10.66
N SER D 95 23.14 25.12 9.43
CA SER D 95 22.88 26.14 8.37
C SER D 95 21.38 26.45 8.31
N ILE D 96 20.52 25.42 8.27
CA ILE D 96 19.04 25.58 8.39
C ILE D 96 18.72 26.39 9.65
N GLY D 97 19.01 25.83 10.83
CA GLY D 97 18.74 26.48 12.12
C GLY D 97 19.11 27.95 12.04
N ALA D 98 20.38 28.21 11.73
CA ALA D 98 20.96 29.56 11.65
C ALA D 98 20.09 30.49 10.80
N ALA D 99 19.68 30.07 9.60
CA ALA D 99 18.91 30.88 8.61
C ALA D 99 17.51 31.15 9.15
N THR D 100 16.75 30.07 9.42
CA THR D 100 15.40 30.13 10.01
C THR D 100 15.34 31.24 11.06
N VAL D 101 16.29 31.22 12.01
CA VAL D 101 16.28 32.07 13.24
C VAL D 101 16.70 33.50 12.86
N ALA D 102 17.63 33.66 11.94
CA ALA D 102 18.13 34.98 11.48
C ALA D 102 16.93 35.82 11.03
N VAL D 103 16.20 35.25 10.07
CA VAL D 103 14.95 35.84 9.51
C VAL D 103 13.96 35.99 10.68
N GLU D 104 13.44 34.88 11.21
CA GLU D 104 12.42 34.83 12.31
C GLU D 104 12.62 35.93 13.36
N THR D 105 13.85 36.16 13.83
CA THR D 105 14.16 37.16 14.89
C THR D 105 14.19 38.55 14.27
N GLY D 106 14.53 38.64 12.99
CA GLY D 106 14.60 39.89 12.23
C GLY D 106 16.00 40.46 12.28
N MET D 107 16.99 39.58 12.32
CA MET D 107 18.41 39.93 12.10
C MET D 107 18.64 40.08 10.59
N VAL D 108 17.87 39.34 9.79
CA VAL D 108 17.64 39.60 8.33
C VAL D 108 16.24 40.18 8.22
N GLU D 109 16.06 41.26 7.46
CA GLU D 109 14.70 41.76 7.10
C GLU D 109 14.18 40.79 6.02
N MET D 110 13.01 40.19 6.25
CA MET D 110 12.50 39.04 5.44
C MET D 110 11.89 39.55 4.12
N VAL D 111 12.14 38.82 3.03
CA VAL D 111 11.56 39.06 1.69
C VAL D 111 10.49 37.98 1.45
N GLU D 112 9.35 38.37 0.86
CA GLU D 112 8.06 37.66 1.00
C GLU D 112 8.04 36.34 0.23
N PRO D 113 8.28 36.29 -1.10
CA PRO D 113 8.23 35.02 -1.83
C PRO D 113 9.13 33.99 -1.15
N VAL D 114 10.42 34.35 -1.06
CA VAL D 114 11.52 33.58 -0.40
C VAL D 114 12.48 34.64 0.13
N THR D 115 13.36 34.31 1.07
CA THR D 115 14.52 35.16 1.40
C THR D 115 15.77 34.36 1.05
N ASN D 116 16.69 34.97 0.30
CA ASN D 116 18.05 34.41 0.06
C ASN D 116 18.93 34.81 1.26
N ILE D 117 19.74 33.87 1.75
CA ILE D 117 20.77 34.11 2.80
C ILE D 117 22.06 33.42 2.37
N ASN D 118 23.10 34.22 2.17
CA ASN D 118 24.49 33.77 1.87
C ASN D 118 25.27 33.80 3.19
N MET D 119 25.64 32.62 3.72
CA MET D 119 26.38 32.46 4.99
C MET D 119 27.78 31.94 4.68
N GLU D 120 28.75 32.30 5.53
CA GLU D 120 30.20 32.00 5.36
C GLU D 120 30.46 30.49 5.46
N ALA D 121 30.57 29.94 6.69
CA ALA D 121 30.86 28.53 7.05
C ALA D 121 32.34 28.19 6.88
N PRO D 122 32.89 27.27 7.72
CA PRO D 122 34.28 26.84 7.59
C PRO D 122 34.66 26.02 6.35
N ALA D 123 33.69 25.58 5.53
CA ALA D 123 33.92 24.87 4.24
C ALA D 123 33.11 25.54 3.13
N GLY D 124 33.72 26.53 2.46
CA GLY D 124 33.13 27.30 1.34
C GLY D 124 32.13 28.33 1.81
N LEU D 125 31.22 28.73 0.92
CA LEU D 125 29.96 29.49 1.22
C LEU D 125 28.82 28.48 1.27
N ILE D 126 27.64 28.89 1.76
CA ILE D 126 26.34 28.19 1.52
C ILE D 126 25.25 29.23 1.32
N LYS D 127 24.26 28.91 0.49
CA LYS D 127 23.05 29.73 0.27
C LYS D 127 21.84 28.94 0.72
N ALA D 128 20.99 29.58 1.52
CA ALA D 128 19.71 29.04 2.00
C ALA D 128 18.55 29.79 1.34
N LYS D 129 17.69 29.07 0.60
CA LYS D 129 16.39 29.60 0.14
C LYS D 129 15.39 29.48 1.30
N VAL D 130 14.97 30.61 1.87
CA VAL D 130 14.08 30.66 3.08
C VAL D 130 12.64 30.97 2.64
N MET D 131 11.84 29.90 2.47
CA MET D 131 10.40 29.94 2.14
C MET D 131 9.61 30.56 3.28
N VAL D 132 9.08 31.75 3.09
CA VAL D 132 8.25 32.43 4.12
C VAL D 132 6.81 32.54 3.61
N GLU D 133 5.85 32.04 4.40
CA GLU D 133 4.39 32.04 4.12
C GLU D 133 3.79 33.35 4.62
N ASN D 134 3.87 34.41 3.83
CA ASN D 134 3.49 35.79 4.23
C ASN D 134 4.10 36.09 5.61
N GLU D 135 3.66 35.39 6.65
CA GLU D 135 4.00 35.66 8.06
C GLU D 135 5.26 34.87 8.47
N LYS D 136 5.27 33.55 8.23
CA LYS D 136 6.17 32.57 8.90
C LYS D 136 7.30 32.13 7.96
N VAL D 137 8.30 31.45 8.52
CA VAL D 137 9.24 30.59 7.75
C VAL D 137 8.62 29.22 7.63
N LYS D 138 8.27 28.80 6.41
CA LYS D 138 7.69 27.46 6.12
C LYS D 138 8.79 26.39 6.18
N GLU D 139 9.89 26.55 5.44
CA GLU D 139 11.03 25.61 5.46
C GLU D 139 12.26 26.29 4.89
N VAL D 140 13.28 25.52 4.46
CA VAL D 140 14.57 26.07 3.97
C VAL D 140 15.25 25.06 3.04
N SER D 141 15.61 25.51 1.84
CA SER D 141 16.43 24.76 0.87
C SER D 141 17.87 25.29 0.94
N ILE D 142 18.72 24.60 1.68
CA ILE D 142 20.18 24.90 1.70
C ILE D 142 20.81 24.18 0.49
N THR D 143 21.64 24.90 -0.27
CA THR D 143 22.47 24.40 -1.42
C THR D 143 23.91 24.22 -0.96
N ASN D 144 24.47 23.00 -1.11
CA ASN D 144 25.62 22.50 -0.32
C ASN D 144 26.85 22.24 -1.17
N VAL D 145 28.02 22.39 -0.55
CA VAL D 145 29.39 22.11 -1.10
C VAL D 145 29.32 20.97 -2.10
N PRO D 146 30.14 21.02 -3.17
CA PRO D 146 30.30 19.89 -4.08
C PRO D 146 30.54 18.59 -3.32
N SER D 147 29.51 17.73 -3.29
CA SER D 147 29.56 16.33 -2.76
C SER D 147 30.09 15.41 -3.87
N PHE D 148 30.51 14.19 -3.53
CA PHE D 148 31.02 13.18 -4.49
C PHE D 148 31.18 11.82 -3.85
N LEU D 149 31.34 10.79 -4.68
CA LEU D 149 31.77 9.41 -4.28
C LEU D 149 33.30 9.39 -4.14
N TYR D 150 33.80 9.09 -2.94
CA TYR D 150 35.25 8.88 -2.64
C TYR D 150 35.42 7.39 -2.32
N MET D 151 36.58 6.82 -2.69
CA MET D 151 36.94 5.39 -2.52
C MET D 151 35.72 4.46 -2.69
N GLU D 152 35.71 3.68 -3.77
CA GLU D 152 34.70 2.62 -4.05
C GLU D 152 34.82 1.57 -2.93
N ASP D 153 33.67 1.16 -2.40
CA ASP D 153 33.52 0.38 -1.13
C ASP D 153 34.81 0.49 -0.30
N ALA D 154 35.74 -0.44 -0.47
CA ALA D 154 36.92 -0.68 0.41
C ALA D 154 36.50 -1.60 1.56
N LYS D 155 37.41 -2.50 1.98
CA LYS D 155 37.18 -3.46 3.10
C LYS D 155 37.40 -2.75 4.44
N LEU D 156 36.65 -3.15 5.48
CA LEU D 156 36.52 -2.39 6.75
C LEU D 156 37.31 -3.06 7.89
N GLU D 157 37.06 -4.34 8.17
CA GLU D 157 37.54 -5.04 9.39
C GLU D 157 36.94 -4.37 10.63
N VAL D 158 36.13 -5.11 11.39
CA VAL D 158 35.56 -4.70 12.71
C VAL D 158 35.89 -5.80 13.74
N PRO D 159 36.63 -5.47 14.83
CA PRO D 159 37.07 -6.49 15.78
C PRO D 159 35.89 -7.17 16.48
N SER D 160 34.95 -6.37 17.00
CA SER D 160 33.69 -6.82 17.64
C SER D 160 32.52 -6.50 16.73
N LEU D 161 32.06 -7.49 15.96
CA LEU D 161 32.61 -8.83 15.96
C LEU D 161 32.67 -9.36 14.53
N ASN D 162 33.34 -10.49 14.31
CA ASN D 162 33.37 -11.27 13.03
C ASN D 162 34.50 -10.69 12.16
N LYS D 163 34.35 -9.45 11.66
CA LYS D 163 35.24 -8.72 10.69
C LYS D 163 34.63 -8.73 9.28
N THR D 164 33.76 -7.75 8.96
CA THR D 164 32.93 -7.73 7.71
C THR D 164 33.73 -7.11 6.55
N ILE D 165 33.05 -6.61 5.50
CA ILE D 165 33.67 -6.32 4.16
C ILE D 165 33.22 -4.96 3.60
N THR D 166 32.21 -4.94 2.73
CA THR D 166 31.91 -3.80 1.82
C THR D 166 31.31 -2.63 2.61
N PHE D 167 31.45 -1.41 2.07
CA PHE D 167 30.94 -0.12 2.62
C PHE D 167 31.62 1.02 1.87
N ASP D 168 30.91 2.10 1.56
CA ASP D 168 31.45 3.22 0.74
C ASP D 168 31.68 4.45 1.63
N ILE D 169 32.45 5.41 1.08
CA ILE D 169 32.86 6.68 1.75
C ILE D 169 32.70 7.80 0.72
N SER D 170 32.21 8.97 1.16
CA SER D 170 31.83 10.11 0.28
C SER D 170 32.17 11.42 0.98
N PHE D 171 32.03 12.53 0.23
CA PHE D 171 32.13 13.90 0.75
C PHE D 171 30.81 14.66 0.50
N GLY D 172 30.44 15.52 1.45
CA GLY D 172 29.28 16.41 1.37
C GLY D 172 29.38 17.55 2.35
N GLY D 173 30.53 18.24 2.36
CA GLY D 173 30.91 19.24 3.38
C GLY D 173 31.97 18.67 4.31
N SER D 174 31.75 17.44 4.81
CA SER D 174 32.71 16.56 5.54
C SER D 174 32.78 15.18 4.86
N PHE D 175 33.64 14.28 5.33
CA PHE D 175 33.76 12.90 4.77
C PHE D 175 32.92 11.90 5.58
N PHE D 176 31.90 11.34 4.92
CA PHE D 176 30.93 10.35 5.47
C PHE D 176 31.37 8.93 5.10
N ALA D 177 31.35 8.01 6.09
CA ALA D 177 31.47 6.56 5.89
C ALA D 177 30.07 5.94 5.79
N ILE D 178 29.52 5.88 4.57
CA ILE D 178 28.20 5.23 4.30
C ILE D 178 28.45 3.71 4.31
N ILE D 179 27.77 2.99 5.21
CA ILE D 179 27.76 1.49 5.24
C ILE D 179 26.33 1.02 5.53
N HIS D 180 25.88 -0.02 4.84
CA HIS D 180 24.52 -0.59 4.99
C HIS D 180 24.41 -1.23 6.37
N ALA D 181 23.24 -1.15 7.01
CA ALA D 181 22.99 -1.70 8.37
C ALA D 181 22.90 -3.23 8.30
N LYS D 182 22.62 -3.79 7.12
CA LYS D 182 22.68 -5.24 6.83
C LYS D 182 24.14 -5.69 6.81
N GLU D 183 25.05 -4.79 6.42
CA GLU D 183 26.52 -5.05 6.32
C GLU D 183 27.07 -5.43 7.70
N LEU D 184 26.76 -4.67 8.75
CA LEU D 184 27.18 -4.97 10.15
C LEU D 184 26.02 -5.60 10.94
N GLY D 185 24.81 -5.62 10.37
CA GLY D 185 23.63 -6.28 10.97
C GLY D 185 23.12 -5.51 12.17
N VAL D 186 22.80 -4.23 11.98
CA VAL D 186 22.19 -3.34 13.01
C VAL D 186 20.80 -2.95 12.51
N LYS D 187 19.88 -2.64 13.43
CA LYS D 187 18.51 -2.12 13.14
C LYS D 187 18.45 -0.62 13.51
N VAL D 188 18.67 0.27 12.52
CA VAL D 188 18.78 1.75 12.68
C VAL D 188 17.51 2.27 13.40
N GLU D 189 17.41 2.02 14.70
CA GLU D 189 16.18 2.26 15.50
C GLU D 189 16.55 2.55 16.97
N THR D 190 15.65 3.25 17.67
CA THR D 190 15.63 3.49 19.14
C THR D 190 16.37 2.39 19.92
N SER D 191 16.02 1.14 19.67
CA SER D 191 16.48 -0.07 20.41
C SER D 191 17.99 -0.03 20.68
N GLN D 192 18.80 0.30 19.66
CA GLN D 192 20.26 0.00 19.62
C GLN D 192 21.09 1.29 19.44
N VAL D 193 20.48 2.47 19.54
CA VAL D 193 21.12 3.82 19.40
C VAL D 193 22.55 3.81 19.95
N ASP D 194 22.75 3.22 21.12
CA ASP D 194 24.04 3.26 21.86
C ASP D 194 25.02 2.26 21.23
N VAL D 195 24.58 1.08 20.79
CA VAL D 195 25.44 0.07 20.13
C VAL D 195 25.84 0.62 18.76
N LEU D 196 24.90 1.31 18.11
CA LEU D 196 25.12 2.14 16.89
C LEU D 196 26.18 3.19 17.20
N LYS D 197 25.96 3.99 18.25
CA LYS D 197 26.91 5.04 18.70
C LYS D 197 28.32 4.43 18.74
N LYS D 198 28.54 3.43 19.60
CA LYS D 198 29.88 2.83 19.86
C LYS D 198 30.37 2.06 18.63
N LEU D 199 29.48 1.44 17.84
CA LEU D 199 29.87 0.82 16.54
C LEU D 199 30.42 1.90 15.61
N GLY D 200 29.70 3.01 15.50
CA GLY D 200 30.04 4.17 14.66
C GLY D 200 31.42 4.70 14.98
N ILE D 201 31.62 5.21 16.20
CA ILE D 201 32.89 5.90 16.61
C ILE D 201 34.09 4.95 16.55
N GLU D 202 33.87 3.63 16.68
CA GLU D 202 34.97 2.63 16.59
C GLU D 202 35.42 2.51 15.13
N ILE D 203 34.45 2.46 14.20
CA ILE D 203 34.69 2.42 12.73
C ILE D 203 35.40 3.73 12.33
N ARG D 204 34.74 4.88 12.49
CA ARG D 204 35.25 6.26 12.24
C ARG D 204 36.74 6.37 12.58
N ASP D 205 37.09 5.98 13.82
CA ASP D 205 38.48 5.99 14.33
C ASP D 205 39.32 5.07 13.44
N LEU D 206 39.10 3.75 13.51
CA LEU D 206 39.97 2.71 12.87
C LEU D 206 39.92 2.86 11.34
N ILE D 207 38.91 3.56 10.81
CA ILE D 207 38.91 4.04 9.39
C ILE D 207 39.89 5.20 9.29
N ASN D 208 39.81 6.19 10.18
CA ASN D 208 40.68 7.39 10.17
C ASN D 208 42.17 6.99 10.32
N GLU D 209 42.45 5.85 10.96
CA GLU D 209 43.83 5.41 11.24
C GLU D 209 44.48 4.95 9.91
N LYS D 210 43.82 4.06 9.16
CA LYS D 210 44.45 3.30 8.03
C LYS D 210 43.70 3.55 6.71
N ILE D 211 43.65 4.81 6.25
CA ILE D 211 43.01 5.18 4.96
C ILE D 211 43.73 6.38 4.32
N LYS D 212 43.27 6.76 3.14
CA LYS D 212 43.63 8.02 2.43
C LYS D 212 42.40 8.94 2.47
N VAL D 213 42.44 9.94 3.36
CA VAL D 213 41.38 10.98 3.50
C VAL D 213 41.97 12.31 2.98
N GLN D 214 41.36 12.89 1.95
CA GLN D 214 41.90 14.08 1.24
C GLN D 214 40.83 14.69 0.33
N HIS D 215 40.62 15.99 0.45
CA HIS D 215 39.94 16.84 -0.57
C HIS D 215 41.03 17.34 -1.52
N PRO D 216 40.84 17.25 -2.86
CA PRO D 216 41.85 17.70 -3.82
C PRO D 216 42.09 19.23 -3.76
N GLU D 217 41.11 19.97 -3.26
CA GLU D 217 41.11 21.45 -3.12
C GLU D 217 41.21 21.77 -1.62
N LEU D 218 40.95 23.03 -1.23
CA LEU D 218 40.88 23.55 0.17
C LEU D 218 42.00 23.00 1.07
N GLU D 219 42.35 21.72 0.95
CA GLU D 219 43.66 21.13 1.39
C GLU D 219 43.85 21.15 2.92
N HIS D 220 42.77 21.22 3.71
CA HIS D 220 42.84 21.27 5.20
C HIS D 220 42.08 20.10 5.83
N ILE D 221 40.98 19.65 5.21
CA ILE D 221 40.02 18.69 5.83
C ILE D 221 40.75 17.36 6.14
N LYS D 222 41.11 16.57 5.12
CA LYS D 222 41.77 15.25 5.21
C LYS D 222 41.35 14.43 6.45
N THR D 223 40.04 14.17 6.64
CA THR D 223 39.49 13.37 7.80
C THR D 223 38.10 12.79 7.48
N VAL D 224 37.79 11.61 8.05
CA VAL D 224 36.43 10.98 8.00
C VAL D 224 35.76 11.20 9.35
N ASP D 225 35.12 12.37 9.54
CA ASP D 225 34.63 12.86 10.86
C ASP D 225 33.24 12.31 11.17
N LEU D 226 32.69 11.54 10.22
CA LEU D 226 31.24 11.17 10.15
C LEU D 226 31.10 9.68 9.76
N VAL D 227 30.11 9.00 10.33
CA VAL D 227 29.71 7.61 9.96
C VAL D 227 28.19 7.60 9.76
N GLU D 228 27.75 7.24 8.55
CA GLU D 228 26.33 7.14 8.14
C GLU D 228 26.01 5.66 7.97
N ILE D 229 25.11 5.12 8.81
CA ILE D 229 24.57 3.75 8.61
C ILE D 229 23.12 3.92 8.14
N TYR D 230 22.72 3.14 7.14
CA TYR D 230 21.41 3.29 6.44
C TYR D 230 20.81 1.94 6.08
N ASP D 231 19.49 1.90 5.97
CA ASP D 231 18.71 0.66 5.64
C ASP D 231 17.32 1.08 5.17
N GLU D 232 16.56 0.12 4.62
CA GLU D 232 15.17 0.28 4.11
C GLU D 232 14.28 0.94 5.16
N PRO D 233 13.55 2.02 4.79
CA PRO D 233 12.81 2.82 5.76
C PRO D 233 11.52 2.13 6.20
N SER D 234 11.26 2.14 7.50
CA SER D 234 9.94 1.85 8.13
C SER D 234 9.17 3.17 8.32
N ASN D 235 9.32 4.08 7.35
CA ASN D 235 8.36 5.18 7.04
C ASN D 235 8.02 5.09 5.56
N PRO D 236 6.73 5.20 5.17
CA PRO D 236 6.32 5.00 3.79
C PRO D 236 7.14 5.91 2.85
N GLU D 237 7.07 7.24 3.08
CA GLU D 237 7.90 8.26 2.38
C GLU D 237 9.37 8.04 2.80
N ALA D 238 10.31 8.67 2.10
CA ALA D 238 11.76 8.52 2.31
C ALA D 238 12.24 7.22 1.66
N THR D 239 13.42 7.26 1.03
CA THR D 239 14.05 6.17 0.23
C THR D 239 14.88 5.27 1.13
N TYR D 240 15.31 5.79 2.28
CA TYR D 240 16.13 5.07 3.28
C TYR D 240 15.93 5.70 4.67
N LYS D 241 16.26 4.95 5.71
CA LYS D 241 16.63 5.45 7.06
C LYS D 241 18.16 5.50 7.16
N ASN D 242 18.73 6.63 7.59
CA ASN D 242 20.15 6.70 8.05
C ASN D 242 20.19 7.24 9.47
N VAL D 243 21.27 6.88 10.17
CA VAL D 243 21.68 7.50 11.46
C VAL D 243 23.15 7.88 11.27
N VAL D 244 23.55 9.00 11.87
CA VAL D 244 24.87 9.64 11.66
C VAL D 244 25.55 9.80 13.02
N ILE D 245 26.75 9.24 13.15
CA ILE D 245 27.59 9.25 14.39
C ILE D 245 28.82 10.11 14.16
N PHE D 246 29.14 10.99 15.11
CA PHE D 246 30.20 12.02 14.94
C PHE D 246 30.64 12.57 16.29
N GLY D 247 31.66 13.43 16.26
CA GLY D 247 32.13 14.27 17.39
C GLY D 247 32.06 13.56 18.73
N GLN D 248 33.11 12.80 19.10
CA GLN D 248 33.33 12.27 20.47
C GLN D 248 32.18 11.33 20.86
N GLY D 249 31.58 10.60 19.91
CA GLY D 249 30.48 9.63 20.16
C GLY D 249 29.12 10.24 20.44
N GLN D 250 28.62 11.12 19.56
CA GLN D 250 27.23 11.64 19.62
C GLN D 250 26.50 11.16 18.37
N VAL D 251 25.18 11.38 18.32
CA VAL D 251 24.25 10.84 17.26
C VAL D 251 23.27 11.95 16.85
N ASP D 252 22.96 12.01 15.55
CA ASP D 252 22.23 13.12 14.88
C ASP D 252 20.75 12.78 14.74
N ARG D 253 19.88 13.53 15.43
CA ARG D 253 18.42 13.27 15.50
C ARG D 253 17.74 13.58 14.16
N SER D 254 18.38 14.38 13.32
CA SER D 254 17.98 14.64 11.92
C SER D 254 18.72 13.68 11.00
N PRO D 255 18.29 13.51 9.73
CA PRO D 255 19.02 12.70 8.77
C PRO D 255 20.46 13.19 8.46
N CYS D 256 20.77 14.46 8.79
CA CYS D 256 22.13 15.05 8.97
C CYS D 256 22.44 16.24 8.04
N GLY D 257 21.81 16.30 6.87
CA GLY D 257 22.08 17.34 5.84
C GLY D 257 23.33 16.98 5.05
N THR D 258 24.49 17.36 5.56
CA THR D 258 25.81 17.02 4.96
C THR D 258 25.84 15.51 4.64
N GLY D 259 25.20 14.69 5.47
CA GLY D 259 25.14 13.22 5.32
C GLY D 259 24.30 12.82 4.14
N THR D 260 23.18 13.53 3.94
CA THR D 260 22.25 13.34 2.79
C THR D 260 22.93 13.85 1.50
N SER D 261 23.48 15.06 1.53
CA SER D 261 24.21 15.67 0.39
C SER D 261 25.34 14.73 -0.06
N ALA D 262 26.08 14.17 0.91
CA ALA D 262 27.10 13.14 0.69
C ALA D 262 26.45 11.97 -0.06
N LYS D 263 25.52 11.28 0.61
CA LYS D 263 24.84 10.04 0.12
C LYS D 263 24.28 10.23 -1.30
N LEU D 264 23.76 11.42 -1.63
CA LEU D 264 23.17 11.74 -2.95
C LEU D 264 24.21 11.55 -4.05
N ALA D 265 25.38 12.15 -3.86
CA ALA D 265 26.53 12.00 -4.76
C ALA D 265 26.76 10.50 -5.04
N THR D 266 26.64 9.64 -4.02
CA THR D 266 27.03 8.19 -4.05
C THR D 266 25.84 7.28 -4.33
N LEU D 267 24.65 7.85 -4.53
CA LEU D 267 23.69 7.39 -5.57
C LEU D 267 24.19 8.05 -6.86
N TYR D 268 23.31 8.35 -7.82
CA TYR D 268 23.70 9.19 -8.98
C TYR D 268 24.90 8.53 -9.66
N LYS D 269 26.12 8.77 -9.16
CA LYS D 269 27.31 7.94 -9.49
C LYS D 269 27.07 6.52 -8.95
N LYS D 270 26.14 5.80 -9.59
CA LYS D 270 25.49 4.54 -9.11
C LYS D 270 24.30 4.25 -10.02
N GLY D 271 23.61 5.30 -10.46
CA GLY D 271 22.61 5.29 -11.55
C GLY D 271 21.18 5.39 -11.03
N HIS D 272 20.99 5.23 -9.72
CA HIS D 272 19.67 5.09 -9.04
C HIS D 272 19.05 6.47 -8.76
N LEU D 273 19.58 7.54 -9.37
CA LEU D 273 19.10 8.94 -9.20
C LEU D 273 19.44 9.72 -10.49
N LYS D 274 18.52 10.57 -10.96
CA LYS D 274 18.72 11.50 -12.10
C LYS D 274 18.58 12.93 -11.61
N ILE D 275 19.37 13.88 -12.15
CA ILE D 275 19.37 15.30 -11.72
C ILE D 275 17.93 15.71 -11.46
N ASP D 276 17.71 16.46 -10.38
CA ASP D 276 16.40 16.60 -9.69
C ASP D 276 16.03 15.22 -9.14
N GLU D 277 14.81 14.74 -9.37
CA GLU D 277 14.26 13.48 -8.80
C GLU D 277 14.33 13.52 -7.26
N LYS D 278 13.19 13.80 -6.62
CA LYS D 278 13.06 13.87 -5.14
C LYS D 278 13.77 12.68 -4.47
N PHE D 279 14.81 12.98 -3.69
CA PHE D 279 15.29 12.12 -2.57
C PHE D 279 14.71 12.66 -1.26
N VAL D 280 14.24 11.75 -0.43
CA VAL D 280 13.83 12.05 0.96
C VAL D 280 14.59 11.08 1.86
N TYR D 281 15.27 11.61 2.88
CA TYR D 281 16.06 10.81 3.85
C TYR D 281 15.36 10.80 5.20
N GLU D 282 15.09 9.61 5.71
CA GLU D 282 14.61 9.37 7.09
C GLU D 282 15.81 9.33 8.05
N SER D 283 15.64 9.95 9.23
CA SER D 283 16.61 10.00 10.35
C SER D 283 16.59 8.68 11.13
N ILE D 284 17.03 8.70 12.39
CA ILE D 284 16.91 7.55 13.34
C ILE D 284 15.71 7.83 14.27
N THR D 285 15.32 9.10 14.43
CA THR D 285 13.96 9.48 14.88
C THR D 285 13.04 9.31 13.67
N GLY D 286 11.75 9.63 13.81
CA GLY D 286 10.79 9.49 12.70
C GLY D 286 10.79 10.67 11.74
N THR D 287 11.88 11.48 11.69
CA THR D 287 11.94 12.78 10.96
C THR D 287 12.68 12.64 9.62
N MET D 288 12.40 13.54 8.68
CA MET D 288 12.80 13.40 7.25
C MET D 288 13.33 14.74 6.70
N PHE D 289 14.28 14.66 5.77
CA PHE D 289 14.80 15.78 4.95
C PHE D 289 14.42 15.55 3.48
N LYS D 290 14.22 16.62 2.71
CA LYS D 290 13.90 16.55 1.26
C LYS D 290 15.17 16.95 0.49
N GLY D 291 15.98 15.98 0.12
CA GLY D 291 17.22 16.20 -0.67
C GLY D 291 16.97 15.97 -2.16
N ARG D 292 17.87 16.48 -3.01
CA ARG D 292 17.87 16.20 -4.48
C ARG D 292 19.12 16.79 -5.13
N VAL D 293 19.60 16.15 -6.19
CA VAL D 293 20.85 16.55 -6.92
C VAL D 293 20.50 17.73 -7.81
N LEU D 294 21.38 18.73 -7.88
CA LEU D 294 21.09 20.01 -8.60
C LEU D 294 21.83 20.01 -9.96
N GLU D 295 23.12 19.66 -9.97
CA GLU D 295 23.99 19.87 -11.16
C GLU D 295 25.27 19.04 -11.00
N GLU D 296 25.93 18.71 -12.11
CA GLU D 296 27.19 17.93 -12.14
C GLU D 296 28.39 18.85 -11.91
N THR D 297 29.54 18.30 -11.51
CA THR D 297 30.82 19.02 -11.31
C THR D 297 31.87 17.98 -10.96
N LYS D 298 33.02 17.98 -11.64
CA LYS D 298 34.16 17.10 -11.27
C LYS D 298 35.13 17.91 -10.38
N VAL D 299 35.09 17.65 -9.07
CA VAL D 299 35.94 18.37 -8.05
C VAL D 299 37.40 18.05 -8.35
N GLY D 300 38.24 19.10 -8.48
CA GLY D 300 39.68 19.01 -8.72
C GLY D 300 40.04 17.86 -9.64
N GLU D 301 40.17 16.65 -9.08
CA GLU D 301 40.75 15.45 -9.74
C GLU D 301 39.63 14.54 -10.29
N PHE D 302 38.54 14.35 -9.54
CA PHE D 302 37.50 13.31 -9.81
C PHE D 302 36.11 13.94 -9.95
N ASP D 303 35.19 13.20 -10.58
CA ASP D 303 33.78 13.62 -10.88
C ASP D 303 33.02 13.86 -9.57
N ALA D 304 31.96 14.67 -9.62
CA ALA D 304 31.16 15.07 -8.44
C ALA D 304 29.79 15.64 -8.86
N ILE D 305 29.20 16.44 -7.98
CA ILE D 305 27.79 16.90 -8.02
C ILE D 305 27.67 18.03 -7.00
N ILE D 306 26.68 18.92 -7.16
CA ILE D 306 26.28 19.90 -6.10
C ILE D 306 24.82 19.66 -5.75
N PRO D 307 24.54 19.21 -4.49
CA PRO D 307 23.19 18.87 -4.06
C PRO D 307 22.49 20.01 -3.31
N GLU D 308 21.17 19.90 -3.21
CA GLU D 308 20.30 20.82 -2.42
C GLU D 308 19.63 19.99 -1.32
N ILE D 309 19.69 20.49 -0.08
CA ILE D 309 19.01 19.85 1.07
C ILE D 309 17.93 20.79 1.58
N THR D 310 16.75 20.24 1.86
CA THR D 310 15.53 21.00 2.26
C THR D 310 14.94 20.41 3.54
N GLY D 311 14.82 21.26 4.57
CA GLY D 311 14.31 20.90 5.91
C GLY D 311 13.45 22.00 6.53
N GLY D 312 13.79 22.46 7.74
CA GLY D 312 13.04 23.49 8.49
C GLY D 312 13.23 23.41 10.00
N ALA D 313 13.58 24.52 10.64
CA ALA D 313 13.91 24.61 12.08
C ALA D 313 12.83 25.39 12.84
N TYR D 314 12.85 25.27 14.18
CA TYR D 314 11.89 25.91 15.12
C TYR D 314 12.63 26.45 16.33
N ILE D 315 12.21 27.61 16.82
CA ILE D 315 12.78 28.27 18.04
C ILE D 315 12.17 27.58 19.27
N THR D 316 13.01 27.30 20.25
CA THR D 316 12.72 26.43 21.41
C THR D 316 13.17 27.11 22.70
N GLY D 317 13.37 28.44 22.69
CA GLY D 317 13.91 29.16 23.85
C GLY D 317 14.98 30.22 23.54
N PHE D 318 15.03 31.20 24.45
CA PHE D 318 16.03 32.28 24.52
C PHE D 318 16.78 32.11 25.84
N ASN D 319 18.09 32.30 25.79
CA ASN D 319 19.01 32.07 26.93
C ASN D 319 19.90 33.27 27.15
N HIS D 320 19.88 33.80 28.38
CA HIS D 320 21.00 34.56 28.98
C HIS D 320 21.72 33.53 29.88
N PHE D 321 22.43 32.59 29.24
CA PHE D 321 23.49 31.76 29.86
C PHE D 321 24.42 32.67 30.67
N VAL D 322 24.79 32.25 31.86
CA VAL D 322 25.72 32.99 32.77
C VAL D 322 26.65 31.96 33.40
N ILE D 323 27.83 32.40 33.85
CA ILE D 323 28.82 31.52 34.55
C ILE D 323 29.19 32.12 35.92
N ASP D 324 28.62 31.57 37.01
CA ASP D 324 29.06 31.90 38.38
C ASP D 324 30.52 31.48 38.39
N PRO D 325 31.48 32.39 38.68
CA PRO D 325 32.90 32.06 38.64
C PRO D 325 33.29 31.07 39.75
N GLU D 326 32.35 30.80 40.66
CA GLU D 326 32.47 29.84 41.80
C GLU D 326 32.07 28.43 41.32
N ASP D 327 31.14 28.34 40.34
CA ASP D 327 30.72 27.10 39.64
C ASP D 327 31.96 26.36 39.16
N PRO D 328 32.48 25.35 39.91
CA PRO D 328 33.71 24.66 39.51
C PRO D 328 33.60 24.03 38.11
N LEU D 329 32.39 23.74 37.65
CA LEU D 329 32.10 23.17 36.30
C LEU D 329 31.76 24.31 35.34
N LYS D 330 32.22 25.53 35.64
CA LYS D 330 31.84 26.74 34.88
C LYS D 330 32.04 26.44 33.38
N TYR D 331 33.11 25.74 33.03
CA TYR D 331 33.47 25.44 31.62
C TYR D 331 32.98 24.04 31.24
N GLY D 332 32.26 23.37 32.14
CA GLY D 332 31.45 22.19 31.82
C GLY D 332 32.29 20.92 31.74
N PHE D 333 31.63 19.75 31.62
CA PHE D 333 32.22 18.38 31.74
C PHE D 333 31.49 17.40 30.82
N THR D 334 31.98 16.17 30.70
CA THR D 334 31.58 15.20 29.63
C THR D 334 30.85 13.97 30.19
N VAL D 335 31.58 13.11 30.91
CA VAL D 335 31.29 11.66 31.14
C VAL D 335 32.18 10.89 30.15
#